data_3A0E
# 
_entry.id   3A0E 
# 
_audit_conform.dict_name       mmcif_pdbx.dic 
_audit_conform.dict_version    5.398 
_audit_conform.dict_location   http://mmcif.pdb.org/dictionaries/ascii/mmcif_pdbx.dic 
# 
loop_
_database_2.database_id 
_database_2.database_code 
_database_2.pdbx_database_accession 
_database_2.pdbx_DOI 
PDB   3A0E         pdb_00003a0e 10.2210/pdb3a0e/pdb 
RCSB  RCSB028653   ?            ?                   
WWPDB D_1000028653 ?            ?                   
# 
loop_
_pdbx_audit_revision_history.ordinal 
_pdbx_audit_revision_history.data_content_type 
_pdbx_audit_revision_history.major_revision 
_pdbx_audit_revision_history.minor_revision 
_pdbx_audit_revision_history.revision_date 
1 'Structure model' 1 0 2010-03-16 
2 'Structure model' 1 1 2011-07-13 
3 'Structure model' 1 2 2012-03-21 
4 'Structure model' 1 3 2017-10-04 
5 'Structure model' 2 0 2020-07-29 
6 'Structure model' 2 1 2023-11-01 
7 'Structure model' 2 2 2024-11-13 
# 
loop_
_pdbx_audit_revision_details.ordinal 
_pdbx_audit_revision_details.revision_ordinal 
_pdbx_audit_revision_details.data_content_type 
_pdbx_audit_revision_details.provider 
_pdbx_audit_revision_details.type 
_pdbx_audit_revision_details.description 
_pdbx_audit_revision_details.details 
1 1 'Structure model' repository 'Initial release' ?                          ? 
2 5 'Structure model' repository Remediation       'Carbohydrate remediation' ? 
# 
loop_
_pdbx_audit_revision_group.ordinal 
_pdbx_audit_revision_group.revision_ordinal 
_pdbx_audit_revision_group.data_content_type 
_pdbx_audit_revision_group.group 
1  2 'Structure model' 'Version format compliance' 
2  3 'Structure model' 'Database references'       
3  4 'Structure model' 'Data collection'           
4  5 'Structure model' 'Atomic model'              
5  5 'Structure model' 'Data collection'           
6  5 'Structure model' 'Derived calculations'      
7  5 'Structure model' 'Non-polymer description'   
8  5 'Structure model' 'Structure summary'         
9  6 'Structure model' 'Data collection'           
10 6 'Structure model' 'Database references'       
11 6 'Structure model' 'Refinement description'    
12 6 'Structure model' 'Structure summary'         
13 7 'Structure model' 'Structure summary'         
# 
loop_
_pdbx_audit_revision_category.ordinal 
_pdbx_audit_revision_category.revision_ordinal 
_pdbx_audit_revision_category.data_content_type 
_pdbx_audit_revision_category.category 
1  4 'Structure model' diffrn_detector               
2  5 'Structure model' atom_site                     
3  5 'Structure model' chem_comp                     
4  5 'Structure model' entity                        
5  5 'Structure model' entity_name_com               
6  5 'Structure model' pdbx_branch_scheme            
7  5 'Structure model' pdbx_chem_comp_identifier     
8  5 'Structure model' pdbx_entity_branch            
9  5 'Structure model' pdbx_entity_branch_descriptor 
10 5 'Structure model' pdbx_entity_branch_link       
11 5 'Structure model' pdbx_entity_branch_list       
12 5 'Structure model' pdbx_entity_nonpoly           
13 5 'Structure model' pdbx_molecule_features        
14 5 'Structure model' pdbx_nonpoly_scheme           
15 5 'Structure model' struct_conn                   
16 5 'Structure model' struct_conn_type              
17 5 'Structure model' struct_site                   
18 5 'Structure model' struct_site_gen               
19 6 'Structure model' chem_comp                     
20 6 'Structure model' chem_comp_atom                
21 6 'Structure model' chem_comp_bond                
22 6 'Structure model' database_2                    
23 6 'Structure model' pdbx_initial_refinement_model 
24 7 'Structure model' pdbx_entry_details            
25 7 'Structure model' pdbx_modification_feature     
# 
loop_
_pdbx_audit_revision_item.ordinal 
_pdbx_audit_revision_item.revision_ordinal 
_pdbx_audit_revision_item.data_content_type 
_pdbx_audit_revision_item.item 
1  4 'Structure model' '_diffrn_detector.detector'                    
2  5 'Structure model' '_atom_site.B_iso_or_equiv'                    
3  5 'Structure model' '_atom_site.Cartn_x'                           
4  5 'Structure model' '_atom_site.Cartn_y'                           
5  5 'Structure model' '_atom_site.Cartn_z'                           
6  5 'Structure model' '_atom_site.auth_asym_id'                      
7  5 'Structure model' '_atom_site.auth_atom_id'                      
8  5 'Structure model' '_atom_site.auth_comp_id'                      
9  5 'Structure model' '_atom_site.auth_seq_id'                       
10 5 'Structure model' '_atom_site.label_atom_id'                     
11 5 'Structure model' '_atom_site.label_comp_id'                     
12 5 'Structure model' '_atom_site.type_symbol'                       
13 5 'Structure model' '_chem_comp.formula'                           
14 5 'Structure model' '_chem_comp.formula_weight'                    
15 5 'Structure model' '_chem_comp.id'                                
16 5 'Structure model' '_chem_comp.name'                              
17 5 'Structure model' '_chem_comp.type'                              
18 5 'Structure model' '_entity.formula_weight'                       
19 5 'Structure model' '_entity.pdbx_description'                     
20 5 'Structure model' '_entity.type'                                 
21 6 'Structure model' '_chem_comp.pdbx_synonyms'                     
22 6 'Structure model' '_database_2.pdbx_DOI'                         
23 6 'Structure model' '_database_2.pdbx_database_accession'          
24 7 'Structure model' '_pdbx_entry_details.has_protein_modification' 
# 
_pdbx_database_status.status_code                     REL 
_pdbx_database_status.entry_id                        3A0E 
_pdbx_database_status.recvd_initial_deposition_date   2009-03-16 
_pdbx_database_status.deposit_site                    PDBJ 
_pdbx_database_status.process_site                    PDBJ 
_pdbx_database_status.status_code_sf                  REL 
_pdbx_database_status.status_code_mr                  ? 
_pdbx_database_status.SG_entry                        ? 
_pdbx_database_status.status_code_cs                  ? 
_pdbx_database_status.pdb_format_compatible           Y 
_pdbx_database_status.methods_development_category    ? 
_pdbx_database_status.status_code_nmr_data            ? 
# 
loop_
_pdbx_database_related.db_name 
_pdbx_database_related.db_id 
_pdbx_database_related.details 
_pdbx_database_related.content_type 
PDB 3A0C 'Crystal Structure of an anti-HIV mannose-binding lectin from Polygonatum cyrtonema Hua' unspecified 
PDB 3A0D 'Crystal Structure of Polygonatum cyrtonema lectin (PCL) complexed with monomannoside'   unspecified 
# 
loop_
_audit_author.name 
_audit_author.pdbx_ordinal 
'Ding, J.'   1 
'Wang, D.C.' 2 
# 
_citation.id                        primary 
_citation.title                     
;Crystal structures of a novel anti-HIV mannose-binding lectin from Polygonatum cyrtonema Hua with unique ligand-binding property and super-structure
;
_citation.journal_abbrev            J.Struct.Biol. 
_citation.journal_volume            171 
_citation.page_first                309 
_citation.page_last                 317 
_citation.year                      2010 
_citation.journal_id_ASTM           JSBIEM 
_citation.country                   US 
_citation.journal_id_ISSN           1047-8477 
_citation.journal_id_CSD            0803 
_citation.book_publisher            ? 
_citation.pdbx_database_id_PubMed   20546901 
_citation.pdbx_database_id_DOI      10.1016/j.jsb.2010.05.009 
# 
loop_
_citation_author.citation_id 
_citation_author.name 
_citation_author.ordinal 
_citation_author.identifier_ORCID 
primary 'Ding, J.'   1 ? 
primary 'Bao, J.'    2 ? 
primary 'Zhu, D.'    3 ? 
primary 'Zhang, Y.'  4 ? 
primary 'Wang, D.C.' 5 ? 
# 
loop_
_entity.id 
_entity.type 
_entity.src_method 
_entity.pdbx_description 
_entity.formula_weight 
_entity.pdbx_number_of_molecules 
_entity.pdbx_ec 
_entity.pdbx_mutation 
_entity.pdbx_fragment 
_entity.details 
1 polymer     nat 'Mannose/sialic acid-binding lectin'                11962.332 1   ? ? 'UNP residues 29-138' ? 
2 branched    man 'alpha-D-mannopyranose-(1-3)-alpha-D-mannopyranose' 342.297   1   ? ? ?                     ? 
3 non-polymer syn 'SULFATE ION'                                       96.063    5   ? ? ?                     ? 
4 water       nat water                                               18.015    136 ? ? ?                     ? 
# 
_entity_name_com.entity_id   2 
_entity_name_com.name        3alpha-alpha-mannobiose 
# 
_entity_poly.entity_id                      1 
_entity_poly.type                           'polypeptide(L)' 
_entity_poly.nstd_linkage                   no 
_entity_poly.nstd_monomer                   no 
_entity_poly.pdbx_seq_one_letter_code       
;VNSLSSPNSLFTGHSLEVGPSYRLIMQGDCNFVLYDSGKPVWASNTGGLGSGCRLTLHNNGNLVIYDQSNRVIWQTKTNG
KEDHYVLVLQQDRNVVIYGPVVWATGSGPA
;
_entity_poly.pdbx_seq_one_letter_code_can   
;VNSLSSPNSLFTGHSLEVGPSYRLIMQGDCNFVLYDSGKPVWASNTGGLGSGCRLTLHNNGNLVIYDQSNRVIWQTKTNG
KEDHYVLVLQQDRNVVIYGPVVWATGSGPA
;
_entity_poly.pdbx_strand_id                 A 
_entity_poly.pdbx_target_identifier         ? 
# 
loop_
_pdbx_entity_nonpoly.entity_id 
_pdbx_entity_nonpoly.name 
_pdbx_entity_nonpoly.comp_id 
3 'SULFATE ION' SO4 
4 water         HOH 
# 
loop_
_entity_poly_seq.entity_id 
_entity_poly_seq.num 
_entity_poly_seq.mon_id 
_entity_poly_seq.hetero 
1 1   VAL n 
1 2   ASN n 
1 3   SER n 
1 4   LEU n 
1 5   SER n 
1 6   SER n 
1 7   PRO n 
1 8   ASN n 
1 9   SER n 
1 10  LEU n 
1 11  PHE n 
1 12  THR n 
1 13  GLY n 
1 14  HIS n 
1 15  SER n 
1 16  LEU n 
1 17  GLU n 
1 18  VAL n 
1 19  GLY n 
1 20  PRO n 
1 21  SER n 
1 22  TYR n 
1 23  ARG n 
1 24  LEU n 
1 25  ILE n 
1 26  MET n 
1 27  GLN n 
1 28  GLY n 
1 29  ASP n 
1 30  CYS n 
1 31  ASN n 
1 32  PHE n 
1 33  VAL n 
1 34  LEU n 
1 35  TYR n 
1 36  ASP n 
1 37  SER n 
1 38  GLY n 
1 39  LYS n 
1 40  PRO n 
1 41  VAL n 
1 42  TRP n 
1 43  ALA n 
1 44  SER n 
1 45  ASN n 
1 46  THR n 
1 47  GLY n 
1 48  GLY n 
1 49  LEU n 
1 50  GLY n 
1 51  SER n 
1 52  GLY n 
1 53  CYS n 
1 54  ARG n 
1 55  LEU n 
1 56  THR n 
1 57  LEU n 
1 58  HIS n 
1 59  ASN n 
1 60  ASN n 
1 61  GLY n 
1 62  ASN n 
1 63  LEU n 
1 64  VAL n 
1 65  ILE n 
1 66  TYR n 
1 67  ASP n 
1 68  GLN n 
1 69  SER n 
1 70  ASN n 
1 71  ARG n 
1 72  VAL n 
1 73  ILE n 
1 74  TRP n 
1 75  GLN n 
1 76  THR n 
1 77  LYS n 
1 78  THR n 
1 79  ASN n 
1 80  GLY n 
1 81  LYS n 
1 82  GLU n 
1 83  ASP n 
1 84  HIS n 
1 85  TYR n 
1 86  VAL n 
1 87  LEU n 
1 88  VAL n 
1 89  LEU n 
1 90  GLN n 
1 91  GLN n 
1 92  ASP n 
1 93  ARG n 
1 94  ASN n 
1 95  VAL n 
1 96  VAL n 
1 97  ILE n 
1 98  TYR n 
1 99  GLY n 
1 100 PRO n 
1 101 VAL n 
1 102 VAL n 
1 103 TRP n 
1 104 ALA n 
1 105 THR n 
1 106 GLY n 
1 107 SER n 
1 108 GLY n 
1 109 PRO n 
1 110 ALA n 
# 
_entity_src_nat.entity_id                  1 
_entity_src_nat.pdbx_src_id                1 
_entity_src_nat.pdbx_alt_source_flag       sample 
_entity_src_nat.pdbx_beg_seq_num           ? 
_entity_src_nat.pdbx_end_seq_num           ? 
_entity_src_nat.common_name                ? 
_entity_src_nat.pdbx_organism_scientific   'Polygonatum cyrtonema' 
_entity_src_nat.pdbx_ncbi_taxonomy_id      195526 
_entity_src_nat.genus                      ? 
_entity_src_nat.species                    ? 
_entity_src_nat.strain                     HUA 
_entity_src_nat.tissue                     ? 
_entity_src_nat.tissue_fraction            ? 
_entity_src_nat.pdbx_secretion             ? 
_entity_src_nat.pdbx_fragment              ? 
_entity_src_nat.pdbx_variant               ? 
_entity_src_nat.pdbx_cell_line             ? 
_entity_src_nat.pdbx_atcc                  ? 
_entity_src_nat.pdbx_cellular_location     ? 
_entity_src_nat.pdbx_organ                 ? 
_entity_src_nat.pdbx_organelle             ? 
_entity_src_nat.pdbx_cell                  ? 
_entity_src_nat.pdbx_plasmid_name          ? 
_entity_src_nat.pdbx_plasmid_details       ? 
_entity_src_nat.details                    ? 
# 
_pdbx_entity_branch.entity_id   2 
_pdbx_entity_branch.type        oligosaccharide 
# 
loop_
_pdbx_entity_branch_descriptor.ordinal 
_pdbx_entity_branch_descriptor.entity_id 
_pdbx_entity_branch_descriptor.descriptor 
_pdbx_entity_branch_descriptor.type 
_pdbx_entity_branch_descriptor.program 
_pdbx_entity_branch_descriptor.program_version 
1 2 DManpa1-3DManpa1-ROH                        'Glycam Condensed Sequence' GMML       1.0   
2 2 'WURCS=2.0/1,2,1/[a1122h-1a_1-5]/1-1/a3-b1' WURCS                       PDB2Glycan 1.1.0 
3 2 '[][a-D-Manp]{[(3+1)][a-D-Manp]{}}'         LINUCS                      PDB-CARE   ?     
# 
_pdbx_entity_branch_link.link_id                    1 
_pdbx_entity_branch_link.entity_id                  2 
_pdbx_entity_branch_link.entity_branch_list_num_1   2 
_pdbx_entity_branch_link.comp_id_1                  MAN 
_pdbx_entity_branch_link.atom_id_1                  C1 
_pdbx_entity_branch_link.leaving_atom_id_1          O1 
_pdbx_entity_branch_link.entity_branch_list_num_2   1 
_pdbx_entity_branch_link.comp_id_2                  MAN 
_pdbx_entity_branch_link.atom_id_2                  O3 
_pdbx_entity_branch_link.leaving_atom_id_2          HO3 
_pdbx_entity_branch_link.value_order                sing 
_pdbx_entity_branch_link.details                    ? 
# 
loop_
_chem_comp.id 
_chem_comp.type 
_chem_comp.mon_nstd_flag 
_chem_comp.name 
_chem_comp.pdbx_synonyms 
_chem_comp.formula 
_chem_comp.formula_weight 
ALA 'L-peptide linking'           y ALANINE               ?                                     'C3 H7 N O2'     89.093  
ARG 'L-peptide linking'           y ARGININE              ?                                     'C6 H15 N4 O2 1' 175.209 
ASN 'L-peptide linking'           y ASPARAGINE            ?                                     'C4 H8 N2 O3'    132.118 
ASP 'L-peptide linking'           y 'ASPARTIC ACID'       ?                                     'C4 H7 N O4'     133.103 
CYS 'L-peptide linking'           y CYSTEINE              ?                                     'C3 H7 N O2 S'   121.158 
GLN 'L-peptide linking'           y GLUTAMINE             ?                                     'C5 H10 N2 O3'   146.144 
GLU 'L-peptide linking'           y 'GLUTAMIC ACID'       ?                                     'C5 H9 N O4'     147.129 
GLY 'peptide linking'             y GLYCINE               ?                                     'C2 H5 N O2'     75.067  
HIS 'L-peptide linking'           y HISTIDINE             ?                                     'C6 H10 N3 O2 1' 156.162 
HOH non-polymer                   . WATER                 ?                                     'H2 O'           18.015  
ILE 'L-peptide linking'           y ISOLEUCINE            ?                                     'C6 H13 N O2'    131.173 
LEU 'L-peptide linking'           y LEUCINE               ?                                     'C6 H13 N O2'    131.173 
LYS 'L-peptide linking'           y LYSINE                ?                                     'C6 H15 N2 O2 1' 147.195 
MAN 'D-saccharide, alpha linking' . alpha-D-mannopyranose 'alpha-D-mannose; D-mannose; mannose' 'C6 H12 O6'      180.156 
MET 'L-peptide linking'           y METHIONINE            ?                                     'C5 H11 N O2 S'  149.211 
PHE 'L-peptide linking'           y PHENYLALANINE         ?                                     'C9 H11 N O2'    165.189 
PRO 'L-peptide linking'           y PROLINE               ?                                     'C5 H9 N O2'     115.130 
SER 'L-peptide linking'           y SERINE                ?                                     'C3 H7 N O3'     105.093 
SO4 non-polymer                   . 'SULFATE ION'         ?                                     'O4 S -2'        96.063  
THR 'L-peptide linking'           y THREONINE             ?                                     'C4 H9 N O3'     119.119 
TRP 'L-peptide linking'           y TRYPTOPHAN            ?                                     'C11 H12 N2 O2'  204.225 
TYR 'L-peptide linking'           y TYROSINE              ?                                     'C9 H11 N O3'    181.189 
VAL 'L-peptide linking'           y VALINE                ?                                     'C5 H11 N O2'    117.146 
# 
loop_
_pdbx_chem_comp_identifier.comp_id 
_pdbx_chem_comp_identifier.type 
_pdbx_chem_comp_identifier.program 
_pdbx_chem_comp_identifier.program_version 
_pdbx_chem_comp_identifier.identifier 
MAN 'CONDENSED IUPAC CARBOHYDRATE SYMBOL' GMML     1.0 DManpa            
MAN 'COMMON NAME'                         GMML     1.0 a-D-mannopyranose 
MAN 'IUPAC CARBOHYDRATE SYMBOL'           PDB-CARE 1.0 a-D-Manp          
MAN 'SNFG CARBOHYDRATE SYMBOL'            GMML     1.0 Man               
# 
loop_
_pdbx_poly_seq_scheme.asym_id 
_pdbx_poly_seq_scheme.entity_id 
_pdbx_poly_seq_scheme.seq_id 
_pdbx_poly_seq_scheme.mon_id 
_pdbx_poly_seq_scheme.ndb_seq_num 
_pdbx_poly_seq_scheme.pdb_seq_num 
_pdbx_poly_seq_scheme.auth_seq_num 
_pdbx_poly_seq_scheme.pdb_mon_id 
_pdbx_poly_seq_scheme.auth_mon_id 
_pdbx_poly_seq_scheme.pdb_strand_id 
_pdbx_poly_seq_scheme.pdb_ins_code 
_pdbx_poly_seq_scheme.hetero 
A 1 1   VAL 1   1   1   VAL VAL A . n 
A 1 2   ASN 2   2   2   ASN ASN A . n 
A 1 3   SER 3   3   3   SER SER A . n 
A 1 4   LEU 4   4   4   LEU LEU A . n 
A 1 5   SER 5   5   5   SER SER A . n 
A 1 6   SER 6   6   6   SER SER A . n 
A 1 7   PRO 7   7   7   PRO PRO A . n 
A 1 8   ASN 8   8   8   ASN ASN A . n 
A 1 9   SER 9   9   9   SER SER A . n 
A 1 10  LEU 10  10  10  LEU LEU A . n 
A 1 11  PHE 11  11  11  PHE PHE A . n 
A 1 12  THR 12  12  12  THR THR A . n 
A 1 13  GLY 13  13  13  GLY GLY A . n 
A 1 14  HIS 14  14  14  HIS HIS A . n 
A 1 15  SER 15  15  15  SER SER A . n 
A 1 16  LEU 16  16  16  LEU LEU A . n 
A 1 17  GLU 17  17  17  GLU GLU A . n 
A 1 18  VAL 18  18  18  VAL VAL A . n 
A 1 19  GLY 19  19  19  GLY GLY A . n 
A 1 20  PRO 20  20  20  PRO PRO A . n 
A 1 21  SER 21  21  21  SER SER A . n 
A 1 22  TYR 22  22  22  TYR TYR A . n 
A 1 23  ARG 23  23  23  ARG ARG A . n 
A 1 24  LEU 24  24  24  LEU LEU A . n 
A 1 25  ILE 25  25  25  ILE ILE A . n 
A 1 26  MET 26  26  26  MET MET A . n 
A 1 27  GLN 27  27  27  GLN GLN A . n 
A 1 28  GLY 28  28  28  GLY GLY A . n 
A 1 29  ASP 29  29  29  ASP ASP A . n 
A 1 30  CYS 30  30  30  CYS CYS A . n 
A 1 31  ASN 31  31  31  ASN ASN A . n 
A 1 32  PHE 32  32  32  PHE PHE A . n 
A 1 33  VAL 33  33  33  VAL VAL A . n 
A 1 34  LEU 34  34  34  LEU LEU A . n 
A 1 35  TYR 35  35  35  TYR TYR A . n 
A 1 36  ASP 36  36  36  ASP ASP A . n 
A 1 37  SER 37  37  37  SER SER A . n 
A 1 38  GLY 38  38  38  GLY GLY A . n 
A 1 39  LYS 39  39  39  LYS LYS A . n 
A 1 40  PRO 40  40  40  PRO PRO A . n 
A 1 41  VAL 41  41  41  VAL VAL A . n 
A 1 42  TRP 42  42  42  TRP TRP A . n 
A 1 43  ALA 43  43  43  ALA ALA A . n 
A 1 44  SER 44  44  44  SER SER A . n 
A 1 45  ASN 45  45  45  ASN ASN A . n 
A 1 46  THR 46  46  46  THR THR A . n 
A 1 47  GLY 47  47  47  GLY GLY A . n 
A 1 48  GLY 48  48  48  GLY GLY A . n 
A 1 49  LEU 49  49  49  LEU LEU A . n 
A 1 50  GLY 50  50  50  GLY GLY A . n 
A 1 51  SER 51  51  51  SER SER A . n 
A 1 52  GLY 52  52  52  GLY GLY A . n 
A 1 53  CYS 53  53  53  CYS CYS A . n 
A 1 54  ARG 54  54  54  ARG ARG A . n 
A 1 55  LEU 55  55  55  LEU LEU A . n 
A 1 56  THR 56  56  56  THR THR A . n 
A 1 57  LEU 57  57  57  LEU LEU A . n 
A 1 58  HIS 58  58  58  HIS HIS A . n 
A 1 59  ASN 59  59  59  ASN ASN A . n 
A 1 60  ASN 60  60  60  ASN ASN A . n 
A 1 61  GLY 61  61  61  GLY GLY A . n 
A 1 62  ASN 62  62  62  ASN ASN A . n 
A 1 63  LEU 63  63  63  LEU LEU A . n 
A 1 64  VAL 64  64  64  VAL VAL A . n 
A 1 65  ILE 65  65  65  ILE ILE A . n 
A 1 66  TYR 66  66  66  TYR TYR A . n 
A 1 67  ASP 67  67  67  ASP ASP A . n 
A 1 68  GLN 68  68  68  GLN GLN A . n 
A 1 69  SER 69  69  69  SER SER A . n 
A 1 70  ASN 70  70  70  ASN ASN A . n 
A 1 71  ARG 71  71  71  ARG ARG A . n 
A 1 72  VAL 72  72  72  VAL VAL A . n 
A 1 73  ILE 73  73  73  ILE ILE A . n 
A 1 74  TRP 74  74  74  TRP TRP A . n 
A 1 75  GLN 75  75  75  GLN GLN A . n 
A 1 76  THR 76  76  76  THR THR A . n 
A 1 77  LYS 77  77  77  LYS LYS A . n 
A 1 78  THR 78  78  78  THR THR A . n 
A 1 79  ASN 79  79  79  ASN ASN A . n 
A 1 80  GLY 80  80  80  GLY GLY A . n 
A 1 81  LYS 81  81  81  LYS LYS A . n 
A 1 82  GLU 82  82  82  GLU GLU A . n 
A 1 83  ASP 83  83  83  ASP ASP A . n 
A 1 84  HIS 84  84  84  HIS HIS A . n 
A 1 85  TYR 85  85  85  TYR TYR A . n 
A 1 86  VAL 86  86  86  VAL VAL A . n 
A 1 87  LEU 87  87  87  LEU LEU A . n 
A 1 88  VAL 88  88  88  VAL VAL A . n 
A 1 89  LEU 89  89  89  LEU LEU A . n 
A 1 90  GLN 90  90  90  GLN GLN A . n 
A 1 91  GLN 91  91  91  GLN GLN A . n 
A 1 92  ASP 92  92  92  ASP ASP A . n 
A 1 93  ARG 93  93  93  ARG ARG A . n 
A 1 94  ASN 94  94  94  ASN ASN A . n 
A 1 95  VAL 95  95  95  VAL VAL A . n 
A 1 96  VAL 96  96  96  VAL VAL A . n 
A 1 97  ILE 97  97  97  ILE ILE A . n 
A 1 98  TYR 98  98  98  TYR TYR A . n 
A 1 99  GLY 99  99  99  GLY GLY A . n 
A 1 100 PRO 100 100 100 PRO PRO A . n 
A 1 101 VAL 101 101 101 VAL VAL A . n 
A 1 102 VAL 102 102 102 VAL VAL A . n 
A 1 103 TRP 103 103 103 TRP TRP A . n 
A 1 104 ALA 104 104 104 ALA ALA A . n 
A 1 105 THR 105 105 105 THR THR A . n 
A 1 106 GLY 106 106 106 GLY GLY A . n 
A 1 107 SER 107 107 107 SER SER A . n 
A 1 108 GLY 108 108 108 GLY GLY A . n 
A 1 109 PRO 109 109 109 PRO PRO A . n 
A 1 110 ALA 110 110 110 ALA ALA A . n 
# 
loop_
_pdbx_branch_scheme.asym_id 
_pdbx_branch_scheme.entity_id 
_pdbx_branch_scheme.mon_id 
_pdbx_branch_scheme.num 
_pdbx_branch_scheme.pdb_asym_id 
_pdbx_branch_scheme.pdb_mon_id 
_pdbx_branch_scheme.pdb_seq_num 
_pdbx_branch_scheme.auth_asym_id 
_pdbx_branch_scheme.auth_mon_id 
_pdbx_branch_scheme.auth_seq_num 
_pdbx_branch_scheme.hetero 
B 2 MAN 1 B MAN 1 B M3M 1 n 
B 2 MAN 2 B MAN 2 B M3M 1 n 
# 
loop_
_pdbx_nonpoly_scheme.asym_id 
_pdbx_nonpoly_scheme.entity_id 
_pdbx_nonpoly_scheme.mon_id 
_pdbx_nonpoly_scheme.ndb_seq_num 
_pdbx_nonpoly_scheme.pdb_seq_num 
_pdbx_nonpoly_scheme.auth_seq_num 
_pdbx_nonpoly_scheme.pdb_mon_id 
_pdbx_nonpoly_scheme.auth_mon_id 
_pdbx_nonpoly_scheme.pdb_strand_id 
_pdbx_nonpoly_scheme.pdb_ins_code 
C 3 SO4 1   112 1   SO4 SO4 A . 
D 3 SO4 1   113 2   SO4 SO4 A . 
E 3 SO4 1   114 3   SO4 SO4 A . 
F 3 SO4 1   115 4   SO4 SO4 A . 
G 3 SO4 1   116 5   SO4 SO4 A . 
H 4 HOH 1   117 117 HOH HOH A . 
H 4 HOH 2   118 118 HOH HOH A . 
H 4 HOH 3   119 119 HOH HOH A . 
H 4 HOH 4   120 120 HOH HOH A . 
H 4 HOH 5   121 121 HOH HOH A . 
H 4 HOH 6   122 122 HOH HOH A . 
H 4 HOH 7   123 123 HOH HOH A . 
H 4 HOH 8   124 124 HOH HOH A . 
H 4 HOH 9   125 125 HOH HOH A . 
H 4 HOH 10  126 126 HOH HOH A . 
H 4 HOH 11  127 127 HOH HOH A . 
H 4 HOH 12  128 1   HOH HOH A . 
H 4 HOH 13  129 129 HOH HOH A . 
H 4 HOH 14  130 130 HOH HOH A . 
H 4 HOH 15  131 131 HOH HOH A . 
H 4 HOH 16  132 132 HOH HOH A . 
H 4 HOH 17  133 133 HOH HOH A . 
H 4 HOH 18  134 134 HOH HOH A . 
H 4 HOH 19  135 135 HOH HOH A . 
H 4 HOH 20  136 136 HOH HOH A . 
H 4 HOH 21  137 137 HOH HOH A . 
H 4 HOH 22  138 138 HOH HOH A . 
H 4 HOH 23  139 139 HOH HOH A . 
H 4 HOH 24  140 140 HOH HOH A . 
H 4 HOH 25  141 141 HOH HOH A . 
H 4 HOH 26  142 2   HOH HOH A . 
H 4 HOH 27  143 3   HOH HOH A . 
H 4 HOH 28  144 4   HOH HOH A . 
H 4 HOH 29  145 5   HOH HOH A . 
H 4 HOH 30  146 6   HOH HOH A . 
H 4 HOH 31  147 7   HOH HOH A . 
H 4 HOH 32  148 8   HOH HOH A . 
H 4 HOH 33  149 9   HOH HOH A . 
H 4 HOH 34  150 10  HOH HOH A . 
H 4 HOH 35  151 11  HOH HOH A . 
H 4 HOH 36  152 12  HOH HOH A . 
H 4 HOH 37  153 13  HOH HOH A . 
H 4 HOH 38  154 14  HOH HOH A . 
H 4 HOH 39  155 15  HOH HOH A . 
H 4 HOH 40  156 16  HOH HOH A . 
H 4 HOH 41  157 17  HOH HOH A . 
H 4 HOH 42  158 18  HOH HOH A . 
H 4 HOH 43  159 19  HOH HOH A . 
H 4 HOH 44  160 20  HOH HOH A . 
H 4 HOH 45  161 21  HOH HOH A . 
H 4 HOH 46  162 22  HOH HOH A . 
H 4 HOH 47  163 23  HOH HOH A . 
H 4 HOH 48  164 24  HOH HOH A . 
H 4 HOH 49  165 25  HOH HOH A . 
H 4 HOH 50  166 26  HOH HOH A . 
H 4 HOH 51  167 27  HOH HOH A . 
H 4 HOH 52  168 28  HOH HOH A . 
H 4 HOH 53  169 29  HOH HOH A . 
H 4 HOH 54  170 30  HOH HOH A . 
H 4 HOH 55  171 31  HOH HOH A . 
H 4 HOH 56  172 32  HOH HOH A . 
H 4 HOH 57  173 33  HOH HOH A . 
H 4 HOH 58  174 34  HOH HOH A . 
H 4 HOH 59  175 35  HOH HOH A . 
H 4 HOH 60  176 36  HOH HOH A . 
H 4 HOH 61  177 37  HOH HOH A . 
H 4 HOH 62  178 38  HOH HOH A . 
H 4 HOH 63  179 39  HOH HOH A . 
H 4 HOH 64  180 40  HOH HOH A . 
H 4 HOH 65  181 41  HOH HOH A . 
H 4 HOH 66  182 42  HOH HOH A . 
H 4 HOH 67  183 43  HOH HOH A . 
H 4 HOH 68  184 44  HOH HOH A . 
H 4 HOH 69  185 45  HOH HOH A . 
H 4 HOH 70  186 46  HOH HOH A . 
H 4 HOH 71  187 47  HOH HOH A . 
H 4 HOH 72  188 48  HOH HOH A . 
H 4 HOH 73  189 49  HOH HOH A . 
H 4 HOH 74  190 50  HOH HOH A . 
H 4 HOH 75  191 51  HOH HOH A . 
H 4 HOH 76  192 52  HOH HOH A . 
H 4 HOH 77  193 53  HOH HOH A . 
H 4 HOH 78  194 54  HOH HOH A . 
H 4 HOH 79  195 55  HOH HOH A . 
H 4 HOH 80  196 56  HOH HOH A . 
H 4 HOH 81  197 57  HOH HOH A . 
H 4 HOH 82  198 58  HOH HOH A . 
H 4 HOH 83  199 59  HOH HOH A . 
H 4 HOH 84  200 60  HOH HOH A . 
H 4 HOH 85  201 61  HOH HOH A . 
H 4 HOH 86  202 62  HOH HOH A . 
H 4 HOH 87  203 63  HOH HOH A . 
H 4 HOH 88  204 64  HOH HOH A . 
H 4 HOH 89  205 65  HOH HOH A . 
H 4 HOH 90  206 66  HOH HOH A . 
H 4 HOH 91  207 67  HOH HOH A . 
H 4 HOH 92  208 68  HOH HOH A . 
H 4 HOH 93  209 69  HOH HOH A . 
H 4 HOH 94  210 70  HOH HOH A . 
H 4 HOH 95  211 71  HOH HOH A . 
H 4 HOH 96  212 72  HOH HOH A . 
H 4 HOH 97  213 73  HOH HOH A . 
H 4 HOH 98  214 74  HOH HOH A . 
H 4 HOH 99  215 75  HOH HOH A . 
H 4 HOH 100 216 76  HOH HOH A . 
H 4 HOH 101 217 77  HOH HOH A . 
H 4 HOH 102 218 78  HOH HOH A . 
H 4 HOH 103 219 79  HOH HOH A . 
H 4 HOH 104 220 80  HOH HOH A . 
H 4 HOH 105 221 81  HOH HOH A . 
H 4 HOH 106 222 82  HOH HOH A . 
H 4 HOH 107 223 83  HOH HOH A . 
H 4 HOH 108 224 84  HOH HOH A . 
H 4 HOH 109 225 85  HOH HOH A . 
H 4 HOH 110 226 86  HOH HOH A . 
H 4 HOH 111 227 87  HOH HOH A . 
H 4 HOH 112 228 88  HOH HOH A . 
H 4 HOH 113 229 89  HOH HOH A . 
H 4 HOH 114 230 90  HOH HOH A . 
H 4 HOH 115 231 92  HOH HOH A . 
H 4 HOH 116 232 94  HOH HOH A . 
H 4 HOH 117 233 95  HOH HOH A . 
H 4 HOH 118 234 96  HOH HOH A . 
H 4 HOH 119 235 97  HOH HOH A . 
H 4 HOH 120 236 98  HOH HOH A . 
H 4 HOH 121 237 99  HOH HOH A . 
H 4 HOH 122 238 100 HOH HOH A . 
H 4 HOH 123 239 101 HOH HOH A . 
H 4 HOH 124 240 102 HOH HOH A . 
H 4 HOH 125 241 103 HOH HOH A . 
H 4 HOH 126 242 104 HOH HOH A . 
H 4 HOH 127 243 106 HOH HOH A . 
H 4 HOH 128 244 107 HOH HOH A . 
H 4 HOH 129 245 108 HOH HOH A . 
H 4 HOH 130 246 109 HOH HOH A . 
H 4 HOH 131 247 110 HOH HOH A . 
H 4 HOH 132 248 111 HOH HOH A . 
H 4 HOH 133 249 112 HOH HOH A . 
H 4 HOH 134 250 113 HOH HOH A . 
H 4 HOH 135 251 114 HOH HOH A . 
H 4 HOH 136 252 116 HOH HOH A . 
# 
loop_
_software.name 
_software.classification 
_software.version 
_software.citation_id 
_software.pdbx_ordinal 
_software.date 
_software.type 
_software.location 
_software.language 
PHASER phasing          .   ? 1 ? ? ? ? 
CNS    refinement       1.2 ? 2 ? ? ? ? 
MOSFLM 'data reduction' .   ? 3 ? ? ? ? 
SCALA  'data scaling'   .   ? 4 ? ? ? ? 
# 
_cell.entry_id           3A0E 
_cell.length_a           76.660 
_cell.length_b           76.660 
_cell.length_c           61.401 
_cell.angle_alpha        90.00 
_cell.angle_beta         90.00 
_cell.angle_gamma        120.00 
_cell.Z_PDB              6 
_cell.pdbx_unique_axis   ? 
_cell.length_a_esd       ? 
_cell.length_b_esd       ? 
_cell.length_c_esd       ? 
_cell.angle_alpha_esd    ? 
_cell.angle_beta_esd     ? 
_cell.angle_gamma_esd    ? 
# 
_symmetry.entry_id                         3A0E 
_symmetry.space_group_name_H-M             'P 32 2 1' 
_symmetry.pdbx_full_space_group_name_H-M   ? 
_symmetry.cell_setting                     ? 
_symmetry.Int_Tables_number                154 
_symmetry.space_group_name_Hall            ? 
# 
_exptl.entry_id          3A0E 
_exptl.method            'X-RAY DIFFRACTION' 
_exptl.crystals_number   1 
# 
_exptl_crystal.id                    1 
_exptl_crystal.density_meas          ? 
_exptl_crystal.density_Matthews      4.35 
_exptl_crystal.density_percent_sol   71.75 
_exptl_crystal.description           ? 
_exptl_crystal.F_000                 ? 
_exptl_crystal.preparation           ? 
# 
_exptl_crystal_grow.crystal_id      1 
_exptl_crystal_grow.method          'VAPOR DIFFUSION, HANGING DROP' 
_exptl_crystal_grow.temp            293 
_exptl_crystal_grow.temp_details    ? 
_exptl_crystal_grow.pH              ? 
_exptl_crystal_grow.pdbx_details    '1.0M LiSO4, 2% PEG8000, VAPOR DIFFUSION, HANGING DROP, temperature 293K' 
_exptl_crystal_grow.pdbx_pH_range   . 
# 
_diffrn.id                     1 
_diffrn.ambient_temp           ? 
_diffrn.ambient_temp_details   ? 
_diffrn.crystal_id             1 
# 
_diffrn_detector.diffrn_id              1 
_diffrn_detector.detector               'IMAGE PLATE' 
_diffrn_detector.type                   'MAR555 FLAT PANEL' 
_diffrn_detector.pdbx_collection_date   2008-03-10 
_diffrn_detector.details                ? 
# 
_diffrn_radiation.diffrn_id                        1 
_diffrn_radiation.wavelength_id                    1 
_diffrn_radiation.pdbx_monochromatic_or_laue_m_l   M 
_diffrn_radiation.monochromator                    ? 
_diffrn_radiation.pdbx_diffrn_protocol             'SINGLE WAVELENGTH' 
_diffrn_radiation.pdbx_scattering_type             x-ray 
# 
_diffrn_radiation_wavelength.id           1 
_diffrn_radiation_wavelength.wavelength   . 
_diffrn_radiation_wavelength.wt           1.0 
# 
_diffrn_source.diffrn_id                   1 
_diffrn_source.source                      SYNCHROTRON 
_diffrn_source.type                        'BSRF BEAMLINE 1W2B' 
_diffrn_source.pdbx_synchrotron_site       BSRF 
_diffrn_source.pdbx_synchrotron_beamline   1W2B 
_diffrn_source.pdbx_wavelength             ? 
_diffrn_source.pdbx_wavelength_list        ? 
# 
_reflns.entry_id                     3A0E 
_reflns.observed_criterion_sigma_F   0.0 
_reflns.observed_criterion_sigma_I   0.0 
_reflns.d_resolution_high            2.00 
_reflns.d_resolution_low             45.08 
_reflns.number_all                   14440 
_reflns.number_obs                   14437 
_reflns.percent_possible_obs         100 
_reflns.pdbx_Rmerge_I_obs            0.076 
_reflns.pdbx_Rsym_value              0.076 
_reflns.pdbx_netI_over_sigmaI        ? 
_reflns.B_iso_Wilson_estimate        24.96 
_reflns.pdbx_redundancy              13.9 
_reflns.R_free_details               ? 
_reflns.limit_h_max                  ? 
_reflns.limit_h_min                  ? 
_reflns.limit_k_max                  ? 
_reflns.limit_k_min                  ? 
_reflns.limit_l_max                  ? 
_reflns.limit_l_min                  ? 
_reflns.observed_criterion_F_max     ? 
_reflns.observed_criterion_F_min     ? 
_reflns.pdbx_chi_squared             ? 
_reflns.pdbx_scaling_rejects         ? 
_reflns.pdbx_ordinal                 1 
_reflns.pdbx_diffrn_id               1 
# 
_reflns_shell.d_res_high             2.00 
_reflns_shell.d_res_low              2.11 
_reflns_shell.percent_possible_all   100 
_reflns_shell.Rmerge_I_obs           0.265 
_reflns_shell.pdbx_Rsym_value        0.265 
_reflns_shell.meanI_over_sigI_obs    8.0 
_reflns_shell.pdbx_redundancy        14.0 
_reflns_shell.percent_possible_obs   ? 
_reflns_shell.number_unique_all      2066 
_reflns_shell.number_measured_all    ? 
_reflns_shell.number_measured_obs    ? 
_reflns_shell.number_unique_obs      ? 
_reflns_shell.pdbx_chi_squared       ? 
_reflns_shell.pdbx_ordinal           1 
_reflns_shell.pdbx_diffrn_id         1 
# 
_refine.entry_id                                 3A0E 
_refine.ls_d_res_high                            2.00 
_refine.ls_d_res_low                             45.08 
_refine.pdbx_ls_sigma_F                          0.0 
_refine.pdbx_ls_sigma_I                          0.0 
_refine.ls_number_reflns_all                     14440 
_refine.ls_number_reflns_obs                     14437 
_refine.ls_number_reflns_R_free                  1468 
_refine.ls_percent_reflns_obs                    100 
_refine.ls_R_factor_all                          ? 
_refine.ls_R_factor_obs                          0.190 
_refine.ls_R_factor_R_work                       0.190 
_refine.ls_R_factor_R_free                       0.212 
_refine.ls_redundancy_reflns_obs                 ? 
_refine.pdbx_data_cutoff_high_absF               ? 
_refine.pdbx_data_cutoff_low_absF                ? 
_refine.ls_number_parameters                     ? 
_refine.ls_number_restraints                     ? 
_refine.ls_percent_reflns_R_free                 ? 
_refine.ls_R_factor_R_free_error                 ? 
_refine.ls_R_factor_R_free_error_details         ? 
_refine.pdbx_method_to_determine_struct          'MOLECULAR REPLACEMENT' 
_refine.pdbx_starting_model                      'PDB ENTRY 3A0D' 
_refine.pdbx_ls_cross_valid_method               THROUGHOUT 
_refine.pdbx_R_Free_selection_details            RANDOM 
_refine.pdbx_stereochem_target_val_spec_case     ? 
_refine.pdbx_stereochemistry_target_values       'Engh & Huber' 
_refine.solvent_model_details                    ? 
_refine.solvent_model_param_bsol                 ? 
_refine.solvent_model_param_ksol                 ? 
_refine.occupancy_max                            ? 
_refine.occupancy_min                            ? 
_refine.pdbx_isotropic_thermal_model             Isotropic 
_refine.B_iso_mean                               24.4 
_refine.aniso_B[1][1]                            -1.528 
_refine.aniso_B[2][2]                            -1.528 
_refine.aniso_B[3][3]                            3.055 
_refine.aniso_B[1][2]                            0.000 
_refine.aniso_B[1][3]                            0.000 
_refine.aniso_B[2][3]                            0.000 
_refine.details                                  ? 
_refine.B_iso_min                                10.03 
_refine.B_iso_max                                69.87 
_refine.correlation_coeff_Fo_to_Fc               ? 
_refine.correlation_coeff_Fo_to_Fc_free          ? 
_refine.pdbx_solvent_vdw_probe_radii             ? 
_refine.pdbx_solvent_ion_probe_radii             ? 
_refine.pdbx_solvent_shrinkage_radii             ? 
_refine.overall_SU_R_Cruickshank_DPI             ? 
_refine.overall_SU_R_free                        ? 
_refine.overall_SU_ML                            ? 
_refine.overall_SU_B                             ? 
_refine.pdbx_overall_ESU_R_Free                  ? 
_refine.pdbx_data_cutoff_high_rms_absF           ? 
_refine.ls_wR_factor_R_free                      ? 
_refine.ls_wR_factor_R_work                      ? 
_refine.overall_FOM_free_R_set                   ? 
_refine.overall_FOM_work_R_set                   ? 
_refine.pdbx_refine_id                           'X-RAY DIFFRACTION' 
_refine.pdbx_overall_phase_error                 ? 
_refine.pdbx_overall_ESU_R                       ? 
_refine.pdbx_diffrn_id                           1 
_refine.pdbx_TLS_residual_ADP_flag               ? 
_refine.pdbx_overall_SU_R_free_Cruickshank_DPI   ? 
_refine.pdbx_overall_SU_R_Blow_DPI               ? 
_refine.pdbx_overall_SU_R_free_Blow_DPI          ? 
# 
_refine_analyze.entry_id                        3A0E 
_refine_analyze.Luzzati_coordinate_error_obs    0.22 
_refine_analyze.Luzzati_sigma_a_obs             0.09 
_refine_analyze.Luzzati_d_res_low_obs           5.0 
_refine_analyze.Luzzati_coordinate_error_free   0.25 
_refine_analyze.Luzzati_sigma_a_free            0.11 
_refine_analyze.Luzzati_d_res_low_free          ? 
_refine_analyze.number_disordered_residues      ? 
_refine_analyze.occupancy_sum_non_hydrogen      ? 
_refine_analyze.occupancy_sum_hydrogen          ? 
_refine_analyze.pdbx_Luzzati_d_res_high_obs     ? 
_refine_analyze.pdbx_refine_id                  'X-RAY DIFFRACTION' 
# 
_refine_hist.pdbx_refine_id                   'X-RAY DIFFRACTION' 
_refine_hist.cycle_id                         LAST 
_refine_hist.pdbx_number_atoms_protein        843 
_refine_hist.pdbx_number_atoms_nucleic_acid   0 
_refine_hist.pdbx_number_atoms_ligand         48 
_refine_hist.number_atoms_solvent             136 
_refine_hist.number_atoms_total               1027 
_refine_hist.d_res_high                       2.00 
_refine_hist.d_res_low                        45.08 
# 
loop_
_refine_ls_restr.type 
_refine_ls_restr.dev_ideal 
_refine_ls_restr.dev_ideal_target 
_refine_ls_restr.weight 
_refine_ls_restr.number 
_refine_ls_restr.pdbx_refine_id 
_refine_ls_restr.pdbx_restraint_function 
c_bond_d           0.0055 ? ? ? 'X-RAY DIFFRACTION' ? 
c_angle_deg        1.47   ? ? ? 'X-RAY DIFFRACTION' ? 
c_dihedral_angle_d 26.66  ? ? ? 'X-RAY DIFFRACTION' ? 
c_improper_angle_d 0.89   ? ? ? 'X-RAY DIFFRACTION' ? 
# 
_refine_ls_shell.pdbx_total_number_of_bins_used   ? 
_refine_ls_shell.d_res_high                       2.00 
_refine_ls_shell.d_res_low                        2.07 
_refine_ls_shell.number_reflns_R_work             ? 
_refine_ls_shell.R_factor_R_work                  0.202 
_refine_ls_shell.percent_reflns_obs               100 
_refine_ls_shell.R_factor_R_free                  0.233 
_refine_ls_shell.R_factor_R_free_error            ? 
_refine_ls_shell.percent_reflns_R_free            ? 
_refine_ls_shell.number_reflns_R_free             140 
_refine_ls_shell.number_reflns_all                ? 
_refine_ls_shell.R_factor_all                     ? 
_refine_ls_shell.number_reflns_obs                1422 
_refine_ls_shell.redundancy_reflns_obs            ? 
_refine_ls_shell.pdbx_refine_id                   'X-RAY DIFFRACTION' 
# 
_struct.entry_id                  3A0E 
_struct.title                     'Crystal Structure of Polygonatum cyrtonema lectin (PCL) complexed with dimannoside' 
_struct.pdbx_model_details        ? 
_struct.pdbx_CASP_flag            ? 
_struct.pdbx_model_type_details   ? 
# 
_struct_keywords.entry_id        3A0E 
_struct_keywords.pdbx_keywords   'SUGAR BINDING PROTEIN' 
_struct_keywords.text            'beta-prism II, Lectin, SUGAR BINDING PROTEIN' 
# 
loop_
_struct_asym.id 
_struct_asym.pdbx_blank_PDB_chainid_flag 
_struct_asym.pdbx_modified 
_struct_asym.entity_id 
_struct_asym.details 
A N N 1 ? 
B N N 2 ? 
C N N 3 ? 
D N N 3 ? 
E N N 3 ? 
F N N 3 ? 
G N N 3 ? 
H N N 4 ? 
# 
_struct_ref.id                         1 
_struct_ref.db_name                    UNP 
_struct_ref.db_code                    Q8L568_9ASPA 
_struct_ref.pdbx_db_accession          Q8L568 
_struct_ref.entity_id                  1 
_struct_ref.pdbx_seq_one_letter_code   
;VNSLSSPNSLFTGHSLEVGPSYRLIMPGDCNFVLYDSGKPVWASNTGGLGSGCRLTLHNNGNLVIYDQSNRVIWQTKTNG
KEDHYVLVLQQDRNVVIYGPVVWATGSGPA
;
_struct_ref.pdbx_align_begin           29 
_struct_ref.pdbx_db_isoform            ? 
# 
_struct_ref_seq.align_id                      1 
_struct_ref_seq.ref_id                        1 
_struct_ref_seq.pdbx_PDB_id_code              3A0E 
_struct_ref_seq.pdbx_strand_id                A 
_struct_ref_seq.seq_align_beg                 1 
_struct_ref_seq.pdbx_seq_align_beg_ins_code   ? 
_struct_ref_seq.seq_align_end                 110 
_struct_ref_seq.pdbx_seq_align_end_ins_code   ? 
_struct_ref_seq.pdbx_db_accession             Q8L568 
_struct_ref_seq.db_align_beg                  29 
_struct_ref_seq.pdbx_db_align_beg_ins_code    ? 
_struct_ref_seq.db_align_end                  138 
_struct_ref_seq.pdbx_db_align_end_ins_code    ? 
_struct_ref_seq.pdbx_auth_seq_align_beg       1 
_struct_ref_seq.pdbx_auth_seq_align_end       110 
# 
_struct_ref_seq_dif.align_id                     1 
_struct_ref_seq_dif.pdbx_pdb_id_code             3A0E 
_struct_ref_seq_dif.mon_id                       GLN 
_struct_ref_seq_dif.pdbx_pdb_strand_id           A 
_struct_ref_seq_dif.seq_num                      27 
_struct_ref_seq_dif.pdbx_pdb_ins_code            ? 
_struct_ref_seq_dif.pdbx_seq_db_name             UNP 
_struct_ref_seq_dif.pdbx_seq_db_accession_code   Q8L568 
_struct_ref_seq_dif.db_mon_id                    PRO 
_struct_ref_seq_dif.pdbx_seq_db_seq_num          55 
_struct_ref_seq_dif.details                      'SEE REMARK 999' 
_struct_ref_seq_dif.pdbx_auth_seq_num            27 
_struct_ref_seq_dif.pdbx_ordinal                 1 
# 
_pdbx_struct_assembly.id                   1 
_pdbx_struct_assembly.details              author_and_software_defined_assembly 
_pdbx_struct_assembly.method_details       PISA 
_pdbx_struct_assembly.oligomeric_details   dimeric 
_pdbx_struct_assembly.oligomeric_count     2 
# 
loop_
_pdbx_struct_assembly_prop.biol_id 
_pdbx_struct_assembly_prop.type 
_pdbx_struct_assembly_prop.value 
_pdbx_struct_assembly_prop.details 
1 'ABSA (A^2)' 5320 ? 
1 MORE         -134 ? 
1 'SSA (A^2)'  9680 ? 
# 
_pdbx_struct_assembly_gen.assembly_id       1 
_pdbx_struct_assembly_gen.oper_expression   1,2 
_pdbx_struct_assembly_gen.asym_id_list      A,B,C,D,E,F,G,H 
# 
loop_
_pdbx_struct_oper_list.id 
_pdbx_struct_oper_list.type 
_pdbx_struct_oper_list.name 
_pdbx_struct_oper_list.symmetry_operation 
_pdbx_struct_oper_list.matrix[1][1] 
_pdbx_struct_oper_list.matrix[1][2] 
_pdbx_struct_oper_list.matrix[1][3] 
_pdbx_struct_oper_list.vector[1] 
_pdbx_struct_oper_list.matrix[2][1] 
_pdbx_struct_oper_list.matrix[2][2] 
_pdbx_struct_oper_list.matrix[2][3] 
_pdbx_struct_oper_list.vector[2] 
_pdbx_struct_oper_list.matrix[3][1] 
_pdbx_struct_oper_list.matrix[3][2] 
_pdbx_struct_oper_list.matrix[3][3] 
_pdbx_struct_oper_list.vector[3] 
1 'identity operation'         1_555 x,y,z          1.0000000000  0.0000000000 0.0000000000 0.0000000000  0.0000000000 1.0000000000  0.0000000000 0.0000000000 0.0000000000 0.0000000000 1.0000000000  0.0000000000   
2 'crystal symmetry operation' 6_554 -x,-x+y,-z-1/3 -0.8998529286 0.3053882084 0.3114526433 17.3414132477 0.3053882084 -0.0687500237 0.9497428475 6.2136193628 0.3114526433 0.9497428475 -0.0313970477 -11.6687333180 
# 
loop_
_struct_conn.id 
_struct_conn.conn_type_id 
_struct_conn.pdbx_leaving_atom_flag 
_struct_conn.pdbx_PDB_id 
_struct_conn.ptnr1_label_asym_id 
_struct_conn.ptnr1_label_comp_id 
_struct_conn.ptnr1_label_seq_id 
_struct_conn.ptnr1_label_atom_id 
_struct_conn.pdbx_ptnr1_label_alt_id 
_struct_conn.pdbx_ptnr1_PDB_ins_code 
_struct_conn.pdbx_ptnr1_standard_comp_id 
_struct_conn.ptnr1_symmetry 
_struct_conn.ptnr2_label_asym_id 
_struct_conn.ptnr2_label_comp_id 
_struct_conn.ptnr2_label_seq_id 
_struct_conn.ptnr2_label_atom_id 
_struct_conn.pdbx_ptnr2_label_alt_id 
_struct_conn.pdbx_ptnr2_PDB_ins_code 
_struct_conn.ptnr1_auth_asym_id 
_struct_conn.ptnr1_auth_comp_id 
_struct_conn.ptnr1_auth_seq_id 
_struct_conn.ptnr2_auth_asym_id 
_struct_conn.ptnr2_auth_comp_id 
_struct_conn.ptnr2_auth_seq_id 
_struct_conn.ptnr2_symmetry 
_struct_conn.pdbx_ptnr3_label_atom_id 
_struct_conn.pdbx_ptnr3_label_seq_id 
_struct_conn.pdbx_ptnr3_label_comp_id 
_struct_conn.pdbx_ptnr3_label_asym_id 
_struct_conn.pdbx_ptnr3_label_alt_id 
_struct_conn.pdbx_ptnr3_PDB_ins_code 
_struct_conn.details 
_struct_conn.pdbx_dist_value 
_struct_conn.pdbx_value_order 
_struct_conn.pdbx_role 
disulf1 disulf ?    ? A CYS 30 SG ? ? ? 1_555 A CYS 53 SG ? ? A CYS 30 A CYS 53 1_555 ? ? ? ? ? ? ? 2.029 ?    ? 
covale1 covale both ? B MAN .  O3 ? ? ? 1_555 B MAN .  C1 ? ? B MAN 1  B MAN 2  1_555 ? ? ? ? ? ? ? 1.442 sing ? 
# 
loop_
_struct_conn_type.id 
_struct_conn_type.criteria 
_struct_conn_type.reference 
disulf ? ? 
covale ? ? 
# 
_pdbx_modification_feature.ordinal                            1 
_pdbx_modification_feature.label_comp_id                      CYS 
_pdbx_modification_feature.label_asym_id                      A 
_pdbx_modification_feature.label_seq_id                       30 
_pdbx_modification_feature.label_alt_id                       ? 
_pdbx_modification_feature.modified_residue_label_comp_id     CYS 
_pdbx_modification_feature.modified_residue_label_asym_id     A 
_pdbx_modification_feature.modified_residue_label_seq_id      53 
_pdbx_modification_feature.modified_residue_label_alt_id      ? 
_pdbx_modification_feature.auth_comp_id                       CYS 
_pdbx_modification_feature.auth_asym_id                       A 
_pdbx_modification_feature.auth_seq_id                        30 
_pdbx_modification_feature.PDB_ins_code                       ? 
_pdbx_modification_feature.symmetry                           1_555 
_pdbx_modification_feature.modified_residue_auth_comp_id      CYS 
_pdbx_modification_feature.modified_residue_auth_asym_id      A 
_pdbx_modification_feature.modified_residue_auth_seq_id       53 
_pdbx_modification_feature.modified_residue_PDB_ins_code      ? 
_pdbx_modification_feature.modified_residue_symmetry          1_555 
_pdbx_modification_feature.comp_id_linking_atom               SG 
_pdbx_modification_feature.modified_residue_id_linking_atom   SG 
_pdbx_modification_feature.modified_residue_id                . 
_pdbx_modification_feature.ref_pcm_id                         . 
_pdbx_modification_feature.ref_comp_id                        . 
_pdbx_modification_feature.type                               None 
_pdbx_modification_feature.category                           'Disulfide bridge' 
# 
loop_
_struct_mon_prot_cis.pdbx_id 
_struct_mon_prot_cis.label_comp_id 
_struct_mon_prot_cis.label_seq_id 
_struct_mon_prot_cis.label_asym_id 
_struct_mon_prot_cis.label_alt_id 
_struct_mon_prot_cis.pdbx_PDB_ins_code 
_struct_mon_prot_cis.auth_comp_id 
_struct_mon_prot_cis.auth_seq_id 
_struct_mon_prot_cis.auth_asym_id 
_struct_mon_prot_cis.pdbx_label_comp_id_2 
_struct_mon_prot_cis.pdbx_label_seq_id_2 
_struct_mon_prot_cis.pdbx_label_asym_id_2 
_struct_mon_prot_cis.pdbx_PDB_ins_code_2 
_struct_mon_prot_cis.pdbx_auth_comp_id_2 
_struct_mon_prot_cis.pdbx_auth_seq_id_2 
_struct_mon_prot_cis.pdbx_auth_asym_id_2 
_struct_mon_prot_cis.pdbx_PDB_model_num 
_struct_mon_prot_cis.pdbx_omega_angle 
1 SER 6   A . ? SER 6   A PRO 7   A ? PRO 7   A 1 0.11  
2 GLY 19  A . ? GLY 19  A PRO 20  A ? PRO 20  A 1 -0.14 
3 GLY 99  A . ? GLY 99  A PRO 100 A ? PRO 100 A 1 0.22  
4 GLY 108 A . ? GLY 108 A PRO 109 A ? PRO 109 A 1 -0.03 
# 
loop_
_struct_sheet.id 
_struct_sheet.type 
_struct_sheet.number_strands 
_struct_sheet.details 
A ? 3 ? 
B ? 4 ? 
C ? 4 ? 
# 
loop_
_struct_sheet_order.sheet_id 
_struct_sheet_order.range_id_1 
_struct_sheet_order.range_id_2 
_struct_sheet_order.offset 
_struct_sheet_order.sense 
A 1 2 ? anti-parallel 
A 2 3 ? anti-parallel 
B 1 2 ? anti-parallel 
B 2 3 ? anti-parallel 
B 3 4 ? anti-parallel 
C 1 2 ? anti-parallel 
C 2 3 ? anti-parallel 
C 3 4 ? anti-parallel 
# 
loop_
_struct_sheet_range.sheet_id 
_struct_sheet_range.id 
_struct_sheet_range.beg_label_comp_id 
_struct_sheet_range.beg_label_asym_id 
_struct_sheet_range.beg_label_seq_id 
_struct_sheet_range.pdbx_beg_PDB_ins_code 
_struct_sheet_range.end_label_comp_id 
_struct_sheet_range.end_label_asym_id 
_struct_sheet_range.end_label_seq_id 
_struct_sheet_range.pdbx_end_PDB_ins_code 
_struct_sheet_range.beg_auth_comp_id 
_struct_sheet_range.beg_auth_asym_id 
_struct_sheet_range.beg_auth_seq_id 
_struct_sheet_range.end_auth_comp_id 
_struct_sheet_range.end_auth_asym_id 
_struct_sheet_range.end_auth_seq_id 
A 1 SER A 3  ? SER A 5  ? SER A 3  SER A 5  
A 2 VAL A 86 ? LEU A 89 ? VAL A 86 LEU A 89 
A 3 VAL A 95 ? TYR A 98 ? VAL A 95 TYR A 98 
B 1 SER A 9  ? LEU A 10 ? SER A 9  LEU A 10 
B 2 ARG A 54 ? LEU A 57 ? ARG A 54 LEU A 57 
B 3 LEU A 63 ? TYR A 66 ? LEU A 63 TYR A 66 
B 4 VAL A 72 ? GLN A 75 ? VAL A 72 GLN A 75 
C 1 SER A 15 ? VAL A 18 ? SER A 15 VAL A 18 
C 2 TYR A 22 ? MET A 26 ? TYR A 22 MET A 26 
C 3 PHE A 32 ? ASP A 36 ? PHE A 32 ASP A 36 
C 4 LYS A 39 ? ALA A 43 ? LYS A 39 ALA A 43 
# 
loop_
_pdbx_struct_sheet_hbond.sheet_id 
_pdbx_struct_sheet_hbond.range_id_1 
_pdbx_struct_sheet_hbond.range_id_2 
_pdbx_struct_sheet_hbond.range_1_label_atom_id 
_pdbx_struct_sheet_hbond.range_1_label_comp_id 
_pdbx_struct_sheet_hbond.range_1_label_asym_id 
_pdbx_struct_sheet_hbond.range_1_label_seq_id 
_pdbx_struct_sheet_hbond.range_1_PDB_ins_code 
_pdbx_struct_sheet_hbond.range_1_auth_atom_id 
_pdbx_struct_sheet_hbond.range_1_auth_comp_id 
_pdbx_struct_sheet_hbond.range_1_auth_asym_id 
_pdbx_struct_sheet_hbond.range_1_auth_seq_id 
_pdbx_struct_sheet_hbond.range_2_label_atom_id 
_pdbx_struct_sheet_hbond.range_2_label_comp_id 
_pdbx_struct_sheet_hbond.range_2_label_asym_id 
_pdbx_struct_sheet_hbond.range_2_label_seq_id 
_pdbx_struct_sheet_hbond.range_2_PDB_ins_code 
_pdbx_struct_sheet_hbond.range_2_auth_atom_id 
_pdbx_struct_sheet_hbond.range_2_auth_comp_id 
_pdbx_struct_sheet_hbond.range_2_auth_asym_id 
_pdbx_struct_sheet_hbond.range_2_auth_seq_id 
A 1 2 N LEU A 4  ? N LEU A 4  O LEU A 87 ? O LEU A 87 
A 2 3 N VAL A 88 ? N VAL A 88 O VAL A 96 ? O VAL A 96 
B 1 2 N LEU A 10 ? N LEU A 10 O LEU A 55 ? O LEU A 55 
B 2 3 N THR A 56 ? N THR A 56 O VAL A 64 ? O VAL A 64 
B 3 4 N ILE A 65 ? N ILE A 65 O ILE A 73 ? O ILE A 73 
C 1 2 N LEU A 16 ? N LEU A 16 O LEU A 24 ? O LEU A 24 
C 2 3 N ARG A 23 ? N ARG A 23 O TYR A 35 ? O TYR A 35 
C 3 4 N ASP A 36 ? N ASP A 36 O LYS A 39 ? O LYS A 39 
# 
_pdbx_entry_details.entry_id                   3A0E 
_pdbx_entry_details.sequence_details           
;THE CONFLICT BETWEEN THE SEQUENCE OF THE PROTEIN AND DATABASE (UNP Q8L568; Q8L568_9ASP) MAY BE ARISED FROM THE NATURAL MUTATION IN THE PROTEIN OR THE ERRORS IN CDNA SEQEUNCING.
;
_pdbx_entry_details.nonpolymer_details         ? 
_pdbx_entry_details.compound_details           ? 
_pdbx_entry_details.source_details             ? 
_pdbx_entry_details.has_ligand_of_interest     ? 
_pdbx_entry_details.has_protein_modification   Y 
# 
_pdbx_validate_symm_contact.id                1 
_pdbx_validate_symm_contact.PDB_model_num     1 
_pdbx_validate_symm_contact.auth_atom_id_1    O 
_pdbx_validate_symm_contact.auth_asym_id_1    A 
_pdbx_validate_symm_contact.auth_comp_id_1    HOH 
_pdbx_validate_symm_contact.auth_seq_id_1     121 
_pdbx_validate_symm_contact.PDB_ins_code_1    ? 
_pdbx_validate_symm_contact.label_alt_id_1    ? 
_pdbx_validate_symm_contact.site_symmetry_1   1_555 
_pdbx_validate_symm_contact.auth_atom_id_2    O 
_pdbx_validate_symm_contact.auth_asym_id_2    A 
_pdbx_validate_symm_contact.auth_comp_id_2    HOH 
_pdbx_validate_symm_contact.auth_seq_id_2     121 
_pdbx_validate_symm_contact.PDB_ins_code_2    ? 
_pdbx_validate_symm_contact.label_alt_id_2    ? 
_pdbx_validate_symm_contact.site_symmetry_2   6_554 
_pdbx_validate_symm_contact.dist              2.07 
# 
loop_
_pdbx_validate_torsion.id 
_pdbx_validate_torsion.PDB_model_num 
_pdbx_validate_torsion.auth_comp_id 
_pdbx_validate_torsion.auth_asym_id 
_pdbx_validate_torsion.auth_seq_id 
_pdbx_validate_torsion.PDB_ins_code 
_pdbx_validate_torsion.label_alt_id 
_pdbx_validate_torsion.phi 
_pdbx_validate_torsion.psi 
1 1 ASN A 59  ? ? -67.81  3.54    
2 1 THR A 78  ? ? -108.77 77.00   
3 1 ASP A 83  ? ? -168.13 -127.09 
4 1 ARG A 93  ? ? 75.41   -0.67   
5 1 PRO A 100 ? ? -76.93  -165.68 
# 
_pdbx_molecule_features.prd_id    PRD_900112 
_pdbx_molecule_features.name      3alpha-alpha-mannobiose 
_pdbx_molecule_features.type      Oligosaccharide 
_pdbx_molecule_features.class     Metabolism 
_pdbx_molecule_features.details   oligosaccharide 
# 
_pdbx_molecule.instance_id   1 
_pdbx_molecule.prd_id        PRD_900112 
_pdbx_molecule.asym_id       B 
# 
loop_
_chem_comp_atom.comp_id 
_chem_comp_atom.atom_id 
_chem_comp_atom.type_symbol 
_chem_comp_atom.pdbx_aromatic_flag 
_chem_comp_atom.pdbx_stereo_config 
_chem_comp_atom.pdbx_ordinal 
ALA N    N N N 1   
ALA CA   C N S 2   
ALA C    C N N 3   
ALA O    O N N 4   
ALA CB   C N N 5   
ALA OXT  O N N 6   
ALA H    H N N 7   
ALA H2   H N N 8   
ALA HA   H N N 9   
ALA HB1  H N N 10  
ALA HB2  H N N 11  
ALA HB3  H N N 12  
ALA HXT  H N N 13  
ARG N    N N N 14  
ARG CA   C N S 15  
ARG C    C N N 16  
ARG O    O N N 17  
ARG CB   C N N 18  
ARG CG   C N N 19  
ARG CD   C N N 20  
ARG NE   N N N 21  
ARG CZ   C N N 22  
ARG NH1  N N N 23  
ARG NH2  N N N 24  
ARG OXT  O N N 25  
ARG H    H N N 26  
ARG H2   H N N 27  
ARG HA   H N N 28  
ARG HB2  H N N 29  
ARG HB3  H N N 30  
ARG HG2  H N N 31  
ARG HG3  H N N 32  
ARG HD2  H N N 33  
ARG HD3  H N N 34  
ARG HE   H N N 35  
ARG HH11 H N N 36  
ARG HH12 H N N 37  
ARG HH21 H N N 38  
ARG HH22 H N N 39  
ARG HXT  H N N 40  
ASN N    N N N 41  
ASN CA   C N S 42  
ASN C    C N N 43  
ASN O    O N N 44  
ASN CB   C N N 45  
ASN CG   C N N 46  
ASN OD1  O N N 47  
ASN ND2  N N N 48  
ASN OXT  O N N 49  
ASN H    H N N 50  
ASN H2   H N N 51  
ASN HA   H N N 52  
ASN HB2  H N N 53  
ASN HB3  H N N 54  
ASN HD21 H N N 55  
ASN HD22 H N N 56  
ASN HXT  H N N 57  
ASP N    N N N 58  
ASP CA   C N S 59  
ASP C    C N N 60  
ASP O    O N N 61  
ASP CB   C N N 62  
ASP CG   C N N 63  
ASP OD1  O N N 64  
ASP OD2  O N N 65  
ASP OXT  O N N 66  
ASP H    H N N 67  
ASP H2   H N N 68  
ASP HA   H N N 69  
ASP HB2  H N N 70  
ASP HB3  H N N 71  
ASP HD2  H N N 72  
ASP HXT  H N N 73  
CYS N    N N N 74  
CYS CA   C N R 75  
CYS C    C N N 76  
CYS O    O N N 77  
CYS CB   C N N 78  
CYS SG   S N N 79  
CYS OXT  O N N 80  
CYS H    H N N 81  
CYS H2   H N N 82  
CYS HA   H N N 83  
CYS HB2  H N N 84  
CYS HB3  H N N 85  
CYS HG   H N N 86  
CYS HXT  H N N 87  
GLN N    N N N 88  
GLN CA   C N S 89  
GLN C    C N N 90  
GLN O    O N N 91  
GLN CB   C N N 92  
GLN CG   C N N 93  
GLN CD   C N N 94  
GLN OE1  O N N 95  
GLN NE2  N N N 96  
GLN OXT  O N N 97  
GLN H    H N N 98  
GLN H2   H N N 99  
GLN HA   H N N 100 
GLN HB2  H N N 101 
GLN HB3  H N N 102 
GLN HG2  H N N 103 
GLN HG3  H N N 104 
GLN HE21 H N N 105 
GLN HE22 H N N 106 
GLN HXT  H N N 107 
GLU N    N N N 108 
GLU CA   C N S 109 
GLU C    C N N 110 
GLU O    O N N 111 
GLU CB   C N N 112 
GLU CG   C N N 113 
GLU CD   C N N 114 
GLU OE1  O N N 115 
GLU OE2  O N N 116 
GLU OXT  O N N 117 
GLU H    H N N 118 
GLU H2   H N N 119 
GLU HA   H N N 120 
GLU HB2  H N N 121 
GLU HB3  H N N 122 
GLU HG2  H N N 123 
GLU HG3  H N N 124 
GLU HE2  H N N 125 
GLU HXT  H N N 126 
GLY N    N N N 127 
GLY CA   C N N 128 
GLY C    C N N 129 
GLY O    O N N 130 
GLY OXT  O N N 131 
GLY H    H N N 132 
GLY H2   H N N 133 
GLY HA2  H N N 134 
GLY HA3  H N N 135 
GLY HXT  H N N 136 
HIS N    N N N 137 
HIS CA   C N S 138 
HIS C    C N N 139 
HIS O    O N N 140 
HIS CB   C N N 141 
HIS CG   C Y N 142 
HIS ND1  N Y N 143 
HIS CD2  C Y N 144 
HIS CE1  C Y N 145 
HIS NE2  N Y N 146 
HIS OXT  O N N 147 
HIS H    H N N 148 
HIS H2   H N N 149 
HIS HA   H N N 150 
HIS HB2  H N N 151 
HIS HB3  H N N 152 
HIS HD1  H N N 153 
HIS HD2  H N N 154 
HIS HE1  H N N 155 
HIS HE2  H N N 156 
HIS HXT  H N N 157 
HOH O    O N N 158 
HOH H1   H N N 159 
HOH H2   H N N 160 
ILE N    N N N 161 
ILE CA   C N S 162 
ILE C    C N N 163 
ILE O    O N N 164 
ILE CB   C N S 165 
ILE CG1  C N N 166 
ILE CG2  C N N 167 
ILE CD1  C N N 168 
ILE OXT  O N N 169 
ILE H    H N N 170 
ILE H2   H N N 171 
ILE HA   H N N 172 
ILE HB   H N N 173 
ILE HG12 H N N 174 
ILE HG13 H N N 175 
ILE HG21 H N N 176 
ILE HG22 H N N 177 
ILE HG23 H N N 178 
ILE HD11 H N N 179 
ILE HD12 H N N 180 
ILE HD13 H N N 181 
ILE HXT  H N N 182 
LEU N    N N N 183 
LEU CA   C N S 184 
LEU C    C N N 185 
LEU O    O N N 186 
LEU CB   C N N 187 
LEU CG   C N N 188 
LEU CD1  C N N 189 
LEU CD2  C N N 190 
LEU OXT  O N N 191 
LEU H    H N N 192 
LEU H2   H N N 193 
LEU HA   H N N 194 
LEU HB2  H N N 195 
LEU HB3  H N N 196 
LEU HG   H N N 197 
LEU HD11 H N N 198 
LEU HD12 H N N 199 
LEU HD13 H N N 200 
LEU HD21 H N N 201 
LEU HD22 H N N 202 
LEU HD23 H N N 203 
LEU HXT  H N N 204 
LYS N    N N N 205 
LYS CA   C N S 206 
LYS C    C N N 207 
LYS O    O N N 208 
LYS CB   C N N 209 
LYS CG   C N N 210 
LYS CD   C N N 211 
LYS CE   C N N 212 
LYS NZ   N N N 213 
LYS OXT  O N N 214 
LYS H    H N N 215 
LYS H2   H N N 216 
LYS HA   H N N 217 
LYS HB2  H N N 218 
LYS HB3  H N N 219 
LYS HG2  H N N 220 
LYS HG3  H N N 221 
LYS HD2  H N N 222 
LYS HD3  H N N 223 
LYS HE2  H N N 224 
LYS HE3  H N N 225 
LYS HZ1  H N N 226 
LYS HZ2  H N N 227 
LYS HZ3  H N N 228 
LYS HXT  H N N 229 
MAN C1   C N S 230 
MAN C2   C N S 231 
MAN C3   C N S 232 
MAN C4   C N S 233 
MAN C5   C N R 234 
MAN C6   C N N 235 
MAN O1   O N N 236 
MAN O2   O N N 237 
MAN O3   O N N 238 
MAN O4   O N N 239 
MAN O5   O N N 240 
MAN O6   O N N 241 
MAN H1   H N N 242 
MAN H2   H N N 243 
MAN H3   H N N 244 
MAN H4   H N N 245 
MAN H5   H N N 246 
MAN H61  H N N 247 
MAN H62  H N N 248 
MAN HO1  H N N 249 
MAN HO2  H N N 250 
MAN HO3  H N N 251 
MAN HO4  H N N 252 
MAN HO6  H N N 253 
MET N    N N N 254 
MET CA   C N S 255 
MET C    C N N 256 
MET O    O N N 257 
MET CB   C N N 258 
MET CG   C N N 259 
MET SD   S N N 260 
MET CE   C N N 261 
MET OXT  O N N 262 
MET H    H N N 263 
MET H2   H N N 264 
MET HA   H N N 265 
MET HB2  H N N 266 
MET HB3  H N N 267 
MET HG2  H N N 268 
MET HG3  H N N 269 
MET HE1  H N N 270 
MET HE2  H N N 271 
MET HE3  H N N 272 
MET HXT  H N N 273 
PHE N    N N N 274 
PHE CA   C N S 275 
PHE C    C N N 276 
PHE O    O N N 277 
PHE CB   C N N 278 
PHE CG   C Y N 279 
PHE CD1  C Y N 280 
PHE CD2  C Y N 281 
PHE CE1  C Y N 282 
PHE CE2  C Y N 283 
PHE CZ   C Y N 284 
PHE OXT  O N N 285 
PHE H    H N N 286 
PHE H2   H N N 287 
PHE HA   H N N 288 
PHE HB2  H N N 289 
PHE HB3  H N N 290 
PHE HD1  H N N 291 
PHE HD2  H N N 292 
PHE HE1  H N N 293 
PHE HE2  H N N 294 
PHE HZ   H N N 295 
PHE HXT  H N N 296 
PRO N    N N N 297 
PRO CA   C N S 298 
PRO C    C N N 299 
PRO O    O N N 300 
PRO CB   C N N 301 
PRO CG   C N N 302 
PRO CD   C N N 303 
PRO OXT  O N N 304 
PRO H    H N N 305 
PRO HA   H N N 306 
PRO HB2  H N N 307 
PRO HB3  H N N 308 
PRO HG2  H N N 309 
PRO HG3  H N N 310 
PRO HD2  H N N 311 
PRO HD3  H N N 312 
PRO HXT  H N N 313 
SER N    N N N 314 
SER CA   C N S 315 
SER C    C N N 316 
SER O    O N N 317 
SER CB   C N N 318 
SER OG   O N N 319 
SER OXT  O N N 320 
SER H    H N N 321 
SER H2   H N N 322 
SER HA   H N N 323 
SER HB2  H N N 324 
SER HB3  H N N 325 
SER HG   H N N 326 
SER HXT  H N N 327 
SO4 S    S N N 328 
SO4 O1   O N N 329 
SO4 O2   O N N 330 
SO4 O3   O N N 331 
SO4 O4   O N N 332 
THR N    N N N 333 
THR CA   C N S 334 
THR C    C N N 335 
THR O    O N N 336 
THR CB   C N R 337 
THR OG1  O N N 338 
THR CG2  C N N 339 
THR OXT  O N N 340 
THR H    H N N 341 
THR H2   H N N 342 
THR HA   H N N 343 
THR HB   H N N 344 
THR HG1  H N N 345 
THR HG21 H N N 346 
THR HG22 H N N 347 
THR HG23 H N N 348 
THR HXT  H N N 349 
TRP N    N N N 350 
TRP CA   C N S 351 
TRP C    C N N 352 
TRP O    O N N 353 
TRP CB   C N N 354 
TRP CG   C Y N 355 
TRP CD1  C Y N 356 
TRP CD2  C Y N 357 
TRP NE1  N Y N 358 
TRP CE2  C Y N 359 
TRP CE3  C Y N 360 
TRP CZ2  C Y N 361 
TRP CZ3  C Y N 362 
TRP CH2  C Y N 363 
TRP OXT  O N N 364 
TRP H    H N N 365 
TRP H2   H N N 366 
TRP HA   H N N 367 
TRP HB2  H N N 368 
TRP HB3  H N N 369 
TRP HD1  H N N 370 
TRP HE1  H N N 371 
TRP HE3  H N N 372 
TRP HZ2  H N N 373 
TRP HZ3  H N N 374 
TRP HH2  H N N 375 
TRP HXT  H N N 376 
TYR N    N N N 377 
TYR CA   C N S 378 
TYR C    C N N 379 
TYR O    O N N 380 
TYR CB   C N N 381 
TYR CG   C Y N 382 
TYR CD1  C Y N 383 
TYR CD2  C Y N 384 
TYR CE1  C Y N 385 
TYR CE2  C Y N 386 
TYR CZ   C Y N 387 
TYR OH   O N N 388 
TYR OXT  O N N 389 
TYR H    H N N 390 
TYR H2   H N N 391 
TYR HA   H N N 392 
TYR HB2  H N N 393 
TYR HB3  H N N 394 
TYR HD1  H N N 395 
TYR HD2  H N N 396 
TYR HE1  H N N 397 
TYR HE2  H N N 398 
TYR HH   H N N 399 
TYR HXT  H N N 400 
VAL N    N N N 401 
VAL CA   C N S 402 
VAL C    C N N 403 
VAL O    O N N 404 
VAL CB   C N N 405 
VAL CG1  C N N 406 
VAL CG2  C N N 407 
VAL OXT  O N N 408 
VAL H    H N N 409 
VAL H2   H N N 410 
VAL HA   H N N 411 
VAL HB   H N N 412 
VAL HG11 H N N 413 
VAL HG12 H N N 414 
VAL HG13 H N N 415 
VAL HG21 H N N 416 
VAL HG22 H N N 417 
VAL HG23 H N N 418 
VAL HXT  H N N 419 
# 
loop_
_chem_comp_bond.comp_id 
_chem_comp_bond.atom_id_1 
_chem_comp_bond.atom_id_2 
_chem_comp_bond.value_order 
_chem_comp_bond.pdbx_aromatic_flag 
_chem_comp_bond.pdbx_stereo_config 
_chem_comp_bond.pdbx_ordinal 
ALA N   CA   sing N N 1   
ALA N   H    sing N N 2   
ALA N   H2   sing N N 3   
ALA CA  C    sing N N 4   
ALA CA  CB   sing N N 5   
ALA CA  HA   sing N N 6   
ALA C   O    doub N N 7   
ALA C   OXT  sing N N 8   
ALA CB  HB1  sing N N 9   
ALA CB  HB2  sing N N 10  
ALA CB  HB3  sing N N 11  
ALA OXT HXT  sing N N 12  
ARG N   CA   sing N N 13  
ARG N   H    sing N N 14  
ARG N   H2   sing N N 15  
ARG CA  C    sing N N 16  
ARG CA  CB   sing N N 17  
ARG CA  HA   sing N N 18  
ARG C   O    doub N N 19  
ARG C   OXT  sing N N 20  
ARG CB  CG   sing N N 21  
ARG CB  HB2  sing N N 22  
ARG CB  HB3  sing N N 23  
ARG CG  CD   sing N N 24  
ARG CG  HG2  sing N N 25  
ARG CG  HG3  sing N N 26  
ARG CD  NE   sing N N 27  
ARG CD  HD2  sing N N 28  
ARG CD  HD3  sing N N 29  
ARG NE  CZ   sing N N 30  
ARG NE  HE   sing N N 31  
ARG CZ  NH1  sing N N 32  
ARG CZ  NH2  doub N N 33  
ARG NH1 HH11 sing N N 34  
ARG NH1 HH12 sing N N 35  
ARG NH2 HH21 sing N N 36  
ARG NH2 HH22 sing N N 37  
ARG OXT HXT  sing N N 38  
ASN N   CA   sing N N 39  
ASN N   H    sing N N 40  
ASN N   H2   sing N N 41  
ASN CA  C    sing N N 42  
ASN CA  CB   sing N N 43  
ASN CA  HA   sing N N 44  
ASN C   O    doub N N 45  
ASN C   OXT  sing N N 46  
ASN CB  CG   sing N N 47  
ASN CB  HB2  sing N N 48  
ASN CB  HB3  sing N N 49  
ASN CG  OD1  doub N N 50  
ASN CG  ND2  sing N N 51  
ASN ND2 HD21 sing N N 52  
ASN ND2 HD22 sing N N 53  
ASN OXT HXT  sing N N 54  
ASP N   CA   sing N N 55  
ASP N   H    sing N N 56  
ASP N   H2   sing N N 57  
ASP CA  C    sing N N 58  
ASP CA  CB   sing N N 59  
ASP CA  HA   sing N N 60  
ASP C   O    doub N N 61  
ASP C   OXT  sing N N 62  
ASP CB  CG   sing N N 63  
ASP CB  HB2  sing N N 64  
ASP CB  HB3  sing N N 65  
ASP CG  OD1  doub N N 66  
ASP CG  OD2  sing N N 67  
ASP OD2 HD2  sing N N 68  
ASP OXT HXT  sing N N 69  
CYS N   CA   sing N N 70  
CYS N   H    sing N N 71  
CYS N   H2   sing N N 72  
CYS CA  C    sing N N 73  
CYS CA  CB   sing N N 74  
CYS CA  HA   sing N N 75  
CYS C   O    doub N N 76  
CYS C   OXT  sing N N 77  
CYS CB  SG   sing N N 78  
CYS CB  HB2  sing N N 79  
CYS CB  HB3  sing N N 80  
CYS SG  HG   sing N N 81  
CYS OXT HXT  sing N N 82  
GLN N   CA   sing N N 83  
GLN N   H    sing N N 84  
GLN N   H2   sing N N 85  
GLN CA  C    sing N N 86  
GLN CA  CB   sing N N 87  
GLN CA  HA   sing N N 88  
GLN C   O    doub N N 89  
GLN C   OXT  sing N N 90  
GLN CB  CG   sing N N 91  
GLN CB  HB2  sing N N 92  
GLN CB  HB3  sing N N 93  
GLN CG  CD   sing N N 94  
GLN CG  HG2  sing N N 95  
GLN CG  HG3  sing N N 96  
GLN CD  OE1  doub N N 97  
GLN CD  NE2  sing N N 98  
GLN NE2 HE21 sing N N 99  
GLN NE2 HE22 sing N N 100 
GLN OXT HXT  sing N N 101 
GLU N   CA   sing N N 102 
GLU N   H    sing N N 103 
GLU N   H2   sing N N 104 
GLU CA  C    sing N N 105 
GLU CA  CB   sing N N 106 
GLU CA  HA   sing N N 107 
GLU C   O    doub N N 108 
GLU C   OXT  sing N N 109 
GLU CB  CG   sing N N 110 
GLU CB  HB2  sing N N 111 
GLU CB  HB3  sing N N 112 
GLU CG  CD   sing N N 113 
GLU CG  HG2  sing N N 114 
GLU CG  HG3  sing N N 115 
GLU CD  OE1  doub N N 116 
GLU CD  OE2  sing N N 117 
GLU OE2 HE2  sing N N 118 
GLU OXT HXT  sing N N 119 
GLY N   CA   sing N N 120 
GLY N   H    sing N N 121 
GLY N   H2   sing N N 122 
GLY CA  C    sing N N 123 
GLY CA  HA2  sing N N 124 
GLY CA  HA3  sing N N 125 
GLY C   O    doub N N 126 
GLY C   OXT  sing N N 127 
GLY OXT HXT  sing N N 128 
HIS N   CA   sing N N 129 
HIS N   H    sing N N 130 
HIS N   H2   sing N N 131 
HIS CA  C    sing N N 132 
HIS CA  CB   sing N N 133 
HIS CA  HA   sing N N 134 
HIS C   O    doub N N 135 
HIS C   OXT  sing N N 136 
HIS CB  CG   sing N N 137 
HIS CB  HB2  sing N N 138 
HIS CB  HB3  sing N N 139 
HIS CG  ND1  sing Y N 140 
HIS CG  CD2  doub Y N 141 
HIS ND1 CE1  doub Y N 142 
HIS ND1 HD1  sing N N 143 
HIS CD2 NE2  sing Y N 144 
HIS CD2 HD2  sing N N 145 
HIS CE1 NE2  sing Y N 146 
HIS CE1 HE1  sing N N 147 
HIS NE2 HE2  sing N N 148 
HIS OXT HXT  sing N N 149 
HOH O   H1   sing N N 150 
HOH O   H2   sing N N 151 
ILE N   CA   sing N N 152 
ILE N   H    sing N N 153 
ILE N   H2   sing N N 154 
ILE CA  C    sing N N 155 
ILE CA  CB   sing N N 156 
ILE CA  HA   sing N N 157 
ILE C   O    doub N N 158 
ILE C   OXT  sing N N 159 
ILE CB  CG1  sing N N 160 
ILE CB  CG2  sing N N 161 
ILE CB  HB   sing N N 162 
ILE CG1 CD1  sing N N 163 
ILE CG1 HG12 sing N N 164 
ILE CG1 HG13 sing N N 165 
ILE CG2 HG21 sing N N 166 
ILE CG2 HG22 sing N N 167 
ILE CG2 HG23 sing N N 168 
ILE CD1 HD11 sing N N 169 
ILE CD1 HD12 sing N N 170 
ILE CD1 HD13 sing N N 171 
ILE OXT HXT  sing N N 172 
LEU N   CA   sing N N 173 
LEU N   H    sing N N 174 
LEU N   H2   sing N N 175 
LEU CA  C    sing N N 176 
LEU CA  CB   sing N N 177 
LEU CA  HA   sing N N 178 
LEU C   O    doub N N 179 
LEU C   OXT  sing N N 180 
LEU CB  CG   sing N N 181 
LEU CB  HB2  sing N N 182 
LEU CB  HB3  sing N N 183 
LEU CG  CD1  sing N N 184 
LEU CG  CD2  sing N N 185 
LEU CG  HG   sing N N 186 
LEU CD1 HD11 sing N N 187 
LEU CD1 HD12 sing N N 188 
LEU CD1 HD13 sing N N 189 
LEU CD2 HD21 sing N N 190 
LEU CD2 HD22 sing N N 191 
LEU CD2 HD23 sing N N 192 
LEU OXT HXT  sing N N 193 
LYS N   CA   sing N N 194 
LYS N   H    sing N N 195 
LYS N   H2   sing N N 196 
LYS CA  C    sing N N 197 
LYS CA  CB   sing N N 198 
LYS CA  HA   sing N N 199 
LYS C   O    doub N N 200 
LYS C   OXT  sing N N 201 
LYS CB  CG   sing N N 202 
LYS CB  HB2  sing N N 203 
LYS CB  HB3  sing N N 204 
LYS CG  CD   sing N N 205 
LYS CG  HG2  sing N N 206 
LYS CG  HG3  sing N N 207 
LYS CD  CE   sing N N 208 
LYS CD  HD2  sing N N 209 
LYS CD  HD3  sing N N 210 
LYS CE  NZ   sing N N 211 
LYS CE  HE2  sing N N 212 
LYS CE  HE3  sing N N 213 
LYS NZ  HZ1  sing N N 214 
LYS NZ  HZ2  sing N N 215 
LYS NZ  HZ3  sing N N 216 
LYS OXT HXT  sing N N 217 
MAN C1  C2   sing N N 218 
MAN C1  O1   sing N N 219 
MAN C1  O5   sing N N 220 
MAN C1  H1   sing N N 221 
MAN C2  C3   sing N N 222 
MAN C2  O2   sing N N 223 
MAN C2  H2   sing N N 224 
MAN C3  C4   sing N N 225 
MAN C3  O3   sing N N 226 
MAN C3  H3   sing N N 227 
MAN C4  C5   sing N N 228 
MAN C4  O4   sing N N 229 
MAN C4  H4   sing N N 230 
MAN C5  C6   sing N N 231 
MAN C5  O5   sing N N 232 
MAN C5  H5   sing N N 233 
MAN C6  O6   sing N N 234 
MAN C6  H61  sing N N 235 
MAN C6  H62  sing N N 236 
MAN O1  HO1  sing N N 237 
MAN O2  HO2  sing N N 238 
MAN O3  HO3  sing N N 239 
MAN O4  HO4  sing N N 240 
MAN O6  HO6  sing N N 241 
MET N   CA   sing N N 242 
MET N   H    sing N N 243 
MET N   H2   sing N N 244 
MET CA  C    sing N N 245 
MET CA  CB   sing N N 246 
MET CA  HA   sing N N 247 
MET C   O    doub N N 248 
MET C   OXT  sing N N 249 
MET CB  CG   sing N N 250 
MET CB  HB2  sing N N 251 
MET CB  HB3  sing N N 252 
MET CG  SD   sing N N 253 
MET CG  HG2  sing N N 254 
MET CG  HG3  sing N N 255 
MET SD  CE   sing N N 256 
MET CE  HE1  sing N N 257 
MET CE  HE2  sing N N 258 
MET CE  HE3  sing N N 259 
MET OXT HXT  sing N N 260 
PHE N   CA   sing N N 261 
PHE N   H    sing N N 262 
PHE N   H2   sing N N 263 
PHE CA  C    sing N N 264 
PHE CA  CB   sing N N 265 
PHE CA  HA   sing N N 266 
PHE C   O    doub N N 267 
PHE C   OXT  sing N N 268 
PHE CB  CG   sing N N 269 
PHE CB  HB2  sing N N 270 
PHE CB  HB3  sing N N 271 
PHE CG  CD1  doub Y N 272 
PHE CG  CD2  sing Y N 273 
PHE CD1 CE1  sing Y N 274 
PHE CD1 HD1  sing N N 275 
PHE CD2 CE2  doub Y N 276 
PHE CD2 HD2  sing N N 277 
PHE CE1 CZ   doub Y N 278 
PHE CE1 HE1  sing N N 279 
PHE CE2 CZ   sing Y N 280 
PHE CE2 HE2  sing N N 281 
PHE CZ  HZ   sing N N 282 
PHE OXT HXT  sing N N 283 
PRO N   CA   sing N N 284 
PRO N   CD   sing N N 285 
PRO N   H    sing N N 286 
PRO CA  C    sing N N 287 
PRO CA  CB   sing N N 288 
PRO CA  HA   sing N N 289 
PRO C   O    doub N N 290 
PRO C   OXT  sing N N 291 
PRO CB  CG   sing N N 292 
PRO CB  HB2  sing N N 293 
PRO CB  HB3  sing N N 294 
PRO CG  CD   sing N N 295 
PRO CG  HG2  sing N N 296 
PRO CG  HG3  sing N N 297 
PRO CD  HD2  sing N N 298 
PRO CD  HD3  sing N N 299 
PRO OXT HXT  sing N N 300 
SER N   CA   sing N N 301 
SER N   H    sing N N 302 
SER N   H2   sing N N 303 
SER CA  C    sing N N 304 
SER CA  CB   sing N N 305 
SER CA  HA   sing N N 306 
SER C   O    doub N N 307 
SER C   OXT  sing N N 308 
SER CB  OG   sing N N 309 
SER CB  HB2  sing N N 310 
SER CB  HB3  sing N N 311 
SER OG  HG   sing N N 312 
SER OXT HXT  sing N N 313 
SO4 S   O1   doub N N 314 
SO4 S   O2   doub N N 315 
SO4 S   O3   sing N N 316 
SO4 S   O4   sing N N 317 
THR N   CA   sing N N 318 
THR N   H    sing N N 319 
THR N   H2   sing N N 320 
THR CA  C    sing N N 321 
THR CA  CB   sing N N 322 
THR CA  HA   sing N N 323 
THR C   O    doub N N 324 
THR C   OXT  sing N N 325 
THR CB  OG1  sing N N 326 
THR CB  CG2  sing N N 327 
THR CB  HB   sing N N 328 
THR OG1 HG1  sing N N 329 
THR CG2 HG21 sing N N 330 
THR CG2 HG22 sing N N 331 
THR CG2 HG23 sing N N 332 
THR OXT HXT  sing N N 333 
TRP N   CA   sing N N 334 
TRP N   H    sing N N 335 
TRP N   H2   sing N N 336 
TRP CA  C    sing N N 337 
TRP CA  CB   sing N N 338 
TRP CA  HA   sing N N 339 
TRP C   O    doub N N 340 
TRP C   OXT  sing N N 341 
TRP CB  CG   sing N N 342 
TRP CB  HB2  sing N N 343 
TRP CB  HB3  sing N N 344 
TRP CG  CD1  doub Y N 345 
TRP CG  CD2  sing Y N 346 
TRP CD1 NE1  sing Y N 347 
TRP CD1 HD1  sing N N 348 
TRP CD2 CE2  doub Y N 349 
TRP CD2 CE3  sing Y N 350 
TRP NE1 CE2  sing Y N 351 
TRP NE1 HE1  sing N N 352 
TRP CE2 CZ2  sing Y N 353 
TRP CE3 CZ3  doub Y N 354 
TRP CE3 HE3  sing N N 355 
TRP CZ2 CH2  doub Y N 356 
TRP CZ2 HZ2  sing N N 357 
TRP CZ3 CH2  sing Y N 358 
TRP CZ3 HZ3  sing N N 359 
TRP CH2 HH2  sing N N 360 
TRP OXT HXT  sing N N 361 
TYR N   CA   sing N N 362 
TYR N   H    sing N N 363 
TYR N   H2   sing N N 364 
TYR CA  C    sing N N 365 
TYR CA  CB   sing N N 366 
TYR CA  HA   sing N N 367 
TYR C   O    doub N N 368 
TYR C   OXT  sing N N 369 
TYR CB  CG   sing N N 370 
TYR CB  HB2  sing N N 371 
TYR CB  HB3  sing N N 372 
TYR CG  CD1  doub Y N 373 
TYR CG  CD2  sing Y N 374 
TYR CD1 CE1  sing Y N 375 
TYR CD1 HD1  sing N N 376 
TYR CD2 CE2  doub Y N 377 
TYR CD2 HD2  sing N N 378 
TYR CE1 CZ   doub Y N 379 
TYR CE1 HE1  sing N N 380 
TYR CE2 CZ   sing Y N 381 
TYR CE2 HE2  sing N N 382 
TYR CZ  OH   sing N N 383 
TYR OH  HH   sing N N 384 
TYR OXT HXT  sing N N 385 
VAL N   CA   sing N N 386 
VAL N   H    sing N N 387 
VAL N   H2   sing N N 388 
VAL CA  C    sing N N 389 
VAL CA  CB   sing N N 390 
VAL CA  HA   sing N N 391 
VAL C   O    doub N N 392 
VAL C   OXT  sing N N 393 
VAL CB  CG1  sing N N 394 
VAL CB  CG2  sing N N 395 
VAL CB  HB   sing N N 396 
VAL CG1 HG11 sing N N 397 
VAL CG1 HG12 sing N N 398 
VAL CG1 HG13 sing N N 399 
VAL CG2 HG21 sing N N 400 
VAL CG2 HG22 sing N N 401 
VAL CG2 HG23 sing N N 402 
VAL OXT HXT  sing N N 403 
# 
loop_
_pdbx_entity_branch_list.entity_id 
_pdbx_entity_branch_list.comp_id 
_pdbx_entity_branch_list.num 
_pdbx_entity_branch_list.hetero 
2 MAN 1 n 
2 MAN 2 n 
# 
_pdbx_initial_refinement_model.id               1 
_pdbx_initial_refinement_model.entity_id_list   ? 
_pdbx_initial_refinement_model.type             'experimental model' 
_pdbx_initial_refinement_model.source_name      PDB 
_pdbx_initial_refinement_model.accession_code   3A0D 
_pdbx_initial_refinement_model.details          'PDB ENTRY 3A0D' 
# 
_atom_sites.entry_id                    3A0E 
_atom_sites.fract_transf_matrix[1][1]   -0.01038685 
_atom_sites.fract_transf_matrix[1][2]   -0.00593153 
_atom_sites.fract_transf_matrix[1][3]   0.00915524 
_atom_sites.fract_transf_matrix[2][1]   -0.00227436 
_atom_sites.fract_transf_matrix[2][2]   0.00593580 
_atom_sites.fract_transf_matrix[2][3]   0.01365605 
_atom_sites.fract_transf_matrix[3][1]   -0.01121761 
_atom_sites.fract_transf_matrix[3][2]   0.01003043 
_atom_sites.fract_transf_matrix[3][3]   -0.00622812 
_atom_sites.fract_transf_vector[1]      0.161921 
_atom_sites.fract_transf_vector[2]      -0.384383 
_atom_sites.fract_transf_vector[3]      -0.136898 
# 
loop_
_atom_type.symbol 
C 
N 
O 
S 
# 
loop_
_atom_site.group_PDB 
_atom_site.id 
_atom_site.type_symbol 
_atom_site.label_atom_id 
_atom_site.label_alt_id 
_atom_site.label_comp_id 
_atom_site.label_asym_id 
_atom_site.label_entity_id 
_atom_site.label_seq_id 
_atom_site.pdbx_PDB_ins_code 
_atom_site.Cartn_x 
_atom_site.Cartn_y 
_atom_site.Cartn_z 
_atom_site.occupancy 
_atom_site.B_iso_or_equiv 
_atom_site.pdbx_formal_charge 
_atom_site.auth_seq_id 
_atom_site.auth_comp_id 
_atom_site.auth_asym_id 
_atom_site.auth_atom_id 
_atom_site.pdbx_PDB_model_num 
ATOM   1    N N   . VAL A 1 1   ? 9.512   7.695   3.091   1.00 22.13 ? 1   VAL A N   1 
ATOM   2    C CA  . VAL A 1 1   ? 9.483   6.668   2.011   1.00 20.84 ? 1   VAL A CA  1 
ATOM   3    C C   . VAL A 1 1   ? 8.146   6.753   1.293   1.00 19.54 ? 1   VAL A C   1 
ATOM   4    O O   . VAL A 1 1   ? 7.115   6.981   1.927   1.00 19.48 ? 1   VAL A O   1 
ATOM   5    C CB  . VAL A 1 1   ? 9.654   5.243   2.596   1.00 22.27 ? 1   VAL A CB  1 
ATOM   6    C CG1 . VAL A 1 1   ? 8.498   4.916   3.534   1.00 24.54 ? 1   VAL A CG1 1 
ATOM   7    C CG2 . VAL A 1 1   ? 9.722   4.225   1.476   1.00 22.12 ? 1   VAL A CG2 1 
ATOM   8    N N   . ASN A 1 2   ? 8.152   6.587   -0.027  1.00 15.88 ? 2   ASN A N   1 
ATOM   9    C CA  . ASN A 1 2   ? 6.899   6.647   -0.775  1.00 17.02 ? 2   ASN A CA  1 
ATOM   10   C C   . ASN A 1 2   ? 6.617   5.367   -1.554  1.00 14.65 ? 2   ASN A C   1 
ATOM   11   O O   . ASN A 1 2   ? 5.881   5.386   -2.537  1.00 14.48 ? 2   ASN A O   1 
ATOM   12   C CB  . ASN A 1 2   ? 6.890   7.843   -1.728  1.00 15.19 ? 2   ASN A CB  1 
ATOM   13   C CG  . ASN A 1 2   ? 8.019   7.795   -2.738  1.00 19.05 ? 2   ASN A CG  1 
ATOM   14   O OD1 . ASN A 1 2   ? 9.189   7.922   -2.383  1.00 21.96 ? 2   ASN A OD1 1 
ATOM   15   N ND2 . ASN A 1 2   ? 7.672   7.609   -4.005  1.00 16.15 ? 2   ASN A ND2 1 
ATOM   16   N N   . SER A 1 3   ? 7.192   4.255   -1.104  1.00 14.24 ? 3   SER A N   1 
ATOM   17   C CA  . SER A 1 3   ? 6.990   2.975   -1.773  1.00 13.62 ? 3   SER A CA  1 
ATOM   18   C C   . SER A 1 3   ? 6.894   1.819   -0.785  1.00 14.06 ? 3   SER A C   1 
ATOM   19   O O   . SER A 1 3   ? 7.405   1.895   0.334   1.00 13.42 ? 3   SER A O   1 
ATOM   20   C CB  . SER A 1 3   ? 8.144   2.695   -2.743  1.00 14.46 ? 3   SER A CB  1 
ATOM   21   O OG  . SER A 1 3   ? 9.358   2.466   -2.038  1.00 15.12 ? 3   SER A OG  1 
ATOM   22   N N   . LEU A 1 4   ? 6.230   0.751   -1.217  1.00 13.79 ? 4   LEU A N   1 
ATOM   23   C CA  . LEU A 1 4   ? 6.075   -0.459  -0.420  1.00 14.61 ? 4   LEU A CA  1 
ATOM   24   C C   . LEU A 1 4   ? 6.355   -1.612  -1.375  1.00 14.89 ? 4   LEU A C   1 
ATOM   25   O O   . LEU A 1 4   ? 5.633   -1.800  -2.351  1.00 16.10 ? 4   LEU A O   1 
ATOM   26   C CB  . LEU A 1 4   ? 4.651   -0.588  0.132   1.00 12.39 ? 4   LEU A CB  1 
ATOM   27   C CG  . LEU A 1 4   ? 4.353   -1.896  0.887   1.00 12.96 ? 4   LEU A CG  1 
ATOM   28   C CD1 . LEU A 1 4   ? 5.117   -1.926  2.215   1.00 14.12 ? 4   LEU A CD1 1 
ATOM   29   C CD2 . LEU A 1 4   ? 2.854   -2.004  1.145   1.00 13.76 ? 4   LEU A CD2 1 
ATOM   30   N N   . SER A 1 5   ? 7.408   -2.376  -1.102  1.00 13.99 ? 5   SER A N   1 
ATOM   31   C CA  . SER A 1 5   ? 7.766   -3.495  -1.962  1.00 15.18 ? 5   SER A CA  1 
ATOM   32   C C   . SER A 1 5   ? 7.244   -4.820  -1.419  1.00 14.67 ? 5   SER A C   1 
ATOM   33   O O   . SER A 1 5   ? 7.310   -5.078  -0.216  1.00 15.89 ? 5   SER A O   1 
ATOM   34   C CB  . SER A 1 5   ? 9.288   -3.564  -2.119  1.00 15.70 ? 5   SER A CB  1 
ATOM   35   O OG  . SER A 1 5   ? 9.787   -2.379  -2.716  1.00 16.22 ? 5   SER A OG  1 
ATOM   36   N N   . SER A 1 6   ? 6.723   -5.659  -2.309  1.00 14.53 ? 6   SER A N   1 
ATOM   37   C CA  . SER A 1 6   ? 6.208   -6.964  -1.901  1.00 13.63 ? 6   SER A CA  1 
ATOM   38   C C   . SER A 1 6   ? 7.371   -7.759  -1.317  1.00 14.76 ? 6   SER A C   1 
ATOM   39   O O   . SER A 1 6   ? 8.523   -7.572  -1.717  1.00 13.70 ? 6   SER A O   1 
ATOM   40   C CB  . SER A 1 6   ? 5.616   -7.711  -3.104  1.00 13.39 ? 6   SER A CB  1 
ATOM   41   O OG  . SER A 1 6   ? 6.618   -8.045  -4.051  1.00 13.01 ? 6   SER A OG  1 
ATOM   42   N N   . PRO A 1 7   ? 7.090   -8.666  -0.370  1.00 14.70 ? 7   PRO A N   1 
ATOM   43   C CA  . PRO A 1 7   ? 5.774   -8.997  0.186   1.00 14.27 ? 7   PRO A CA  1 
ATOM   44   C C   . PRO A 1 7   ? 5.493   -8.246  1.490   1.00 14.63 ? 7   PRO A C   1 
ATOM   45   O O   . PRO A 1 7   ? 4.721   -8.712  2.332   1.00 15.52 ? 7   PRO A O   1 
ATOM   46   C CB  . PRO A 1 7   ? 5.890   -10.494 0.414   1.00 14.34 ? 7   PRO A CB  1 
ATOM   47   C CG  . PRO A 1 7   ? 7.296   -10.600 0.962   1.00 17.27 ? 7   PRO A CG  1 
ATOM   48   C CD  . PRO A 1 7   ? 8.106   -9.639  0.080   1.00 16.90 ? 7   PRO A CD  1 
ATOM   49   N N   . ASN A 1 8   ? 6.109   -7.079  1.642   1.00 13.69 ? 8   ASN A N   1 
ATOM   50   C CA  . ASN A 1 8   ? 5.969   -6.285  2.856   1.00 15.71 ? 8   ASN A CA  1 
ATOM   51   C C   . ASN A 1 8   ? 4.622   -5.618  3.083   1.00 16.11 ? 8   ASN A C   1 
ATOM   52   O O   . ASN A 1 8   ? 3.794   -5.520  2.179   1.00 16.01 ? 8   ASN A O   1 
ATOM   53   C CB  . ASN A 1 8   ? 7.082   -5.239  2.909   1.00 16.28 ? 8   ASN A CB  1 
ATOM   54   C CG  . ASN A 1 8   ? 8.457   -5.874  2.917   1.00 21.04 ? 8   ASN A CG  1 
ATOM   55   O OD1 . ASN A 1 8   ? 8.765   -6.681  3.792   1.00 24.62 ? 8   ASN A OD1 1 
ATOM   56   N ND2 . ASN A 1 8   ? 9.286   -5.522  1.938   1.00 20.60 ? 8   ASN A ND2 1 
ATOM   57   N N   . SER A 1 9   ? 4.423   -5.153  4.312   1.00 16.48 ? 9   SER A N   1 
ATOM   58   C CA  . SER A 1 9   ? 3.179   -4.506  4.701   1.00 16.25 ? 9   SER A CA  1 
ATOM   59   C C   . SER A 1 9   ? 3.380   -3.107  5.260   1.00 16.46 ? 9   SER A C   1 
ATOM   60   O O   . SER A 1 9   ? 4.458   -2.760  5.741   1.00 16.54 ? 9   SER A O   1 
ATOM   61   C CB  . SER A 1 9   ? 2.462   -5.340  5.774   1.00 17.31 ? 9   SER A CB  1 
ATOM   62   O OG  . SER A 1 9   ? 2.075   -6.611  5.289   1.00 17.76 ? 9   SER A OG  1 
ATOM   63   N N   . LEU A 1 10  ? 2.321   -2.311  5.178   1.00 16.26 ? 10  LEU A N   1 
ATOM   64   C CA  . LEU A 1 10  ? 2.298   -0.966  5.730   1.00 17.68 ? 10  LEU A CA  1 
ATOM   65   C C   . LEU A 1 10  ? 1.392   -1.208  6.931   1.00 17.15 ? 10  LEU A C   1 
ATOM   66   O O   . LEU A 1 10  ? 0.216   -1.530  6.764   1.00 16.04 ? 10  LEU A O   1 
ATOM   67   C CB  . LEU A 1 10  ? 1.638   0.011   4.749   1.00 16.86 ? 10  LEU A CB  1 
ATOM   68   C CG  . LEU A 1 10  ? 1.599   1.487   5.159   1.00 19.28 ? 10  LEU A CG  1 
ATOM   69   C CD1 . LEU A 1 10  ? 3.017   2.010   5.368   1.00 18.18 ? 10  LEU A CD1 1 
ATOM   70   C CD2 . LEU A 1 10  ? 0.894   2.287   4.072   1.00 19.34 ? 10  LEU A CD2 1 
ATOM   71   N N   . PHE A 1 11  ? 1.933   -1.089  8.138   1.00 19.24 ? 11  PHE A N   1 
ATOM   72   C CA  . PHE A 1 11  ? 1.127   -1.355  9.321   1.00 20.27 ? 11  PHE A CA  1 
ATOM   73   C C   . PHE A 1 11  ? 0.293   -0.178  9.808   1.00 21.04 ? 11  PHE A C   1 
ATOM   74   O O   . PHE A 1 11  ? 0.453   0.948   9.344   1.00 21.14 ? 11  PHE A O   1 
ATOM   75   C CB  . PHE A 1 11  ? 2.011   -1.897  10.448  1.00 22.89 ? 11  PHE A CB  1 
ATOM   76   C CG  . PHE A 1 11  ? 2.662   -3.215  10.120  1.00 24.53 ? 11  PHE A CG  1 
ATOM   77   C CD1 . PHE A 1 11  ? 3.879   -3.259  9.448   1.00 26.20 ? 11  PHE A CD1 1 
ATOM   78   C CD2 . PHE A 1 11  ? 2.035   -4.415  10.447  1.00 25.89 ? 11  PHE A CD2 1 
ATOM   79   C CE1 . PHE A 1 11  ? 4.464   -4.480  9.104   1.00 28.47 ? 11  PHE A CE1 1 
ATOM   80   C CE2 . PHE A 1 11  ? 2.609   -5.641  10.108  1.00 27.38 ? 11  PHE A CE2 1 
ATOM   81   C CZ  . PHE A 1 11  ? 3.826   -5.675  9.436   1.00 27.99 ? 11  PHE A CZ  1 
ATOM   82   N N   . THR A 1 12  ? -0.604  -0.464  10.746  1.00 22.05 ? 12  THR A N   1 
ATOM   83   C CA  . THR A 1 12  ? -1.505  0.533   11.308  1.00 22.38 ? 12  THR A CA  1 
ATOM   84   C C   . THR A 1 12  ? -0.824  1.842   11.681  1.00 21.65 ? 12  THR A C   1 
ATOM   85   O O   . THR A 1 12  ? 0.173   1.853   12.401  1.00 20.80 ? 12  THR A O   1 
ATOM   86   C CB  . THR A 1 12  ? -2.207  -0.009  12.569  1.00 24.64 ? 12  THR A CB  1 
ATOM   87   O OG1 . THR A 1 12  ? -2.726  -1.319  12.305  1.00 27.89 ? 12  THR A OG1 1 
ATOM   88   C CG2 . THR A 1 12  ? -3.348  0.908   12.972  1.00 23.42 ? 12  THR A CG2 1 
ATOM   89   N N   . GLY A 1 13  ? -1.375  2.944   11.182  1.00 21.31 ? 13  GLY A N   1 
ATOM   90   C CA  . GLY A 1 13  ? -0.837  4.256   11.487  1.00 22.75 ? 13  GLY A CA  1 
ATOM   91   C C   . GLY A 1 13  ? 0.354   4.692   10.658  1.00 22.81 ? 13  GLY A C   1 
ATOM   92   O O   . GLY A 1 13  ? 0.809   5.827   10.785  1.00 24.92 ? 13  GLY A O   1 
ATOM   93   N N   . HIS A 1 14  ? 0.863   3.804   9.811   1.00 21.99 ? 14  HIS A N   1 
ATOM   94   C CA  . HIS A 1 14  ? 2.015   4.130   8.976   1.00 21.48 ? 14  HIS A CA  1 
ATOM   95   C C   . HIS A 1 14  ? 1.587   4.618   7.595   1.00 20.13 ? 14  HIS A C   1 
ATOM   96   O O   . HIS A 1 14  ? 0.528   4.233   7.096   1.00 16.15 ? 14  HIS A O   1 
ATOM   97   C CB  . HIS A 1 14  ? 2.928   2.911   8.869   1.00 24.44 ? 14  HIS A CB  1 
ATOM   98   C CG  . HIS A 1 14  ? 3.579   2.545   10.165  1.00 28.72 ? 14  HIS A CG  1 
ATOM   99   N ND1 . HIS A 1 14  ? 4.693   3.200   10.647  1.00 31.45 ? 14  HIS A ND1 1 
ATOM   100  C CD2 . HIS A 1 14  ? 3.236   1.640   11.112  1.00 29.83 ? 14  HIS A CD2 1 
ATOM   101  C CE1 . HIS A 1 14  ? 5.007   2.714   11.835  1.00 32.49 ? 14  HIS A CE1 1 
ATOM   102  N NE2 . HIS A 1 14  ? 4.138   1.766   12.141  1.00 31.12 ? 14  HIS A NE2 1 
ATOM   103  N N   . SER A 1 15  ? 2.421   5.456   6.984   1.00 18.35 ? 15  SER A N   1 
ATOM   104  C CA  . SER A 1 15  ? 2.105   6.039   5.687   1.00 19.51 ? 15  SER A CA  1 
ATOM   105  C C   . SER A 1 15  ? 3.253   6.066   4.685   1.00 19.04 ? 15  SER A C   1 
ATOM   106  O O   . SER A 1 15  ? 4.418   5.865   5.028   1.00 18.26 ? 15  SER A O   1 
ATOM   107  C CB  . SER A 1 15  ? 1.653   7.494   5.873   1.00 20.35 ? 15  SER A CB  1 
ATOM   108  O OG  . SER A 1 15  ? 0.836   7.667   7.017   1.00 25.54 ? 15  SER A OG  1 
ATOM   109  N N   . LEU A 1 16  ? 2.891   6.320   3.433   1.00 17.41 ? 16  LEU A N   1 
ATOM   110  C CA  . LEU A 1 16  ? 3.859   6.505   2.365   1.00 16.38 ? 16  LEU A CA  1 
ATOM   111  C C   . LEU A 1 16  ? 3.673   7.999   2.166   1.00 18.27 ? 16  LEU A C   1 
ATOM   112  O O   . LEU A 1 16  ? 2.542   8.494   2.233   1.00 16.82 ? 16  LEU A O   1 
ATOM   113  C CB  . LEU A 1 16  ? 3.464   5.754   1.093   1.00 14.32 ? 16  LEU A CB  1 
ATOM   114  C CG  . LEU A 1 16  ? 3.505   4.229   1.192   1.00 16.00 ? 16  LEU A CG  1 
ATOM   115  C CD1 . LEU A 1 16  ? 3.363   3.630   -0.203  1.00 16.06 ? 16  LEU A CD1 1 
ATOM   116  C CD2 . LEU A 1 16  ? 4.819   3.790   1.831   1.00 14.51 ? 16  LEU A CD2 1 
ATOM   117  N N   . GLU A 1 17  ? 4.758   8.728   1.947   1.00 18.58 ? 17  GLU A N   1 
ATOM   118  C CA  . GLU A 1 17  ? 4.635   10.167  1.787   1.00 20.01 ? 17  GLU A CA  1 
ATOM   119  C C   . GLU A 1 17  ? 5.549   10.749  0.729   1.00 19.81 ? 17  GLU A C   1 
ATOM   120  O O   . GLU A 1 17  ? 6.675   10.288  0.525   1.00 18.92 ? 17  GLU A O   1 
ATOM   121  C CB  . GLU A 1 17  ? 4.903   10.864  3.128   1.00 22.57 ? 17  GLU A CB  1 
ATOM   122  C CG  . GLU A 1 17  ? 3.894   10.518  4.219   1.00 27.12 ? 17  GLU A CG  1 
ATOM   123  C CD  . GLU A 1 17  ? 4.290   11.039  5.591   1.00 30.81 ? 17  GLU A CD  1 
ATOM   124  O OE1 . GLU A 1 17  ? 3.513   10.830  6.551   1.00 29.51 ? 17  GLU A OE1 1 
ATOM   125  O OE2 . GLU A 1 17  ? 5.374   11.652  5.715   1.00 30.15 ? 17  GLU A OE2 1 
ATOM   126  N N   . VAL A 1 18  ? 5.028   11.762  0.050   1.00 21.45 ? 18  VAL A N   1 
ATOM   127  C CA  . VAL A 1 18  ? 5.743   12.497  -0.980  1.00 25.22 ? 18  VAL A CA  1 
ATOM   128  C C   . VAL A 1 18  ? 5.473   13.939  -0.595  1.00 26.60 ? 18  VAL A C   1 
ATOM   129  O O   . VAL A 1 18  ? 4.410   14.482  -0.892  1.00 26.24 ? 18  VAL A O   1 
ATOM   130  C CB  . VAL A 1 18  ? 5.175   12.226  -2.388  1.00 26.32 ? 18  VAL A CB  1 
ATOM   131  C CG1 . VAL A 1 18  ? 5.772   13.208  -3.391  1.00 29.34 ? 18  VAL A CG1 1 
ATOM   132  C CG2 . VAL A 1 18  ? 5.496   10.811  -2.806  1.00 26.98 ? 18  VAL A CG2 1 
ATOM   133  N N   . GLY A 1 19  ? 6.429   14.534  0.109   1.00 29.87 ? 19  GLY A N   1 
ATOM   134  C CA  . GLY A 1 19  ? 6.283   15.901  0.565   1.00 29.67 ? 19  GLY A CA  1 
ATOM   135  C C   . GLY A 1 19  ? 5.944   16.868  -0.546  1.00 31.29 ? 19  GLY A C   1 
ATOM   136  O O   . GLY A 1 19  ? 6.215   16.599  -1.717  1.00 32.84 ? 19  GLY A O   1 
ATOM   137  N N   . PRO A 1 20  ? 5.346   18.015  -0.201  1.00 31.80 ? 20  PRO A N   1 
ATOM   138  C CA  . PRO A 1 20  ? 5.024   18.333  1.191   1.00 31.05 ? 20  PRO A CA  1 
ATOM   139  C C   . PRO A 1 20  ? 3.541   18.147  1.496   1.00 30.44 ? 20  PRO A C   1 
ATOM   140  O O   . PRO A 1 20  ? 3.086   18.456  2.597   1.00 31.14 ? 20  PRO A O   1 
ATOM   141  C CB  . PRO A 1 20  ? 5.430   19.790  1.291   1.00 32.97 ? 20  PRO A CB  1 
ATOM   142  C CG  . PRO A 1 20  ? 4.931   20.318  -0.025  1.00 31.73 ? 20  PRO A CG  1 
ATOM   143  C CD  . PRO A 1 20  ? 5.355   19.241  -1.023  1.00 31.91 ? 20  PRO A CD  1 
ATOM   144  N N   . SER A 1 21  ? 2.789   17.623  0.535   1.00 28.06 ? 21  SER A N   1 
ATOM   145  C CA  . SER A 1 21  ? 1.351   17.486  0.728   1.00 26.67 ? 21  SER A CA  1 
ATOM   146  C C   . SER A 1 21  ? 0.712   16.112  0.581   1.00 24.19 ? 21  SER A C   1 
ATOM   147  O O   . SER A 1 21  ? -0.434  15.933  0.983   1.00 25.33 ? 21  SER A O   1 
ATOM   148  C CB  . SER A 1 21  ? 0.632   18.451  -0.220  1.00 27.98 ? 21  SER A CB  1 
ATOM   149  O OG  . SER A 1 21  ? 1.115   19.773  -0.062  1.00 31.91 ? 21  SER A OG  1 
ATOM   150  N N   . TYR A 1 22  ? 1.428   15.143  0.019   1.00 21.29 ? 22  TYR A N   1 
ATOM   151  C CA  . TYR A 1 22  ? 0.847   13.818  -0.192  1.00 19.87 ? 22  TYR A CA  1 
ATOM   152  C C   . TYR A 1 22  ? 1.119   12.794  0.907   1.00 19.67 ? 22  TYR A C   1 
ATOM   153  O O   . TYR A 1 22  ? 2.268   12.536  1.267   1.00 17.10 ? 22  TYR A O   1 
ATOM   154  C CB  . TYR A 1 22  ? 1.319   13.258  -1.535  1.00 20.17 ? 22  TYR A CB  1 
ATOM   155  C CG  . TYR A 1 22  ? 0.990   14.132  -2.729  1.00 20.67 ? 22  TYR A CG  1 
ATOM   156  C CD1 . TYR A 1 22  ? 1.620   13.924  -3.957  1.00 21.23 ? 22  TYR A CD1 1 
ATOM   157  C CD2 . TYR A 1 22  ? 0.053   15.165  -2.636  1.00 21.33 ? 22  TYR A CD2 1 
ATOM   158  C CE1 . TYR A 1 22  ? 1.332   14.721  -5.059  1.00 20.88 ? 22  TYR A CE1 1 
ATOM   159  C CE2 . TYR A 1 22  ? -0.246  15.970  -3.739  1.00 21.83 ? 22  TYR A CE2 1 
ATOM   160  C CZ  . TYR A 1 22  ? 0.399   15.739  -4.945  1.00 22.28 ? 22  TYR A CZ  1 
ATOM   161  O OH  . TYR A 1 22  ? 0.115   16.518  -6.043  1.00 23.38 ? 22  TYR A OH  1 
ATOM   162  N N   . ARG A 1 23  ? 0.046   12.194  1.416   1.00 17.82 ? 23  ARG A N   1 
ATOM   163  C CA  . ARG A 1 23  ? 0.161   11.196  2.471   1.00 19.18 ? 23  ARG A CA  1 
ATOM   164  C C   . ARG A 1 23  ? -0.823  10.048  2.253   1.00 17.87 ? 23  ARG A C   1 
ATOM   165  O O   . ARG A 1 23  ? -2.037  10.253  2.258   1.00 19.18 ? 23  ARG A O   1 
ATOM   166  C CB  . ARG A 1 23  ? -0.101  11.844  3.834   1.00 19.76 ? 23  ARG A CB  1 
ATOM   167  C CG  . ARG A 1 23  ? 0.130   10.917  5.017   1.00 25.17 ? 23  ARG A CG  1 
ATOM   168  C CD  . ARG A 1 23  ? -0.142  11.632  6.334   1.00 30.42 ? 23  ARG A CD  1 
ATOM   169  N NE  . ARG A 1 23  ? 0.215   10.817  7.492   1.00 33.62 ? 23  ARG A NE  1 
ATOM   170  C CZ  . ARG A 1 23  ? 0.055   11.207  8.754   1.00 37.17 ? 23  ARG A CZ  1 
ATOM   171  N NH1 . ARG A 1 23  ? -0.459  12.403  9.019   1.00 37.02 ? 23  ARG A NH1 1 
ATOM   172  N NH2 . ARG A 1 23  ? 0.407   10.405  9.751   1.00 36.57 ? 23  ARG A NH2 1 
ATOM   173  N N   . LEU A 1 24  ? -0.288  8.848   2.050   1.00 17.55 ? 24  LEU A N   1 
ATOM   174  C CA  . LEU A 1 24  ? -1.105  7.650   1.843   1.00 15.99 ? 24  LEU A CA  1 
ATOM   175  C C   . LEU A 1 24  ? -0.962  6.841   3.128   1.00 16.31 ? 24  LEU A C   1 
ATOM   176  O O   . LEU A 1 24  ? 0.079   6.237   3.379   1.00 17.23 ? 24  LEU A O   1 
ATOM   177  C CB  . LEU A 1 24  ? -0.581  6.856   0.645   1.00 15.18 ? 24  LEU A CB  1 
ATOM   178  C CG  . LEU A 1 24  ? -1.342  5.589   0.257   1.00 16.32 ? 24  LEU A CG  1 
ATOM   179  C CD1 . LEU A 1 24  ? -2.797  5.929   -0.079  1.00 16.93 ? 24  LEU A CD1 1 
ATOM   180  C CD2 . LEU A 1 24  ? -0.653  4.944   -0.936  1.00 16.20 ? 24  LEU A CD2 1 
ATOM   181  N N   . ILE A 1 25  ? -2.018  6.814   3.934   1.00 15.55 ? 25  ILE A N   1 
ATOM   182  C CA  . ILE A 1 25  ? -1.945  6.143   5.226   1.00 16.62 ? 25  ILE A CA  1 
ATOM   183  C C   . ILE A 1 25  ? -2.900  4.991   5.516   1.00 16.46 ? 25  ILE A C   1 
ATOM   184  O O   . ILE A 1 25  ? -4.079  5.031   5.164   1.00 15.58 ? 25  ILE A O   1 
ATOM   185  C CB  . ILE A 1 25  ? -2.104  7.199   6.353   1.00 18.39 ? 25  ILE A CB  1 
ATOM   186  C CG1 . ILE A 1 25  ? -2.077  6.533   7.733   1.00 19.75 ? 25  ILE A CG1 1 
ATOM   187  C CG2 . ILE A 1 25  ? -3.412  7.954   6.163   1.00 19.30 ? 25  ILE A CG2 1 
ATOM   188  C CD1 . ILE A 1 25  ? -2.078  7.526   8.878   1.00 23.61 ? 25  ILE A CD1 1 
ATOM   189  N N   . MET A 1 26  ? -2.360  3.958   6.161   1.00 16.86 ? 26  MET A N   1 
ATOM   190  C CA  . MET A 1 26  ? -3.137  2.796   6.582   1.00 17.99 ? 26  MET A CA  1 
ATOM   191  C C   . MET A 1 26  ? -3.608  3.226   7.971   1.00 18.26 ? 26  MET A C   1 
ATOM   192  O O   . MET A 1 26  ? -2.864  3.130   8.947   1.00 18.55 ? 26  MET A O   1 
ATOM   193  C CB  . MET A 1 26  ? -2.238  1.559   6.687   1.00 17.10 ? 26  MET A CB  1 
ATOM   194  C CG  . MET A 1 26  ? -2.926  0.314   7.250   1.00 18.31 ? 26  MET A CG  1 
ATOM   195  S SD  . MET A 1 26  ? -4.156  -0.448  6.163   1.00 20.72 ? 26  MET A SD  1 
ATOM   196  C CE  . MET A 1 26  ? -5.674  0.354   6.741   1.00 21.74 ? 26  MET A CE  1 
ATOM   197  N N   . GLN A 1 27  ? -4.840  3.714   8.050   1.00 18.39 ? 27  GLN A N   1 
ATOM   198  C CA  . GLN A 1 27  ? -5.390  4.220   9.303   1.00 19.73 ? 27  GLN A CA  1 
ATOM   199  C C   . GLN A 1 27  ? -5.786  3.200   10.358  1.00 18.84 ? 27  GLN A C   1 
ATOM   200  O O   . GLN A 1 27  ? -6.035  2.036   10.060  1.00 18.25 ? 27  GLN A O   1 
ATOM   201  C CB  . GLN A 1 27  ? -6.579  5.136   8.998   1.00 18.63 ? 27  GLN A CB  1 
ATOM   202  C CG  . GLN A 1 27  ? -6.177  6.324   8.148   1.00 18.99 ? 27  GLN A CG  1 
ATOM   203  C CD  . GLN A 1 27  ? -7.325  7.256   7.826   1.00 19.87 ? 27  GLN A CD  1 
ATOM   204  O OE1 . GLN A 1 27  ? -7.108  8.360   7.327   1.00 19.52 ? 27  GLN A OE1 1 
ATOM   205  N NE2 . GLN A 1 27  ? -8.552  6.818   8.102   1.00 18.00 ? 27  GLN A NE2 1 
ATOM   206  N N   . GLY A 1 28  ? -5.838  3.668   11.602  1.00 20.59 ? 28  GLY A N   1 
ATOM   207  C CA  . GLY A 1 28  ? -6.206  2.817   12.715  1.00 21.56 ? 28  GLY A CA  1 
ATOM   208  C C   . GLY A 1 28  ? -7.649  2.354   12.658  1.00 23.16 ? 28  GLY A C   1 
ATOM   209  O O   . GLY A 1 28  ? -8.031  1.447   13.400  1.00 24.20 ? 28  GLY A O   1 
ATOM   210  N N   . ASP A 1 29  ? -8.456  2.966   11.791  1.00 20.92 ? 29  ASP A N   1 
ATOM   211  C CA  . ASP A 1 29  ? -9.855  2.564   11.669  1.00 21.25 ? 29  ASP A CA  1 
ATOM   212  C C   . ASP A 1 29  ? -10.055 1.693   10.433  1.00 21.46 ? 29  ASP A C   1 
ATOM   213  O O   . ASP A 1 29  ? -11.179 1.487   9.968   1.00 21.85 ? 29  ASP A O   1 
ATOM   214  C CB  . ASP A 1 29  ? -10.779 3.796   11.645  1.00 20.72 ? 29  ASP A CB  1 
ATOM   215  C CG  . ASP A 1 29  ? -10.765 4.532   10.318  1.00 21.82 ? 29  ASP A CG  1 
ATOM   216  O OD1 . ASP A 1 29  ? -9.812  4.357   9.524   1.00 18.65 ? 29  ASP A OD1 1 
ATOM   217  O OD2 . ASP A 1 29  ? -11.721 5.306   10.079  1.00 20.04 ? 29  ASP A OD2 1 
ATOM   218  N N   . CYS A 1 30  ? -8.936  1.190   9.914   1.00 20.79 ? 30  CYS A N   1 
ATOM   219  C CA  . CYS A 1 30  ? -8.892  0.289   8.764   1.00 20.85 ? 30  CYS A CA  1 
ATOM   220  C C   . CYS A 1 30  ? -9.072  0.896   7.375   1.00 19.59 ? 30  CYS A C   1 
ATOM   221  O O   . CYS A 1 30  ? -9.090  0.172   6.378   1.00 19.26 ? 30  CYS A O   1 
ATOM   222  C CB  . CYS A 1 30  ? -9.899  -0.845  8.960   1.00 22.81 ? 30  CYS A CB  1 
ATOM   223  S SG  . CYS A 1 30  ? -9.366  -2.453  8.289   1.00 28.00 ? 30  CYS A SG  1 
ATOM   224  N N   . ASN A 1 31  ? -9.205  2.213   7.292   1.00 17.77 ? 31  ASN A N   1 
ATOM   225  C CA  . ASN A 1 31  ? -9.357  2.842   5.988   1.00 17.79 ? 31  ASN A CA  1 
ATOM   226  C C   . ASN A 1 31  ? -7.958  3.146   5.442   1.00 18.31 ? 31  ASN A C   1 
ATOM   227  O O   . ASN A 1 31  ? -7.060  3.530   6.193   1.00 19.55 ? 31  ASN A O   1 
ATOM   228  C CB  . ASN A 1 31  ? -10.174 4.135   6.106   1.00 17.40 ? 31  ASN A CB  1 
ATOM   229  C CG  . ASN A 1 31  ? -10.843 4.530   4.795   1.00 17.62 ? 31  ASN A CG  1 
ATOM   230  O OD1 . ASN A 1 31  ? -10.700 3.847   3.781   1.00 16.66 ? 31  ASN A OD1 1 
ATOM   231  N ND2 . ASN A 1 31  ? -11.586 5.631   4.816   1.00 18.62 ? 31  ASN A ND2 1 
ATOM   232  N N   . PHE A 1 32  ? -7.778  2.942   4.143   1.00 18.15 ? 32  PHE A N   1 
ATOM   233  C CA  . PHE A 1 32  ? -6.507  3.198   3.460   1.00 18.50 ? 32  PHE A CA  1 
ATOM   234  C C   . PHE A 1 32  ? -6.787  4.458   2.651   1.00 17.89 ? 32  PHE A C   1 
ATOM   235  O O   . PHE A 1 32  ? -7.483  4.406   1.639   1.00 19.68 ? 32  PHE A O   1 
ATOM   236  C CB  . PHE A 1 32  ? -6.171  2.016   2.547   1.00 20.00 ? 32  PHE A CB  1 
ATOM   237  C CG  . PHE A 1 32  ? -4.886  2.175   1.788   1.00 21.19 ? 32  PHE A CG  1 
ATOM   238  C CD1 . PHE A 1 32  ? -3.733  2.616   2.425   1.00 21.81 ? 32  PHE A CD1 1 
ATOM   239  C CD2 . PHE A 1 32  ? -4.819  1.836   0.439   1.00 22.38 ? 32  PHE A CD2 1 
ATOM   240  C CE1 . PHE A 1 32  ? -2.528  2.718   1.731   1.00 23.13 ? 32  PHE A CE1 1 
ATOM   241  C CE2 . PHE A 1 32  ? -3.619  1.934   -0.262  1.00 20.80 ? 32  PHE A CE2 1 
ATOM   242  C CZ  . PHE A 1 32  ? -2.475  2.375   0.387   1.00 19.97 ? 32  PHE A CZ  1 
ATOM   243  N N   . VAL A 1 33  ? -6.236  5.584   3.090   1.00 16.72 ? 33  VAL A N   1 
ATOM   244  C CA  . VAL A 1 33  ? -6.536  6.862   2.454   1.00 16.67 ? 33  VAL A CA  1 
ATOM   245  C C   . VAL A 1 33  ? -5.379  7.722   1.957   1.00 17.22 ? 33  VAL A C   1 
ATOM   246  O O   . VAL A 1 33  ? -4.327  7.801   2.587   1.00 17.11 ? 33  VAL A O   1 
ATOM   247  C CB  . VAL A 1 33  ? -7.360  7.732   3.428   1.00 15.52 ? 33  VAL A CB  1 
ATOM   248  C CG1 . VAL A 1 33  ? -7.937  8.940   2.707   1.00 12.41 ? 33  VAL A CG1 1 
ATOM   249  C CG2 . VAL A 1 33  ? -8.460  6.891   4.073   1.00 13.19 ? 33  VAL A CG2 1 
ATOM   250  N N   . LEU A 1 34  ? -5.605  8.382   0.825   1.00 16.77 ? 34  LEU A N   1 
ATOM   251  C CA  . LEU A 1 34  ? -4.623  9.290   0.247   1.00 16.90 ? 34  LEU A CA  1 
ATOM   252  C C   . LEU A 1 34  ? -5.101  10.711  0.527   1.00 17.16 ? 34  LEU A C   1 
ATOM   253  O O   . LEU A 1 34  ? -6.175  11.108  0.075   1.00 17.87 ? 34  LEU A O   1 
ATOM   254  C CB  . LEU A 1 34  ? -4.509  9.090   -1.268  1.00 15.68 ? 34  LEU A CB  1 
ATOM   255  C CG  . LEU A 1 34  ? -3.688  10.161  -2.005  1.00 17.28 ? 34  LEU A CG  1 
ATOM   256  C CD1 . LEU A 1 34  ? -2.283  10.235  -1.423  1.00 16.72 ? 34  LEU A CD1 1 
ATOM   257  C CD2 . LEU A 1 34  ? -3.633  9.842   -3.495  1.00 16.47 ? 34  LEU A CD2 1 
ATOM   258  N N   . TYR A 1 35  ? -4.305  11.467  1.276   1.00 18.27 ? 35  TYR A N   1 
ATOM   259  C CA  . TYR A 1 35  ? -4.643  12.845  1.610   1.00 18.04 ? 35  TYR A CA  1 
ATOM   260  C C   . TYR A 1 35  ? -3.761  13.827  0.852   1.00 19.23 ? 35  TYR A C   1 
ATOM   261  O O   . TYR A 1 35  ? -2.549  13.636  0.749   1.00 18.56 ? 35  TYR A O   1 
ATOM   262  C CB  . TYR A 1 35  ? -4.464  13.095  3.112   1.00 18.23 ? 35  TYR A CB  1 
ATOM   263  C CG  . TYR A 1 35  ? -5.467  12.382  3.992   1.00 19.12 ? 35  TYR A CG  1 
ATOM   264  C CD1 . TYR A 1 35  ? -6.748  12.905  4.192   1.00 18.05 ? 35  TYR A CD1 1 
ATOM   265  C CD2 . TYR A 1 35  ? -5.144  11.178  4.611   1.00 17.20 ? 35  TYR A CD2 1 
ATOM   266  C CE1 . TYR A 1 35  ? -7.681  12.239  4.991   1.00 17.70 ? 35  TYR A CE1 1 
ATOM   267  C CE2 . TYR A 1 35  ? -6.069  10.504  5.407   1.00 19.17 ? 35  TYR A CE2 1 
ATOM   268  C CZ  . TYR A 1 35  ? -7.335  11.040  5.590   1.00 15.74 ? 35  TYR A CZ  1 
ATOM   269  O OH  . TYR A 1 35  ? -8.255  10.365  6.358   1.00 19.34 ? 35  TYR A OH  1 
ATOM   270  N N   . ASP A 1 36  ? -4.381  14.873  0.316   1.00 19.66 ? 36  ASP A N   1 
ATOM   271  C CA  . ASP A 1 36  ? -3.652  15.920  -0.390  1.00 21.14 ? 36  ASP A CA  1 
ATOM   272  C C   . ASP A 1 36  ? -3.890  17.170  0.453   1.00 22.04 ? 36  ASP A C   1 
ATOM   273  O O   . ASP A 1 36  ? -4.983  17.734  0.438   1.00 22.44 ? 36  ASP A O   1 
ATOM   274  C CB  . ASP A 1 36  ? -4.213  16.123  -1.802  1.00 19.98 ? 36  ASP A CB  1 
ATOM   275  C CG  . ASP A 1 36  ? -3.447  17.176  -2.586  1.00 20.84 ? 36  ASP A CG  1 
ATOM   276  O OD1 . ASP A 1 36  ? -2.698  17.958  -1.962  1.00 21.89 ? 36  ASP A OD1 1 
ATOM   277  O OD2 . ASP A 1 36  ? -3.603  17.230  -3.824  1.00 19.70 ? 36  ASP A OD2 1 
ATOM   278  N N   . SER A 1 37  ? -2.873  17.580  1.203   1.00 23.19 ? 37  SER A N   1 
ATOM   279  C CA  . SER A 1 37  ? -2.975  18.746  2.074   1.00 25.63 ? 37  SER A CA  1 
ATOM   280  C C   . SER A 1 37  ? -4.147  18.608  3.045   1.00 25.55 ? 37  SER A C   1 
ATOM   281  O O   . SER A 1 37  ? -4.899  19.558  3.268   1.00 24.86 ? 37  SER A O   1 
ATOM   282  C CB  . SER A 1 37  ? -3.134  20.024  1.243   1.00 26.46 ? 37  SER A CB  1 
ATOM   283  O OG  . SER A 1 37  ? -1.977  20.261  0.456   1.00 32.01 ? 37  SER A OG  1 
ATOM   284  N N   . GLY A 1 38  ? -4.304  17.416  3.612   1.00 25.65 ? 38  GLY A N   1 
ATOM   285  C CA  . GLY A 1 38  ? -5.378  17.191  4.563   1.00 25.48 ? 38  GLY A CA  1 
ATOM   286  C C   . GLY A 1 38  ? -6.710  16.767  3.976   1.00 25.03 ? 38  GLY A C   1 
ATOM   287  O O   . GLY A 1 38  ? -7.594  16.324  4.711   1.00 25.49 ? 38  GLY A O   1 
ATOM   288  N N   . LYS A 1 39  ? -6.870  16.900  2.664   1.00 24.70 ? 39  LYS A N   1 
ATOM   289  C CA  . LYS A 1 39  ? -8.119  16.509  2.022   1.00 24.66 ? 39  LYS A CA  1 
ATOM   290  C C   . LYS A 1 39  ? -8.013  15.125  1.398   1.00 23.20 ? 39  LYS A C   1 
ATOM   291  O O   . LYS A 1 39  ? -7.091  14.851  0.633   1.00 22.56 ? 39  LYS A O   1 
ATOM   292  C CB  . LYS A 1 39  ? -8.517  17.519  0.941   1.00 26.59 ? 39  LYS A CB  1 
ATOM   293  C CG  . LYS A 1 39  ? -9.837  17.179  0.253   1.00 30.54 ? 39  LYS A CG  1 
ATOM   294  C CD  . LYS A 1 39  ? -10.325 18.309  -0.646  1.00 34.81 ? 39  LYS A CD  1 
ATOM   295  C CE  . LYS A 1 39  ? -9.383  18.554  -1.812  1.00 36.14 ? 39  LYS A CE  1 
ATOM   296  N NZ  . LYS A 1 39  ? -9.293  17.369  -2.708  1.00 39.56 ? 39  LYS A NZ  1 
ATOM   297  N N   . PRO A 1 40  ? -8.955  14.229  1.726   1.00 22.03 ? 40  PRO A N   1 
ATOM   298  C CA  . PRO A 1 40  ? -8.926  12.877  1.164   1.00 22.42 ? 40  PRO A CA  1 
ATOM   299  C C   . PRO A 1 40  ? -9.325  12.910  -0.308  1.00 22.76 ? 40  PRO A C   1 
ATOM   300  O O   . PRO A 1 40  ? -10.395 13.414  -0.653  1.00 23.26 ? 40  PRO A O   1 
ATOM   301  C CB  . PRO A 1 40  ? -9.930  12.122  2.034   1.00 23.30 ? 40  PRO A CB  1 
ATOM   302  C CG  . PRO A 1 40  ? -10.928 13.191  2.394   1.00 23.91 ? 40  PRO A CG  1 
ATOM   303  C CD  . PRO A 1 40  ? -10.043 14.374  2.711   1.00 22.93 ? 40  PRO A CD  1 
ATOM   304  N N   . VAL A 1 41  ? -8.459  12.389  -1.175  1.00 21.29 ? 41  VAL A N   1 
ATOM   305  C CA  . VAL A 1 41  ? -8.740  12.378  -2.605  1.00 20.78 ? 41  VAL A CA  1 
ATOM   306  C C   . VAL A 1 41  ? -8.893  10.972  -3.172  1.00 20.72 ? 41  VAL A C   1 
ATOM   307  O O   . VAL A 1 41  ? -9.247  10.801  -4.339  1.00 20.65 ? 41  VAL A O   1 
ATOM   308  C CB  . VAL A 1 41  ? -7.657  13.140  -3.391  1.00 23.39 ? 41  VAL A CB  1 
ATOM   309  C CG1 . VAL A 1 41  ? -7.665  14.602  -2.978  1.00 23.13 ? 41  VAL A CG1 1 
ATOM   310  C CG2 . VAL A 1 41  ? -6.290  12.527  -3.142  1.00 23.00 ? 41  VAL A CG2 1 
ATOM   311  N N   . TRP A 1 42  ? -8.619  9.970   -2.342  1.00 19.92 ? 42  TRP A N   1 
ATOM   312  C CA  . TRP A 1 42  ? -8.766  8.571   -2.733  1.00 19.63 ? 42  TRP A CA  1 
ATOM   313  C C   . TRP A 1 42  ? -8.725  7.693   -1.496  1.00 18.65 ? 42  TRP A C   1 
ATOM   314  O O   . TRP A 1 42  ? -8.026  7.999   -0.534  1.00 18.81 ? 42  TRP A O   1 
ATOM   315  C CB  . TRP A 1 42  ? -7.654  8.113   -3.684  1.00 20.18 ? 42  TRP A CB  1 
ATOM   316  C CG  . TRP A 1 42  ? -7.872  6.684   -4.124  1.00 19.48 ? 42  TRP A CG  1 
ATOM   317  C CD1 . TRP A 1 42  ? -8.617  6.257   -5.189  1.00 20.82 ? 42  TRP A CD1 1 
ATOM   318  C CD2 . TRP A 1 42  ? -7.449  5.499   -3.434  1.00 19.33 ? 42  TRP A CD2 1 
ATOM   319  N NE1 . TRP A 1 42  ? -8.691  4.886   -5.200  1.00 21.61 ? 42  TRP A NE1 1 
ATOM   320  C CE2 . TRP A 1 42  ? -7.984  4.394   -4.135  1.00 20.24 ? 42  TRP A CE2 1 
ATOM   321  C CE3 . TRP A 1 42  ? -6.676  5.265   -2.288  1.00 18.91 ? 42  TRP A CE3 1 
ATOM   322  C CZ2 . TRP A 1 42  ? -7.770  3.073   -3.727  1.00 20.35 ? 42  TRP A CZ2 1 
ATOM   323  C CZ3 . TRP A 1 42  ? -6.464  3.949   -1.881  1.00 19.51 ? 42  TRP A CZ3 1 
ATOM   324  C CH2 . TRP A 1 42  ? -7.011  2.869   -2.601  1.00 20.40 ? 42  TRP A CH2 1 
ATOM   325  N N   . ALA A 1 43  ? -9.468  6.595   -1.526  1.00 18.40 ? 43  ALA A N   1 
ATOM   326  C CA  . ALA A 1 43  ? -9.486  5.686   -0.390  1.00 19.28 ? 43  ALA A CA  1 
ATOM   327  C C   . ALA A 1 43  ? -10.078 4.335   -0.754  1.00 19.11 ? 43  ALA A C   1 
ATOM   328  O O   . ALA A 1 43  ? -10.768 4.192   -1.765  1.00 19.59 ? 43  ALA A O   1 
ATOM   329  C CB  . ALA A 1 43  ? -10.282 6.306   0.763   1.00 16.96 ? 43  ALA A CB  1 
ATOM   330  N N   . SER A 1 44  ? -9.789  3.344   0.079   1.00 19.56 ? 44  SER A N   1 
ATOM   331  C CA  . SER A 1 44  ? -10.317 2.005   -0.110  1.00 19.97 ? 44  SER A CA  1 
ATOM   332  C C   . SER A 1 44  ? -11.753 2.007   0.427   1.00 20.86 ? 44  SER A C   1 
ATOM   333  O O   . SER A 1 44  ? -12.532 1.087   0.161   1.00 21.22 ? 44  SER A O   1 
ATOM   334  C CB  . SER A 1 44  ? -9.472  0.997   0.670   1.00 18.88 ? 44  SER A CB  1 
ATOM   335  O OG  . SER A 1 44  ? -9.370  1.375   2.034   1.00 19.19 ? 44  SER A OG  1 
ATOM   336  N N   . ASN A 1 45  ? -12.088 3.051   1.186   1.00 20.47 ? 45  ASN A N   1 
ATOM   337  C CA  . ASN A 1 45  ? -13.421 3.195   1.770   1.00 21.57 ? 45  ASN A CA  1 
ATOM   338  C C   . ASN A 1 45  ? -13.708 2.033   2.717   1.00 22.08 ? 45  ASN A C   1 
ATOM   339  O O   . ASN A 1 45  ? -14.777 1.424   2.665   1.00 23.91 ? 45  ASN A O   1 
ATOM   340  C CB  . ASN A 1 45  ? -14.484 3.230   0.664   1.00 21.88 ? 45  ASN A CB  1 
ATOM   341  C CG  . ASN A 1 45  ? -14.260 4.352   -0.335  1.00 21.29 ? 45  ASN A CG  1 
ATOM   342  O OD1 . ASN A 1 45  ? -14.636 4.241   -1.504  1.00 24.07 ? 45  ASN A OD1 1 
ATOM   343  N ND2 . ASN A 1 45  ? -13.661 5.445   0.121   1.00 16.92 ? 45  ASN A ND2 1 
ATOM   344  N N   . THR A 1 46  ? -12.751 1.730   3.585   1.00 22.00 ? 46  THR A N   1 
ATOM   345  C CA  . THR A 1 46  ? -12.906 0.632   4.530   1.00 21.55 ? 46  THR A CA  1 
ATOM   346  C C   . THR A 1 46  ? -12.853 1.096   5.980   1.00 20.53 ? 46  THR A C   1 
ATOM   347  O O   . THR A 1 46  ? -12.606 0.301   6.892   1.00 19.95 ? 46  THR A O   1 
ATOM   348  C CB  . THR A 1 46  ? -11.826 -0.446  4.292   1.00 22.29 ? 46  THR A CB  1 
ATOM   349  O OG1 . THR A 1 46  ? -10.533 0.170   4.237   1.00 21.64 ? 46  THR A OG1 1 
ATOM   350  C CG2 . THR A 1 46  ? -12.091 -1.176  2.982   1.00 22.42 ? 46  THR A CG2 1 
ATOM   351  N N   . GLY A 1 47  ? -13.082 2.387   6.194   1.00 19.71 ? 47  GLY A N   1 
ATOM   352  C CA  . GLY A 1 47  ? -13.068 2.906   7.548   1.00 19.55 ? 47  GLY A CA  1 
ATOM   353  C C   . GLY A 1 47  ? -14.177 2.261   8.361   1.00 20.65 ? 47  GLY A C   1 
ATOM   354  O O   . GLY A 1 47  ? -15.249 1.967   7.828   1.00 18.37 ? 47  GLY A O   1 
ATOM   355  N N   . GLY A 1 48  ? -13.907 2.025   9.641   1.00 22.58 ? 48  GLY A N   1 
ATOM   356  C CA  . GLY A 1 48  ? -14.891 1.424   10.522  1.00 27.95 ? 48  GLY A CA  1 
ATOM   357  C C   . GLY A 1 48  ? -15.076 -0.076  10.372  1.00 31.84 ? 48  GLY A C   1 
ATOM   358  O O   . GLY A 1 48  ? -15.784 -0.693  11.166  1.00 30.57 ? 48  GLY A O   1 
ATOM   359  N N   . LEU A 1 49  ? -14.439 -0.670  9.366   1.00 35.48 ? 49  LEU A N   1 
ATOM   360  C CA  . LEU A 1 49  ? -14.578 -2.104  9.126   1.00 38.97 ? 49  LEU A CA  1 
ATOM   361  C C   . LEU A 1 49  ? -13.557 -2.955  9.868   1.00 40.48 ? 49  LEU A C   1 
ATOM   362  O O   . LEU A 1 49  ? -13.400 -4.140  9.573   1.00 42.89 ? 49  LEU A O   1 
ATOM   363  C CB  . LEU A 1 49  ? -14.496 -2.402  7.625   1.00 39.18 ? 49  LEU A CB  1 
ATOM   364  C CG  . LEU A 1 49  ? -15.492 -1.663  6.727   1.00 40.30 ? 49  LEU A CG  1 
ATOM   365  C CD1 . LEU A 1 49  ? -15.326 -2.141  5.295   1.00 40.82 ? 49  LEU A CD1 1 
ATOM   366  C CD2 . LEU A 1 49  ? -16.918 -1.905  7.207   1.00 40.53 ? 49  LEU A CD2 1 
ATOM   367  N N   . GLY A 1 50  ? -12.869 -2.357  10.835  1.00 41.70 ? 50  GLY A N   1 
ATOM   368  C CA  . GLY A 1 50  ? -11.882 -3.099  11.596  1.00 41.49 ? 50  GLY A CA  1 
ATOM   369  C C   . GLY A 1 50  ? -10.898 -2.210  12.328  1.00 42.91 ? 50  GLY A C   1 
ATOM   370  O O   . GLY A 1 50  ? -11.028 -0.986  12.329  1.00 44.84 ? 50  GLY A O   1 
ATOM   371  N N   . SER A 1 51  ? -9.912  -2.835  12.960  1.00 42.22 ? 51  SER A N   1 
ATOM   372  C CA  . SER A 1 51  ? -8.878  -2.120  13.700  1.00 40.63 ? 51  SER A CA  1 
ATOM   373  C C   . SER A 1 51  ? -7.593  -2.946  13.646  1.00 37.12 ? 51  SER A C   1 
ATOM   374  O O   . SER A 1 51  ? -7.638  -4.144  13.371  1.00 38.07 ? 51  SER A O   1 
ATOM   375  C CB  . SER A 1 51  ? -9.319  -1.912  15.150  1.00 42.14 ? 51  SER A CB  1 
ATOM   376  O OG  . SER A 1 51  ? -9.709  -3.139  15.745  1.00 45.07 ? 51  SER A OG  1 
ATOM   377  N N   . GLY A 1 52  ? -6.454  -2.311  13.904  1.00 33.97 ? 52  GLY A N   1 
ATOM   378  C CA  . GLY A 1 52  ? -5.189  -3.025  13.854  1.00 30.02 ? 52  GLY A CA  1 
ATOM   379  C C   . GLY A 1 52  ? -4.970  -3.626  12.473  1.00 27.94 ? 52  GLY A C   1 
ATOM   380  O O   . GLY A 1 52  ? -4.342  -4.677  12.320  1.00 26.24 ? 52  GLY A O   1 
ATOM   381  N N   . CYS A 1 53  ? -5.491  -2.943  11.461  1.00 24.59 ? 53  CYS A N   1 
ATOM   382  C CA  . CYS A 1 53  ? -5.389  -3.388  10.077  1.00 24.75 ? 53  CYS A CA  1 
ATOM   383  C C   . CYS A 1 53  ? -4.032  -3.097  9.449   1.00 22.87 ? 53  CYS A C   1 
ATOM   384  O O   . CYS A 1 53  ? -3.308  -2.211  9.900   1.00 22.30 ? 53  CYS A O   1 
ATOM   385  C CB  . CYS A 1 53  ? -6.487  -2.716  9.246   1.00 25.52 ? 53  CYS A CB  1 
ATOM   386  S SG  . CYS A 1 53  ? -8.169  -3.217  9.738   1.00 27.73 ? 53  CYS A SG  1 
ATOM   387  N N   . ARG A 1 54  ? -3.697  -3.852  8.405   1.00 20.61 ? 54  ARG A N   1 
ATOM   388  C CA  . ARG A 1 54  ? -2.442  -3.662  7.689   1.00 20.48 ? 54  ARG A CA  1 
ATOM   389  C C   . ARG A 1 54  ? -2.667  -3.804  6.189   1.00 18.90 ? 54  ARG A C   1 
ATOM   390  O O   . ARG A 1 54  ? -3.587  -4.498  5.749   1.00 19.54 ? 54  ARG A O   1 
ATOM   391  C CB  . ARG A 1 54  ? -1.385  -4.677  8.148   1.00 20.25 ? 54  ARG A CB  1 
ATOM   392  C CG  . ARG A 1 54  ? -1.667  -6.130  7.764   1.00 19.48 ? 54  ARG A CG  1 
ATOM   393  C CD  . ARG A 1 54  ? -0.513  -7.033  8.200   1.00 22.61 ? 54  ARG A CD  1 
ATOM   394  N NE  . ARG A 1 54  ? -0.704  -8.427  7.800   1.00 23.09 ? 54  ARG A NE  1 
ATOM   395  C CZ  . ARG A 1 54  ? -1.630  -9.232  8.307   1.00 23.62 ? 54  ARG A CZ  1 
ATOM   396  N NH1 . ARG A 1 54  ? -2.461  -8.792  9.240   1.00 23.85 ? 54  ARG A NH1 1 
ATOM   397  N NH2 . ARG A 1 54  ? -1.726  -10.482 7.878   1.00 27.70 ? 54  ARG A NH2 1 
ATOM   398  N N   . LEU A 1 55  ? -1.829  -3.128  5.413   1.00 18.42 ? 55  LEU A N   1 
ATOM   399  C CA  . LEU A 1 55  ? -1.899  -3.167  3.954   1.00 16.91 ? 55  LEU A CA  1 
ATOM   400  C C   . LEU A 1 55  ? -0.728  -4.014  3.470   1.00 17.38 ? 55  LEU A C   1 
ATOM   401  O O   . LEU A 1 55  ? 0.417   -3.748  3.825   1.00 16.02 ? 55  LEU A O   1 
ATOM   402  C CB  . LEU A 1 55  ? -1.774  -1.757  3.382   1.00 16.45 ? 55  LEU A CB  1 
ATOM   403  C CG  . LEU A 1 55  ? -1.697  -1.668  1.853   1.00 15.85 ? 55  LEU A CG  1 
ATOM   404  C CD1 . LEU A 1 55  ? -3.105  -1.668  1.257   1.00 15.33 ? 55  LEU A CD1 1 
ATOM   405  C CD2 . LEU A 1 55  ? -0.959  -0.404  1.464   1.00 16.35 ? 55  LEU A CD2 1 
ATOM   406  N N   . THR A 1 56  ? -1.008  -5.024  2.653   1.00 15.88 ? 56  THR A N   1 
ATOM   407  C CA  . THR A 1 56  ? 0.046   -5.904  2.163   1.00 15.85 ? 56  THR A CA  1 
ATOM   408  C C   . THR A 1 56  ? 0.068   -6.054  0.649   1.00 15.73 ? 56  THR A C   1 
ATOM   409  O O   . THR A 1 56  ? -0.964  -6.309  0.030   1.00 15.40 ? 56  THR A O   1 
ATOM   410  C CB  . THR A 1 56  ? -0.099  -7.326  2.768   1.00 17.13 ? 56  THR A CB  1 
ATOM   411  O OG1 . THR A 1 56  ? -0.113  -7.239  4.197   1.00 17.09 ? 56  THR A OG1 1 
ATOM   412  C CG2 . THR A 1 56  ? 1.056   -8.223  2.329   1.00 15.44 ? 56  THR A CG2 1 
ATOM   413  N N   . LEU A 1 57  ? 1.248   -5.878  0.058   1.00 14.59 ? 57  LEU A N   1 
ATOM   414  C CA  . LEU A 1 57  ? 1.419   -6.068  -1.378  1.00 14.68 ? 57  LEU A CA  1 
ATOM   415  C C   . LEU A 1 57  ? 2.084   -7.436  -1.496  1.00 15.30 ? 57  LEU A C   1 
ATOM   416  O O   . LEU A 1 57  ? 3.162   -7.658  -0.937  1.00 14.55 ? 57  LEU A O   1 
ATOM   417  C CB  . LEU A 1 57  ? 2.337   -4.999  -1.980  1.00 14.83 ? 57  LEU A CB  1 
ATOM   418  C CG  . LEU A 1 57  ? 2.606   -5.189  -3.478  1.00 14.94 ? 57  LEU A CG  1 
ATOM   419  C CD1 . LEU A 1 57  ? 1.278   -5.166  -4.240  1.00 14.80 ? 57  LEU A CD1 1 
ATOM   420  C CD2 . LEU A 1 57  ? 3.544   -4.098  -3.989  1.00 13.28 ? 57  LEU A CD2 1 
ATOM   421  N N   . HIS A 1 58  ? 1.440   -8.349  -2.215  1.00 14.19 ? 58  HIS A N   1 
ATOM   422  C CA  . HIS A 1 58  ? 1.950   -9.707  -2.378  1.00 15.79 ? 58  HIS A CA  1 
ATOM   423  C C   . HIS A 1 58  ? 2.920   -9.868  -3.547  1.00 15.74 ? 58  HIS A C   1 
ATOM   424  O O   . HIS A 1 58  ? 2.929   -9.058  -4.476  1.00 15.05 ? 58  HIS A O   1 
ATOM   425  C CB  . HIS A 1 58  ? 0.767   -10.665 -2.540  1.00 15.87 ? 58  HIS A CB  1 
ATOM   426  C CG  . HIS A 1 58  ? -0.111  -10.738 -1.328  1.00 17.90 ? 58  HIS A CG  1 
ATOM   427  N ND1 . HIS A 1 58  ? 0.073   -11.675 -0.334  1.00 19.55 ? 58  HIS A ND1 1 
ATOM   428  C CD2 . HIS A 1 58  ? -1.140  -9.956  -0.925  1.00 18.11 ? 58  HIS A CD2 1 
ATOM   429  C CE1 . HIS A 1 58  ? -0.808  -11.469 0.631   1.00 18.43 ? 58  HIS A CE1 1 
ATOM   430  N NE2 . HIS A 1 58  ? -1.555  -10.431 0.297   1.00 19.25 ? 58  HIS A NE2 1 
ATOM   431  N N   . ASN A 1 59  ? 3.732   -10.921 -3.494  1.00 15.00 ? 59  ASN A N   1 
ATOM   432  C CA  . ASN A 1 59  ? 4.708   -11.181 -4.543  1.00 16.16 ? 59  ASN A CA  1 
ATOM   433  C C   . ASN A 1 59  ? 4.098   -11.567 -5.885  1.00 16.72 ? 59  ASN A C   1 
ATOM   434  O O   . ASN A 1 59  ? 4.821   -11.876 -6.832  1.00 17.93 ? 59  ASN A O   1 
ATOM   435  C CB  . ASN A 1 59  ? 5.710   -12.254 -4.098  1.00 16.78 ? 59  ASN A CB  1 
ATOM   436  C CG  . ASN A 1 59  ? 6.697   -11.733 -3.067  1.00 18.60 ? 59  ASN A CG  1 
ATOM   437  O OD1 . ASN A 1 59  ? 7.011   -10.541 -3.044  1.00 16.22 ? 59  ASN A OD1 1 
ATOM   438  N ND2 . ASN A 1 59  ? 7.204   -12.627 -2.222  1.00 15.79 ? 59  ASN A ND2 1 
ATOM   439  N N   . ASN A 1 60  ? 2.773   -11.555 -5.976  1.00 15.26 ? 60  ASN A N   1 
ATOM   440  C CA  . ASN A 1 60  ? 2.122   -11.873 -7.238  1.00 17.03 ? 60  ASN A CA  1 
ATOM   441  C C   . ASN A 1 60  ? 1.404   -10.622 -7.746  1.00 15.99 ? 60  ASN A C   1 
ATOM   442  O O   . ASN A 1 60  ? 0.706   -10.663 -8.753  1.00 17.78 ? 60  ASN A O   1 
ATOM   443  C CB  . ASN A 1 60  ? 1.147   -13.051 -7.075  1.00 16.75 ? 60  ASN A CB  1 
ATOM   444  C CG  . ASN A 1 60  ? -0.130  -12.669 -6.354  1.00 18.32 ? 60  ASN A CG  1 
ATOM   445  O OD1 . ASN A 1 60  ? -0.145  -11.746 -5.544  1.00 15.67 ? 60  ASN A OD1 1 
ATOM   446  N ND2 . ASN A 1 60  ? -1.211  -13.398 -6.636  1.00 18.58 ? 60  ASN A ND2 1 
ATOM   447  N N   . GLY A 1 61  ? 1.591   -9.510  -7.036  1.00 16.56 ? 61  GLY A N   1 
ATOM   448  C CA  . GLY A 1 61  ? 0.983   -8.250  -7.440  1.00 15.13 ? 61  GLY A CA  1 
ATOM   449  C C   . GLY A 1 61  ? -0.347  -7.869  -6.810  1.00 15.26 ? 61  GLY A C   1 
ATOM   450  O O   . GLY A 1 61  ? -0.865  -6.784  -7.078  1.00 15.67 ? 61  GLY A O   1 
ATOM   451  N N   . ASN A 1 62  ? -0.905  -8.736  -5.974  1.00 14.62 ? 62  ASN A N   1 
ATOM   452  C CA  . ASN A 1 62  ? -2.185  -8.435  -5.342  1.00 13.90 ? 62  ASN A CA  1 
ATOM   453  C C   . ASN A 1 62  ? -1.988  -7.578  -4.092  1.00 14.28 ? 62  ASN A C   1 
ATOM   454  O O   . ASN A 1 62  ? -1.133  -7.871  -3.254  1.00 13.34 ? 62  ASN A O   1 
ATOM   455  C CB  . ASN A 1 62  ? -2.920  -9.738  -4.992  1.00 13.50 ? 62  ASN A CB  1 
ATOM   456  C CG  . ASN A 1 62  ? -4.378  -9.511  -4.618  1.00 15.07 ? 62  ASN A CG  1 
ATOM   457  O OD1 . ASN A 1 62  ? -5.052  -8.660  -5.196  1.00 13.53 ? 62  ASN A OD1 1 
ATOM   458  N ND2 . ASN A 1 62  ? -4.877  -10.290 -3.659  1.00 15.29 ? 62  ASN A ND2 1 
ATOM   459  N N   . LEU A 1 63  ? -2.778  -6.511  -3.989  1.00 13.08 ? 63  LEU A N   1 
ATOM   460  C CA  . LEU A 1 63  ? -2.722  -5.585  -2.856  1.00 14.59 ? 63  LEU A CA  1 
ATOM   461  C C   . LEU A 1 63  ? -3.938  -5.870  -1.977  1.00 13.72 ? 63  LEU A C   1 
ATOM   462  O O   . LEU A 1 63  ? -5.073  -5.865  -2.459  1.00 15.20 ? 63  LEU A O   1 
ATOM   463  C CB  . LEU A 1 63  ? -2.760  -4.134  -3.352  1.00 12.00 ? 63  LEU A CB  1 
ATOM   464  C CG  . LEU A 1 63  ? -2.601  -3.035  -2.293  1.00 14.52 ? 63  LEU A CG  1 
ATOM   465  C CD1 . LEU A 1 63  ? -1.217  -3.130  -1.651  1.00 12.71 ? 63  LEU A CD1 1 
ATOM   466  C CD2 . LEU A 1 63  ? -2.789  -1.670  -2.939  1.00 14.34 ? 63  LEU A CD2 1 
ATOM   467  N N   . VAL A 1 64  ? -3.703  -6.099  -0.689  1.00 14.69 ? 64  VAL A N   1 
ATOM   468  C CA  . VAL A 1 64  ? -4.786  -6.444  0.229   1.00 16.78 ? 64  VAL A CA  1 
ATOM   469  C C   . VAL A 1 64  ? -4.721  -5.733  1.581   1.00 17.67 ? 64  VAL A C   1 
ATOM   470  O O   . VAL A 1 64  ? -3.647  -5.354  2.050   1.00 18.99 ? 64  VAL A O   1 
ATOM   471  C CB  . VAL A 1 64  ? -4.772  -7.971  0.511   1.00 16.29 ? 64  VAL A CB  1 
ATOM   472  C CG1 . VAL A 1 64  ? -5.996  -8.378  1.309   1.00 19.38 ? 64  VAL A CG1 1 
ATOM   473  C CG2 . VAL A 1 64  ? -4.692  -8.749  -0.800  1.00 17.82 ? 64  VAL A CG2 1 
ATOM   474  N N   . ILE A 1 65  ? -5.883  -5.551  2.196   1.00 16.71 ? 65  ILE A N   1 
ATOM   475  C CA  . ILE A 1 65  ? -5.961  -4.954  3.521   1.00 16.98 ? 65  ILE A CA  1 
ATOM   476  C C   . ILE A 1 65  ? -6.517  -6.050  4.425   1.00 18.59 ? 65  ILE A C   1 
ATOM   477  O O   . ILE A 1 65  ? -7.588  -6.596  4.155   1.00 18.13 ? 65  ILE A O   1 
ATOM   478  C CB  . ILE A 1 65  ? -6.925  -3.749  3.586   1.00 16.67 ? 65  ILE A CB  1 
ATOM   479  C CG1 . ILE A 1 65  ? -6.386  -2.582  2.756   1.00 17.80 ? 65  ILE A CG1 1 
ATOM   480  C CG2 . ILE A 1 65  ? -7.101  -3.312  5.039   1.00 16.93 ? 65  ILE A CG2 1 
ATOM   481  C CD1 . ILE A 1 65  ? -7.288  -1.364  2.774   1.00 16.53 ? 65  ILE A CD1 1 
ATOM   482  N N   . TYR A 1 66  ? -5.781  -6.383  5.480   1.00 17.82 ? 66  TYR A N   1 
ATOM   483  C CA  . TYR A 1 66  ? -6.211  -7.407  6.428   1.00 19.15 ? 66  TYR A CA  1 
ATOM   484  C C   . TYR A 1 66  ? -6.614  -6.720  7.724   1.00 20.78 ? 66  TYR A C   1 
ATOM   485  O O   . TYR A 1 66  ? -5.994  -5.733  8.122   1.00 19.52 ? 66  TYR A O   1 
ATOM   486  C CB  . TYR A 1 66  ? -5.064  -8.380  6.732   1.00 18.99 ? 66  TYR A CB  1 
ATOM   487  C CG  . TYR A 1 66  ? -4.588  -9.178  5.542   1.00 19.97 ? 66  TYR A CG  1 
ATOM   488  C CD1 . TYR A 1 66  ? -5.358  -10.216 5.020   1.00 20.66 ? 66  TYR A CD1 1 
ATOM   489  C CD2 . TYR A 1 66  ? -3.376  -8.884  4.923   1.00 20.43 ? 66  TYR A CD2 1 
ATOM   490  C CE1 . TYR A 1 66  ? -4.932  -10.941 3.906   1.00 21.02 ? 66  TYR A CE1 1 
ATOM   491  C CE2 . TYR A 1 66  ? -2.941  -9.599  3.811   1.00 20.32 ? 66  TYR A CE2 1 
ATOM   492  C CZ  . TYR A 1 66  ? -3.723  -10.623 3.306   1.00 22.12 ? 66  TYR A CZ  1 
ATOM   493  O OH  . TYR A 1 66  ? -3.313  -11.311 2.186   1.00 21.96 ? 66  TYR A OH  1 
ATOM   494  N N   . ASP A 1 67  ? -7.647  -7.232  8.386   1.00 22.21 ? 67  ASP A N   1 
ATOM   495  C CA  . ASP A 1 67  ? -8.055  -6.635  9.647   1.00 25.22 ? 67  ASP A CA  1 
ATOM   496  C C   . ASP A 1 67  ? -7.305  -7.317  10.777  1.00 27.32 ? 67  ASP A C   1 
ATOM   497  O O   . ASP A 1 67  ? -6.427  -8.151  10.542  1.00 25.51 ? 67  ASP A O   1 
ATOM   498  C CB  . ASP A 1 67  ? -9.568  -6.759  9.873   1.00 26.90 ? 67  ASP A CB  1 
ATOM   499  C CG  . ASP A 1 67  ? -10.051 -8.199  9.895   1.00 28.78 ? 67  ASP A CG  1 
ATOM   500  O OD1 . ASP A 1 67  ? -9.261  -9.107  10.237  1.00 27.30 ? 67  ASP A OD1 1 
ATOM   501  O OD2 . ASP A 1 67  ? -11.241 -8.416  9.583   1.00 30.53 ? 67  ASP A OD2 1 
ATOM   502  N N   . GLN A 1 68  ? -7.661  -6.955  12.003  1.00 29.82 ? 68  GLN A N   1 
ATOM   503  C CA  . GLN A 1 68  ? -7.032  -7.515  13.190  1.00 33.03 ? 68  GLN A CA  1 
ATOM   504  C C   . GLN A 1 68  ? -7.212  -9.031  13.246  1.00 33.12 ? 68  GLN A C   1 
ATOM   505  O O   . GLN A 1 68  ? -6.331  -9.751  13.714  1.00 33.55 ? 68  GLN A O   1 
ATOM   506  C CB  . GLN A 1 68  ? -7.640  -6.864  14.435  1.00 35.59 ? 68  GLN A CB  1 
ATOM   507  C CG  . GLN A 1 68  ? -6.935  -7.187  15.733  1.00 40.50 ? 68  GLN A CG  1 
ATOM   508  C CD  . GLN A 1 68  ? -7.439  -6.330  16.877  1.00 43.57 ? 68  GLN A CD  1 
ATOM   509  O OE1 . GLN A 1 68  ? -7.333  -5.103  16.839  1.00 44.34 ? 68  GLN A OE1 1 
ATOM   510  N NE2 . GLN A 1 68  ? -7.993  -6.971  17.900  1.00 45.85 ? 68  GLN A NE2 1 
ATOM   511  N N   . SER A 1 69  ? -8.357  -9.505  12.763  1.00 32.93 ? 69  SER A N   1 
ATOM   512  C CA  . SER A 1 69  ? -8.659  -10.933 12.760  1.00 34.74 ? 69  SER A CA  1 
ATOM   513  C C   . SER A 1 69  ? -7.932  -11.652 11.629  1.00 33.78 ? 69  SER A C   1 
ATOM   514  O O   . SER A 1 69  ? -8.180  -12.828 11.368  1.00 33.50 ? 69  SER A O   1 
ATOM   515  C CB  . SER A 1 69  ? -10.167 -11.150 12.616  1.00 35.04 ? 69  SER A CB  1 
ATOM   516  O OG  . SER A 1 69  ? -10.867 -10.568 13.701  1.00 38.94 ? 69  SER A OG  1 
ATOM   517  N N   . ASN A 1 70  ? -7.041  -10.931 10.957  1.00 33.27 ? 70  ASN A N   1 
ATOM   518  C CA  . ASN A 1 70  ? -6.263  -11.481 9.856   1.00 33.65 ? 70  ASN A CA  1 
ATOM   519  C C   . ASN A 1 70  ? -7.142  -11.909 8.682   1.00 33.46 ? 70  ASN A C   1 
ATOM   520  O O   . ASN A 1 70  ? -6.834  -12.874 7.980   1.00 33.63 ? 70  ASN A O   1 
ATOM   521  C CB  . ASN A 1 70  ? -5.431  -12.669 10.345  1.00 35.77 ? 70  ASN A CB  1 
ATOM   522  C CG  . ASN A 1 70  ? -4.347  -13.063 9.364   1.00 37.86 ? 70  ASN A CG  1 
ATOM   523  O OD1 . ASN A 1 70  ? -3.533  -12.232 8.958   1.00 38.90 ? 70  ASN A OD1 1 
ATOM   524  N ND2 . ASN A 1 70  ? -4.325  -14.334 8.983   1.00 39.59 ? 70  ASN A ND2 1 
ATOM   525  N N   . ARG A 1 71  ? -8.238  -11.189 8.474   1.00 31.46 ? 71  ARG A N   1 
ATOM   526  C CA  . ARG A 1 71  ? -9.149  -11.489 7.379   1.00 31.07 ? 71  ARG A CA  1 
ATOM   527  C C   . ARG A 1 71  ? -9.069  -10.395 6.322   1.00 28.41 ? 71  ARG A C   1 
ATOM   528  O O   . ARG A 1 71  ? -8.691  -9.262  6.617   1.00 25.93 ? 71  ARG A O   1 
ATOM   529  C CB  . ARG A 1 71  ? -10.583 -11.615 7.896   1.00 34.47 ? 71  ARG A CB  1 
ATOM   530  C CG  . ARG A 1 71  ? -11.121 -13.046 7.905   1.00 40.81 ? 71  ARG A CG  1 
ATOM   531  C CD  . ARG A 1 71  ? -11.385 -13.566 6.487   1.00 43.70 ? 71  ARG A CD  1 
ATOM   532  N NE  . ARG A 1 71  ? -10.170 -13.671 5.681   1.00 45.79 ? 71  ARG A NE  1 
ATOM   533  C CZ  . ARG A 1 71  ? -10.144 -14.068 4.411   1.00 45.40 ? 71  ARG A CZ  1 
ATOM   534  N NH1 . ARG A 1 71  ? -11.269 -14.399 3.794   1.00 47.20 ? 71  ARG A NH1 1 
ATOM   535  N NH2 . ARG A 1 71  ? -8.990  -14.143 3.760   1.00 46.26 ? 71  ARG A NH2 1 
ATOM   536  N N   . VAL A 1 72  ? -9.421  -10.746 5.091   1.00 26.41 ? 72  VAL A N   1 
ATOM   537  C CA  . VAL A 1 72  ? -9.385  -9.805  3.981   1.00 25.79 ? 72  VAL A CA  1 
ATOM   538  C C   . VAL A 1 72  ? -10.607 -8.896  3.991   1.00 25.25 ? 72  VAL A C   1 
ATOM   539  O O   . VAL A 1 72  ? -11.736 -9.374  4.010   1.00 24.81 ? 72  VAL A O   1 
ATOM   540  C CB  . VAL A 1 72  ? -9.354  -10.550 2.628   1.00 26.36 ? 72  VAL A CB  1 
ATOM   541  C CG1 . VAL A 1 72  ? -9.328  -9.549  1.481   1.00 25.23 ? 72  VAL A CG1 1 
ATOM   542  C CG2 . VAL A 1 72  ? -8.142  -11.469 2.567   1.00 25.96 ? 72  VAL A CG2 1 
ATOM   543  N N   . ILE A 1 73  ? -10.391 -7.585  3.980   1.00 23.43 ? 73  ILE A N   1 
ATOM   544  C CA  . ILE A 1 73  ? -11.521 -6.666  3.965   1.00 23.64 ? 73  ILE A CA  1 
ATOM   545  C C   . ILE A 1 73  ? -11.539 -5.816  2.699   1.00 21.71 ? 73  ILE A C   1 
ATOM   546  O O   . ILE A 1 73  ? -12.511 -5.112  2.435   1.00 20.78 ? 73  ILE A O   1 
ATOM   547  C CB  . ILE A 1 73  ? -11.523 -5.728  5.188   1.00 26.86 ? 73  ILE A CB  1 
ATOM   548  C CG1 . ILE A 1 73  ? -10.311 -4.809  5.143   1.00 27.81 ? 73  ILE A CG1 1 
ATOM   549  C CG2 . ILE A 1 73  ? -11.533 -6.545  6.476   1.00 28.33 ? 73  ILE A CG2 1 
ATOM   550  C CD1 . ILE A 1 73  ? -10.620 -3.419  5.616   1.00 31.64 ? 73  ILE A CD1 1 
ATOM   551  N N   . TRP A 1 74  ? -10.467 -5.893  1.914   1.00 20.51 ? 74  TRP A N   1 
ATOM   552  C CA  . TRP A 1 74  ? -10.363 -5.131  0.668   1.00 19.05 ? 74  TRP A CA  1 
ATOM   553  C C   . TRP A 1 74  ? -9.172  -5.648  -0.125  1.00 18.64 ? 74  TRP A C   1 
ATOM   554  O O   . TRP A 1 74  ? -8.157  -6.031  0.453   1.00 17.53 ? 74  TRP A O   1 
ATOM   555  C CB  . TRP A 1 74  ? -10.150 -3.643  0.971   1.00 18.92 ? 74  TRP A CB  1 
ATOM   556  C CG  . TRP A 1 74  ? -10.071 -2.753  -0.245  1.00 19.84 ? 74  TRP A CG  1 
ATOM   557  C CD1 . TRP A 1 74  ? -11.112 -2.135  -0.884  1.00 21.18 ? 74  TRP A CD1 1 
ATOM   558  C CD2 . TRP A 1 74  ? -8.883  -2.355  -0.945  1.00 20.29 ? 74  TRP A CD2 1 
ATOM   559  N NE1 . TRP A 1 74  ? -10.644 -1.373  -1.931  1.00 21.00 ? 74  TRP A NE1 1 
ATOM   560  C CE2 . TRP A 1 74  ? -9.280  -1.492  -1.991  1.00 20.01 ? 74  TRP A CE2 1 
ATOM   561  C CE3 . TRP A 1 74  ? -7.520  -2.645  -0.787  1.00 20.13 ? 74  TRP A CE3 1 
ATOM   562  C CZ2 . TRP A 1 74  ? -8.363  -0.912  -2.877  1.00 20.41 ? 74  TRP A CZ2 1 
ATOM   563  C CZ3 . TRP A 1 74  ? -6.605  -2.066  -1.672  1.00 20.99 ? 74  TRP A CZ3 1 
ATOM   564  C CH2 . TRP A 1 74  ? -7.034  -1.210  -2.701  1.00 20.41 ? 74  TRP A CH2 1 
ATOM   565  N N   . GLN A 1 75  ? -9.292  -5.666  -1.447  1.00 17.97 ? 75  GLN A N   1 
ATOM   566  C CA  . GLN A 1 75  ? -8.188  -6.124  -2.281  1.00 19.21 ? 75  GLN A CA  1 
ATOM   567  C C   . GLN A 1 75  ? -8.366  -5.682  -3.725  1.00 18.50 ? 75  GLN A C   1 
ATOM   568  O O   . GLN A 1 75  ? -9.483  -5.421  -4.173  1.00 20.79 ? 75  GLN A O   1 
ATOM   569  C CB  . GLN A 1 75  ? -8.057  -7.651  -2.216  1.00 19.96 ? 75  GLN A CB  1 
ATOM   570  C CG  . GLN A 1 75  ? -9.162  -8.418  -2.926  1.00 21.74 ? 75  GLN A CG  1 
ATOM   571  C CD  . GLN A 1 75  ? -8.947  -9.923  -2.880  1.00 23.54 ? 75  GLN A CD  1 
ATOM   572  O OE1 . GLN A 1 75  ? -7.851  -10.415 -3.156  1.00 20.79 ? 75  GLN A OE1 1 
ATOM   573  N NE2 . GLN A 1 75  ? -9.999  -10.661 -2.540  1.00 21.93 ? 75  GLN A NE2 1 
ATOM   574  N N   . THR A 1 76  ? -7.255  -5.590  -4.447  1.00 17.87 ? 76  THR A N   1 
ATOM   575  C CA  . THR A 1 76  ? -7.283  -5.184  -5.847  1.00 17.10 ? 76  THR A CA  1 
ATOM   576  C C   . THR A 1 76  ? -7.544  -6.378  -6.764  1.00 18.08 ? 76  THR A C   1 
ATOM   577  O O   . THR A 1 76  ? -7.912  -6.207  -7.926  1.00 19.02 ? 76  THR A O   1 
ATOM   578  C CB  . THR A 1 76  ? -5.949  -4.534  -6.258  1.00 15.67 ? 76  THR A CB  1 
ATOM   579  O OG1 . THR A 1 76  ? -4.874  -5.435  -5.968  1.00 16.15 ? 76  THR A OG1 1 
ATOM   580  C CG2 . THR A 1 76  ? -5.731  -3.230  -5.499  1.00 14.24 ? 76  THR A CG2 1 
ATOM   581  N N   . LYS A 1 77  ? -7.353  -7.582  -6.237  1.00 17.63 ? 77  LYS A N   1 
ATOM   582  C CA  . LYS A 1 77  ? -7.552  -8.804  -7.009  1.00 20.02 ? 77  LYS A CA  1 
ATOM   583  C C   . LYS A 1 77  ? -6.674  -8.828  -8.257  1.00 21.14 ? 77  LYS A C   1 
ATOM   584  O O   . LYS A 1 77  ? -7.130  -9.182  -9.346  1.00 21.52 ? 77  LYS A O   1 
ATOM   585  C CB  . LYS A 1 77  ? -9.023  -8.957  -7.412  1.00 23.67 ? 77  LYS A CB  1 
ATOM   586  C CG  . LYS A 1 77  ? -9.965  -9.127  -6.233  1.00 27.49 ? 77  LYS A CG  1 
ATOM   587  C CD  . LYS A 1 77  ? -11.379 -9.447  -6.689  1.00 31.71 ? 77  LYS A CD  1 
ATOM   588  C CE  . LYS A 1 77  ? -12.308 -9.644  -5.501  1.00 33.89 ? 77  LYS A CE  1 
ATOM   589  N NZ  . LYS A 1 77  ? -13.695 -9.987  -5.932  1.00 37.83 ? 77  LYS A NZ  1 
ATOM   590  N N   . THR A 1 78  ? -5.414  -8.441  -8.097  1.00 19.16 ? 78  THR A N   1 
ATOM   591  C CA  . THR A 1 78  ? -4.479  -8.438  -9.209  1.00 18.75 ? 78  THR A CA  1 
ATOM   592  C C   . THR A 1 78  ? -3.480  -9.571  -8.989  1.00 19.78 ? 78  THR A C   1 
ATOM   593  O O   . THR A 1 78  ? -2.343  -9.353  -8.570  1.00 20.04 ? 78  THR A O   1 
ATOM   594  C CB  . THR A 1 78  ? -3.757  -7.066  -9.325  1.00 17.91 ? 78  THR A CB  1 
ATOM   595  O OG1 . THR A 1 78  ? -3.353  -6.614  -8.027  1.00 16.30 ? 78  THR A OG1 1 
ATOM   596  C CG2 . THR A 1 78  ? -4.692  -6.029  -9.934  1.00 15.11 ? 78  THR A CG2 1 
ATOM   597  N N   . ASN A 1 79  ? -3.933  -10.791 -9.268  1.00 19.48 ? 79  ASN A N   1 
ATOM   598  C CA  . ASN A 1 79  ? -3.115  -11.985 -9.091  1.00 20.96 ? 79  ASN A CA  1 
ATOM   599  C C   . ASN A 1 79  ? -2.384  -12.353 -10.379 1.00 21.04 ? 79  ASN A C   1 
ATOM   600  O O   . ASN A 1 79  ? -2.973  -12.921 -11.302 1.00 20.36 ? 79  ASN A O   1 
ATOM   601  C CB  . ASN A 1 79  ? -4.002  -13.145 -8.633  1.00 21.27 ? 79  ASN A CB  1 
ATOM   602  C CG  . ASN A 1 79  ? -4.692  -12.857 -7.311  1.00 20.94 ? 79  ASN A CG  1 
ATOM   603  O OD1 . ASN A 1 79  ? -4.043  -12.741 -6.271  1.00 21.51 ? 79  ASN A OD1 1 
ATOM   604  N ND2 . ASN A 1 79  ? -6.012  -12.728 -7.349  1.00 19.81 ? 79  ASN A ND2 1 
ATOM   605  N N   . GLY A 1 80  ? -1.098  -12.024 -10.435 1.00 21.06 ? 80  GLY A N   1 
ATOM   606  C CA  . GLY A 1 80  ? -0.319  -12.317 -11.624 1.00 21.59 ? 80  GLY A CA  1 
ATOM   607  C C   . GLY A 1 80  ? 0.819   -13.288 -11.385 1.00 22.28 ? 80  GLY A C   1 
ATOM   608  O O   . GLY A 1 80  ? 0.754   -14.143 -10.501 1.00 21.34 ? 80  GLY A O   1 
ATOM   609  N N   . LYS A 1 81  ? 1.873   -13.149 -12.179 1.00 22.68 ? 81  LYS A N   1 
ATOM   610  C CA  . LYS A 1 81  ? 3.028   -14.025 -12.061 1.00 23.43 ? 81  LYS A CA  1 
ATOM   611  C C   . LYS A 1 81  ? 3.764   -13.838 -10.738 1.00 22.11 ? 81  LYS A C   1 
ATOM   612  O O   . LYS A 1 81  ? 3.869   -12.724 -10.220 1.00 19.40 ? 81  LYS A O   1 
ATOM   613  C CB  . LYS A 1 81  ? 3.987   -13.772 -13.230 1.00 27.09 ? 81  LYS A CB  1 
ATOM   614  C CG  . LYS A 1 81  ? 5.193   -14.696 -13.258 1.00 30.68 ? 81  LYS A CG  1 
ATOM   615  C CD  . LYS A 1 81  ? 6.487   -13.949 -12.975 1.00 35.24 ? 81  LYS A CD  1 
ATOM   616  C CE  . LYS A 1 81  ? 6.820   -12.967 -14.086 1.00 35.38 ? 81  LYS A CE  1 
ATOM   617  N NZ  . LYS A 1 81  ? 8.091   -12.242 -13.802 1.00 39.10 ? 81  LYS A NZ  1 
ATOM   618  N N   . GLU A 1 82  ? 4.266   -14.943 -10.197 1.00 20.77 ? 82  GLU A N   1 
ATOM   619  C CA  . GLU A 1 82  ? 5.010   -14.927 -8.943  1.00 22.24 ? 82  GLU A CA  1 
ATOM   620  C C   . GLU A 1 82  ? 6.370   -14.281 -9.217  1.00 21.35 ? 82  GLU A C   1 
ATOM   621  O O   . GLU A 1 82  ? 7.151   -14.782 -10.024 1.00 20.12 ? 82  GLU A O   1 
ATOM   622  C CB  . GLU A 1 82  ? 5.189   -16.363 -8.440  1.00 25.92 ? 82  GLU A CB  1 
ATOM   623  C CG  . GLU A 1 82  ? 5.697   -16.486 -7.017  1.00 32.83 ? 82  GLU A CG  1 
ATOM   624  C CD  . GLU A 1 82  ? 4.856   -15.707 -6.021  1.00 34.87 ? 82  GLU A CD  1 
ATOM   625  O OE1 . GLU A 1 82  ? 3.613   -15.688 -6.164  1.00 34.29 ? 82  GLU A OE1 1 
ATOM   626  O OE2 . GLU A 1 82  ? 5.444   -15.123 -5.088  1.00 38.88 ? 82  GLU A OE2 1 
ATOM   627  N N   . ASP A 1 83  ? 6.647   -13.171 -8.543  1.00 20.67 ? 83  ASP A N   1 
ATOM   628  C CA  . ASP A 1 83  ? 7.899   -12.442 -8.745  1.00 20.01 ? 83  ASP A CA  1 
ATOM   629  C C   . ASP A 1 83  ? 7.969   -11.431 -7.599  1.00 18.48 ? 83  ASP A C   1 
ATOM   630  O O   . ASP A 1 83  ? 7.860   -11.806 -6.432  1.00 17.08 ? 83  ASP A O   1 
ATOM   631  C CB  . ASP A 1 83  ? 7.828   -11.738 -10.107 1.00 21.25 ? 83  ASP A CB  1 
ATOM   632  C CG  . ASP A 1 83  ? 9.186   -11.330 -10.640 1.00 23.58 ? 83  ASP A CG  1 
ATOM   633  O OD1 . ASP A 1 83  ? 9.717   -10.287 -10.208 1.00 23.45 ? 83  ASP A OD1 1 
ATOM   634  O OD2 . ASP A 1 83  ? 9.722   -12.060 -11.500 1.00 25.71 ? 83  ASP A OD2 1 
ATOM   635  N N   . HIS A 1 84  ? 8.167   -10.158 -7.929  1.00 16.98 ? 84  HIS A N   1 
ATOM   636  C CA  . HIS A 1 84  ? 8.175   -9.099  -6.923  1.00 16.75 ? 84  HIS A CA  1 
ATOM   637  C C   . HIS A 1 84  ? 7.536   -7.861  -7.530  1.00 16.30 ? 84  HIS A C   1 
ATOM   638  O O   . HIS A 1 84  ? 7.671   -7.602  -8.727  1.00 16.83 ? 84  HIS A O   1 
ATOM   639  C CB  . HIS A 1 84  ? 9.588   -8.783  -6.425  1.00 16.94 ? 84  HIS A CB  1 
ATOM   640  C CG  . HIS A 1 84  ? 10.116  -9.789  -5.452  1.00 17.60 ? 84  HIS A CG  1 
ATOM   641  N ND1 . HIS A 1 84  ? 10.884  -10.865 -5.839  1.00 18.25 ? 84  HIS A ND1 1 
ATOM   642  C CD2 . HIS A 1 84  ? 9.928   -9.922  -4.117  1.00 17.89 ? 84  HIS A CD2 1 
ATOM   643  C CE1 . HIS A 1 84  ? 11.144  -11.619 -4.786  1.00 19.02 ? 84  HIS A CE1 1 
ATOM   644  N NE2 . HIS A 1 84  ? 10.575  -11.070 -3.728  1.00 18.28 ? 84  HIS A NE2 1 
ATOM   645  N N   . TYR A 1 85  ? 6.819   -7.117  -6.701  1.00 16.49 ? 85  TYR A N   1 
ATOM   646  C CA  . TYR A 1 85  ? 6.131   -5.918  -7.156  1.00 15.97 ? 85  TYR A CA  1 
ATOM   647  C C   . TYR A 1 85  ? 6.330   -4.780  -6.171  1.00 15.67 ? 85  TYR A C   1 
ATOM   648  O O   . TYR A 1 85  ? 6.848   -4.980  -5.070  1.00 15.61 ? 85  TYR A O   1 
ATOM   649  C CB  . TYR A 1 85  ? 4.634   -6.205  -7.317  1.00 15.46 ? 85  TYR A CB  1 
ATOM   650  C CG  . TYR A 1 85  ? 4.323   -7.274  -8.347  1.00 17.06 ? 85  TYR A CG  1 
ATOM   651  C CD1 . TYR A 1 85  ? 4.580   -8.622  -8.085  1.00 17.37 ? 85  TYR A CD1 1 
ATOM   652  C CD2 . TYR A 1 85  ? 3.808   -6.934  -9.595  1.00 14.98 ? 85  TYR A CD2 1 
ATOM   653  C CE1 . TYR A 1 85  ? 4.334   -9.607  -9.044  1.00 17.01 ? 85  TYR A CE1 1 
ATOM   654  C CE2 . TYR A 1 85  ? 3.559   -7.910  -10.566 1.00 17.36 ? 85  TYR A CE2 1 
ATOM   655  C CZ  . TYR A 1 85  ? 3.826   -9.242  -10.281 1.00 16.61 ? 85  TYR A CZ  1 
ATOM   656  O OH  . TYR A 1 85  ? 3.586   -10.204 -11.232 1.00 18.03 ? 85  TYR A OH  1 
ATOM   657  N N   . VAL A 1 86  ? 5.918   -3.583  -6.572  1.00 14.19 ? 86  VAL A N   1 
ATOM   658  C CA  . VAL A 1 86  ? 6.043   -2.422  -5.708  1.00 13.51 ? 86  VAL A CA  1 
ATOM   659  C C   . VAL A 1 86  ? 4.818   -1.526  -5.839  1.00 13.62 ? 86  VAL A C   1 
ATOM   660  O O   . VAL A 1 86  ? 4.214   -1.433  -6.910  1.00 14.11 ? 86  VAL A O   1 
ATOM   661  C CB  . VAL A 1 86  ? 7.311   -1.592  -6.044  1.00 12.78 ? 86  VAL A CB  1 
ATOM   662  C CG1 . VAL A 1 86  ? 7.168   -0.932  -7.414  1.00 10.03 ? 86  VAL A CG1 1 
ATOM   663  C CG2 . VAL A 1 86  ? 7.542   -0.536  -4.961  1.00 11.22 ? 86  VAL A CG2 1 
ATOM   664  N N   . LEU A 1 87  ? 4.449   -0.898  -4.728  1.00 14.18 ? 87  LEU A N   1 
ATOM   665  C CA  . LEU A 1 87  ? 3.328   0.037   -4.669  1.00 15.01 ? 87  LEU A CA  1 
ATOM   666  C C   . LEU A 1 87  ? 3.985   1.392   -4.469  1.00 15.01 ? 87  LEU A C   1 
ATOM   667  O O   . LEU A 1 87  ? 4.789   1.555   -3.553  1.00 15.89 ? 87  LEU A O   1 
ATOM   668  C CB  . LEU A 1 87  ? 2.432   -0.263  -3.465  1.00 14.85 ? 87  LEU A CB  1 
ATOM   669  C CG  . LEU A 1 87  ? 1.333   0.779   -3.233  1.00 16.90 ? 87  LEU A CG  1 
ATOM   670  C CD1 . LEU A 1 87  ? 0.337   0.726   -4.389  1.00 15.71 ? 87  LEU A CD1 1 
ATOM   671  C CD2 . LEU A 1 87  ? 0.630   0.509   -1.909  1.00 15.95 ? 87  LEU A CD2 1 
ATOM   672  N N   . VAL A 1 88  ? 3.632   2.369   -5.297  1.00 15.05 ? 88  VAL A N   1 
ATOM   673  C CA  . VAL A 1 88  ? 4.258   3.677   -5.196  1.00 14.54 ? 88  VAL A CA  1 
ATOM   674  C C   . VAL A 1 88  ? 3.326   4.883   -5.194  1.00 14.77 ? 88  VAL A C   1 
ATOM   675  O O   . VAL A 1 88  ? 2.434   5.002   -6.038  1.00 14.50 ? 88  VAL A O   1 
ATOM   676  C CB  . VAL A 1 88  ? 5.264   3.879   -6.356  1.00 16.04 ? 88  VAL A CB  1 
ATOM   677  C CG1 . VAL A 1 88  ? 5.953   5.227   -6.229  1.00 16.54 ? 88  VAL A CG1 1 
ATOM   678  C CG2 . VAL A 1 88  ? 6.286   2.747   -6.369  1.00 16.49 ? 88  VAL A CG2 1 
ATOM   679  N N   . LEU A 1 89  ? 3.532   5.767   -4.225  1.00 14.30 ? 89  LEU A N   1 
ATOM   680  C CA  . LEU A 1 89  ? 2.782   7.018   -4.156  1.00 15.33 ? 89  LEU A CA  1 
ATOM   681  C C   . LEU A 1 89  ? 3.698   7.952   -4.946  1.00 15.21 ? 89  LEU A C   1 
ATOM   682  O O   . LEU A 1 89  ? 4.790   8.293   -4.489  1.00 15.66 ? 89  LEU A O   1 
ATOM   683  C CB  . LEU A 1 89  ? 2.649   7.508   -2.713  1.00 13.66 ? 89  LEU A CB  1 
ATOM   684  C CG  . LEU A 1 89  ? 2.252   8.982   -2.575  1.00 14.15 ? 89  LEU A CG  1 
ATOM   685  C CD1 . LEU A 1 89  ? 0.951   9.248   -3.332  1.00 13.52 ? 89  LEU A CD1 1 
ATOM   686  C CD2 . LEU A 1 89  ? 2.114   9.336   -1.097  1.00 14.61 ? 89  LEU A CD2 1 
ATOM   687  N N   . GLN A 1 90  ? 3.261   8.354   -6.133  1.00 16.92 ? 90  GLN A N   1 
ATOM   688  C CA  . GLN A 1 90  ? 4.079   9.198   -6.996  1.00 17.17 ? 90  GLN A CA  1 
ATOM   689  C C   . GLN A 1 90  ? 3.960   10.700  -6.787  1.00 19.77 ? 90  GLN A C   1 
ATOM   690  O O   . GLN A 1 90  ? 2.989   11.193  -6.210  1.00 18.93 ? 90  GLN A O   1 
ATOM   691  C CB  . GLN A 1 90  ? 3.778   8.859   -8.457  1.00 17.96 ? 90  GLN A CB  1 
ATOM   692  C CG  . GLN A 1 90  ? 4.083   7.412   -8.804  1.00 17.48 ? 90  GLN A CG  1 
ATOM   693  C CD  . GLN A 1 90  ? 3.794   7.072   -10.251 1.00 19.69 ? 90  GLN A CD  1 
ATOM   694  O OE1 . GLN A 1 90  ? 4.289   6.075   -10.769 1.00 17.54 ? 90  GLN A OE1 1 
ATOM   695  N NE2 . GLN A 1 90  ? 2.978   7.891   -10.907 1.00 16.65 ? 90  GLN A NE2 1 
ATOM   696  N N   . GLN A 1 91  ? 4.964   11.430  -7.262  1.00 21.06 ? 91  GLN A N   1 
ATOM   697  C CA  . GLN A 1 91  ? 4.948   12.877  -7.134  1.00 22.96 ? 91  GLN A CA  1 
ATOM   698  C C   . GLN A 1 91  ? 3.808   13.490  -7.937  1.00 21.69 ? 91  GLN A C   1 
ATOM   699  O O   . GLN A 1 91  ? 3.408   14.613  -7.661  1.00 21.48 ? 91  GLN A O   1 
ATOM   700  C CB  . GLN A 1 91  ? 6.287   13.488  -7.562  1.00 27.83 ? 91  GLN A CB  1 
ATOM   701  C CG  . GLN A 1 91  ? 6.990   12.778  -8.697  1.00 33.85 ? 91  GLN A CG  1 
ATOM   702  C CD  . GLN A 1 91  ? 7.674   11.503  -8.244  1.00 38.00 ? 91  GLN A CD  1 
ATOM   703  O OE1 . GLN A 1 91  ? 7.022   10.492  -7.980  1.00 38.20 ? 91  GLN A OE1 1 
ATOM   704  N NE2 . GLN A 1 91  ? 8.997   11.549  -8.138  1.00 39.99 ? 91  GLN A NE2 1 
ATOM   705  N N   . ASP A 1 92  ? 3.281   12.760  -8.922  1.00 18.85 ? 92  ASP A N   1 
ATOM   706  C CA  . ASP A 1 92  ? 2.158   13.272  -9.713  1.00 18.79 ? 92  ASP A CA  1 
ATOM   707  C C   . ASP A 1 92  ? 0.836   12.908  -9.027  1.00 19.61 ? 92  ASP A C   1 
ATOM   708  O O   . ASP A 1 92  ? -0.247  13.067  -9.596  1.00 20.64 ? 92  ASP A O   1 
ATOM   709  C CB  . ASP A 1 92  ? 2.199   12.727  -11.153 1.00 17.74 ? 92  ASP A CB  1 
ATOM   710  C CG  . ASP A 1 92  ? 1.887   11.237  -11.244 1.00 20.70 ? 92  ASP A CG  1 
ATOM   711  O OD1 . ASP A 1 92  ? 1.816   10.550  -10.205 1.00 18.10 ? 92  ASP A OD1 1 
ATOM   712  O OD2 . ASP A 1 92  ? 1.721   10.744  -12.379 1.00 19.78 ? 92  ASP A OD2 1 
ATOM   713  N N   . ARG A 1 93  ? 0.955   12.419  -7.796  1.00 18.15 ? 93  ARG A N   1 
ATOM   714  C CA  . ARG A 1 93  ? -0.174  12.032  -6.943  1.00 17.99 ? 93  ARG A CA  1 
ATOM   715  C C   . ARG A 1 93  ? -0.883  10.721  -7.273  1.00 18.31 ? 93  ARG A C   1 
ATOM   716  O O   . ARG A 1 93  ? -1.836  10.341  -6.588  1.00 18.17 ? 93  ARG A O   1 
ATOM   717  C CB  . ARG A 1 93  ? -1.216  13.162  -6.872  1.00 17.32 ? 93  ARG A CB  1 
ATOM   718  C CG  . ARG A 1 93  ? -1.916  13.235  -5.514  1.00 17.42 ? 93  ARG A CG  1 
ATOM   719  C CD  . ARG A 1 93  ? -2.977  14.331  -5.439  1.00 18.19 ? 93  ARG A CD  1 
ATOM   720  N NE  . ARG A 1 93  ? -4.141  14.020  -6.262  1.00 18.72 ? 93  ARG A NE  1 
ATOM   721  C CZ  . ARG A 1 93  ? -5.253  14.747  -6.289  1.00 21.09 ? 93  ARG A CZ  1 
ATOM   722  N NH1 . ARG A 1 93  ? -5.361  15.833  -5.535  1.00 21.52 ? 93  ARG A NH1 1 
ATOM   723  N NH2 . ARG A 1 93  ? -6.258  14.388  -7.076  1.00 22.31 ? 93  ARG A NH2 1 
ATOM   724  N N   . ASN A 1 94  ? -0.441  10.027  -8.315  1.00 17.13 ? 94  ASN A N   1 
ATOM   725  C CA  . ASN A 1 94  ? -1.063  8.752   -8.657  1.00 17.46 ? 94  ASN A CA  1 
ATOM   726  C C   . ASN A 1 94  ? -0.455  7.691   -7.730  1.00 16.49 ? 94  ASN A C   1 
ATOM   727  O O   . ASN A 1 94  ? 0.681   7.837   -7.280  1.00 16.69 ? 94  ASN A O   1 
ATOM   728  C CB  . ASN A 1 94  ? -0.781  8.395   -10.124 1.00 16.46 ? 94  ASN A CB  1 
ATOM   729  C CG  . ASN A 1 94  ? -1.823  7.451   -10.710 1.00 17.41 ? 94  ASN A CG  1 
ATOM   730  O OD1 . ASN A 1 94  ? -2.778  7.063   -10.036 1.00 17.75 ? 94  ASN A OD1 1 
ATOM   731  N ND2 . ASN A 1 94  ? -1.645  7.085   -11.977 1.00 17.25 ? 94  ASN A ND2 1 
ATOM   732  N N   . VAL A 1 95  ? -1.225  6.651   -7.421  1.00 13.93 ? 95  VAL A N   1 
ATOM   733  C CA  . VAL A 1 95  ? -0.759  5.551   -6.569  1.00 14.59 ? 95  VAL A CA  1 
ATOM   734  C C   . VAL A 1 95  ? -0.775  4.345   -7.498  1.00 14.97 ? 95  VAL A C   1 
ATOM   735  O O   . VAL A 1 95  ? -1.824  3.956   -8.007  1.00 15.48 ? 95  VAL A O   1 
ATOM   736  C CB  . VAL A 1 95  ? -1.701  5.334   -5.366  1.00 15.26 ? 95  VAL A CB  1 
ATOM   737  C CG1 . VAL A 1 95  ? -1.314  4.071   -4.606  1.00 14.05 ? 95  VAL A CG1 1 
ATOM   738  C CG2 . VAL A 1 95  ? -1.620  6.548   -4.438  1.00 14.72 ? 95  VAL A CG2 1 
ATOM   739  N N   . VAL A 1 96  ? 0.388   3.741   -7.707  1.00 15.12 ? 96  VAL A N   1 
ATOM   740  C CA  . VAL A 1 96  ? 0.491   2.657   -8.674  1.00 14.75 ? 96  VAL A CA  1 
ATOM   741  C C   . VAL A 1 96  ? 1.241   1.409   -8.241  1.00 14.27 ? 96  VAL A C   1 
ATOM   742  O O   . VAL A 1 96  ? 2.217   1.482   -7.505  1.00 14.39 ? 96  VAL A O   1 
ATOM   743  C CB  . VAL A 1 96  ? 1.186   3.199   -9.949  1.00 15.38 ? 96  VAL A CB  1 
ATOM   744  C CG1 . VAL A 1 96  ? 1.113   2.182   -11.076 1.00 14.92 ? 96  VAL A CG1 1 
ATOM   745  C CG2 . VAL A 1 96  ? 0.564   4.531   -10.352 1.00 16.29 ? 96  VAL A CG2 1 
ATOM   746  N N   . ILE A 1 97  ? 0.771   0.262   -8.720  1.00 14.34 ? 97  ILE A N   1 
ATOM   747  C CA  . ILE A 1 97  ? 1.429   -1.010  -8.458  1.00 14.25 ? 97  ILE A CA  1 
ATOM   748  C C   . ILE A 1 97  ? 2.177   -1.362  -9.744  1.00 14.58 ? 97  ILE A C   1 
ATOM   749  O O   . ILE A 1 97  ? 1.567   -1.437  -10.815 1.00 15.82 ? 97  ILE A O   1 
ATOM   750  C CB  . ILE A 1 97  ? 0.423   -2.145  -8.173  1.00 13.97 ? 97  ILE A CB  1 
ATOM   751  C CG1 . ILE A 1 97  ? -0.324  -1.877  -6.863  1.00 14.58 ? 97  ILE A CG1 1 
ATOM   752  C CG2 . ILE A 1 97  ? 1.163   -3.480  -8.101  1.00 14.06 ? 97  ILE A CG2 1 
ATOM   753  C CD1 . ILE A 1 97  ? -1.372  -2.924  -6.536  1.00 16.28 ? 97  ILE A CD1 1 
ATOM   754  N N   . TYR A 1 98  ? 3.491   -1.556  -9.639  1.00 14.21 ? 98  TYR A N   1 
ATOM   755  C CA  . TYR A 1 98  ? 4.325   -1.915  -10.790 1.00 14.36 ? 98  TYR A CA  1 
ATOM   756  C C   . TYR A 1 98  ? 4.983   -3.269  -10.577 1.00 14.04 ? 98  TYR A C   1 
ATOM   757  O O   . TYR A 1 98  ? 5.338   -3.627  -9.453  1.00 12.19 ? 98  TYR A O   1 
ATOM   758  C CB  . TYR A 1 98  ? 5.458   -0.910  -11.009 1.00 13.02 ? 98  TYR A CB  1 
ATOM   759  C CG  . TYR A 1 98  ? 5.044   0.473   -11.431 1.00 14.57 ? 98  TYR A CG  1 
ATOM   760  C CD1 . TYR A 1 98  ? 4.805   1.469   -10.485 1.00 13.07 ? 98  TYR A CD1 1 
ATOM   761  C CD2 . TYR A 1 98  ? 4.964   0.810   -12.784 1.00 15.61 ? 98  TYR A CD2 1 
ATOM   762  C CE1 . TYR A 1 98  ? 4.507   2.773   -10.877 1.00 14.18 ? 98  TYR A CE1 1 
ATOM   763  C CE2 . TYR A 1 98  ? 4.662   2.110   -13.186 1.00 14.06 ? 98  TYR A CE2 1 
ATOM   764  C CZ  . TYR A 1 98  ? 4.441   3.084   -12.227 1.00 14.84 ? 98  TYR A CZ  1 
ATOM   765  O OH  . TYR A 1 98  ? 4.171   4.375   -12.617 1.00 16.03 ? 98  TYR A OH  1 
ATOM   766  N N   . GLY A 1 99  ? 5.183   -4.001  -11.667 1.00 14.03 ? 99  GLY A N   1 
ATOM   767  C CA  . GLY A 1 99  ? 5.815   -5.304  -11.574 1.00 14.30 ? 99  GLY A CA  1 
ATOM   768  C C   . GLY A 1 99  ? 5.547   -6.112  -12.826 1.00 14.59 ? 99  GLY A C   1 
ATOM   769  O O   . GLY A 1 99  ? 4.664   -5.752  -13.598 1.00 15.48 ? 99  GLY A O   1 
ATOM   770  N N   . PRO A 1 100 ? 6.264   -7.224  -13.043 1.00 14.96 ? 100 PRO A N   1 
ATOM   771  C CA  . PRO A 1 100 ? 7.312   -7.776  -12.181 1.00 14.85 ? 100 PRO A CA  1 
ATOM   772  C C   . PRO A 1 100 ? 8.647   -7.036  -12.283 1.00 15.74 ? 100 PRO A C   1 
ATOM   773  O O   . PRO A 1 100 ? 8.721   -5.931  -12.823 1.00 15.54 ? 100 PRO A O   1 
ATOM   774  C CB  . PRO A 1 100 ? 7.418   -9.214  -12.668 1.00 16.03 ? 100 PRO A CB  1 
ATOM   775  C CG  . PRO A 1 100 ? 7.225   -9.052  -14.140 1.00 16.49 ? 100 PRO A CG  1 
ATOM   776  C CD  . PRO A 1 100 ? 6.058   -8.083  -14.225 1.00 15.60 ? 100 PRO A CD  1 
ATOM   777  N N   . VAL A 1 101 ? 9.697   -7.661  -11.760 1.00 16.16 ? 101 VAL A N   1 
ATOM   778  C CA  . VAL A 1 101 ? 11.032  -7.078  -11.788 1.00 16.38 ? 101 VAL A CA  1 
ATOM   779  C C   . VAL A 1 101 ? 11.610  -7.060  -13.202 1.00 17.69 ? 101 VAL A C   1 
ATOM   780  O O   . VAL A 1 101 ? 11.582  -8.066  -13.909 1.00 17.75 ? 101 VAL A O   1 
ATOM   781  C CB  . VAL A 1 101 ? 12.002  -7.861  -10.878 1.00 16.12 ? 101 VAL A CB  1 
ATOM   782  C CG1 . VAL A 1 101 ? 13.399  -7.263  -10.971 1.00 17.79 ? 101 VAL A CG1 1 
ATOM   783  C CG2 . VAL A 1 101 ? 11.509  -7.821  -9.439  1.00 16.41 ? 101 VAL A CG2 1 
ATOM   784  N N   . VAL A 1 102 ? 12.134  -5.907  -13.600 1.00 17.32 ? 102 VAL A N   1 
ATOM   785  C CA  . VAL A 1 102 ? 12.729  -5.740  -14.917 1.00 17.67 ? 102 VAL A CA  1 
ATOM   786  C C   . VAL A 1 102 ? 14.252  -5.769  -14.828 1.00 19.23 ? 102 VAL A C   1 
ATOM   787  O O   . VAL A 1 102 ? 14.928  -6.292  -15.715 1.00 19.98 ? 102 VAL A O   1 
ATOM   788  C CB  . VAL A 1 102 ? 12.296  -4.394  -15.552 1.00 17.86 ? 102 VAL A CB  1 
ATOM   789  C CG1 . VAL A 1 102 ? 13.168  -4.072  -16.765 1.00 18.55 ? 102 VAL A CG1 1 
ATOM   790  C CG2 . VAL A 1 102 ? 10.829  -4.461  -15.962 1.00 18.21 ? 102 VAL A CG2 1 
ATOM   791  N N   . TRP A 1 103 ? 14.781  -5.210  -13.746 1.00 17.60 ? 103 TRP A N   1 
ATOM   792  C CA  . TRP A 1 103 ? 16.225  -5.127  -13.540 1.00 18.24 ? 103 TRP A CA  1 
ATOM   793  C C   . TRP A 1 103 ? 16.484  -4.758  -12.082 1.00 17.92 ? 103 TRP A C   1 
ATOM   794  O O   . TRP A 1 103 ? 15.642  -4.142  -11.439 1.00 17.26 ? 103 TRP A O   1 
ATOM   795  C CB  . TRP A 1 103 ? 16.793  -4.035  -14.452 1.00 18.74 ? 103 TRP A CB  1 
ATOM   796  C CG  . TRP A 1 103 ? 18.259  -3.747  -14.291 1.00 19.70 ? 103 TRP A CG  1 
ATOM   797  C CD1 . TRP A 1 103 ? 19.295  -4.376  -14.924 1.00 20.78 ? 103 TRP A CD1 1 
ATOM   798  C CD2 . TRP A 1 103 ? 18.849  -2.723  -13.477 1.00 20.92 ? 103 TRP A CD2 1 
ATOM   799  N NE1 . TRP A 1 103 ? 20.494  -3.801  -14.559 1.00 21.45 ? 103 TRP A NE1 1 
ATOM   800  C CE2 . TRP A 1 103 ? 20.248  -2.786  -13.673 1.00 21.60 ? 103 TRP A CE2 1 
ATOM   801  C CE3 . TRP A 1 103 ? 18.332  -1.756  -12.605 1.00 21.30 ? 103 TRP A CE3 1 
ATOM   802  C CZ2 . TRP A 1 103 ? 21.137  -1.916  -13.026 1.00 21.79 ? 103 TRP A CZ2 1 
ATOM   803  C CZ3 . TRP A 1 103 ? 19.217  -0.890  -11.962 1.00 21.19 ? 103 TRP A CZ3 1 
ATOM   804  C CH2 . TRP A 1 103 ? 20.604  -0.978  -12.179 1.00 21.36 ? 103 TRP A CH2 1 
ATOM   805  N N   . ALA A 1 104 ? 17.651  -5.129  -11.566 1.00 17.46 ? 104 ALA A N   1 
ATOM   806  C CA  . ALA A 1 104 ? 18.005  -4.808  -10.188 1.00 18.20 ? 104 ALA A CA  1 
ATOM   807  C C   . ALA A 1 104 ? 19.519  -4.752  -10.034 1.00 18.60 ? 104 ALA A C   1 
ATOM   808  O O   . ALA A 1 104 ? 20.247  -5.489  -10.697 1.00 19.72 ? 104 ALA A O   1 
ATOM   809  C CB  . ALA A 1 104 ? 17.418  -5.840  -9.233  1.00 17.44 ? 104 ALA A CB  1 
ATOM   810  N N   . THR A 1 105 ? 19.986  -3.870  -9.159  1.00 20.36 ? 105 THR A N   1 
ATOM   811  C CA  . THR A 1 105 ? 21.417  -3.717  -8.922  1.00 20.48 ? 105 THR A CA  1 
ATOM   812  C C   . THR A 1 105 ? 21.954  -4.872  -8.096  1.00 22.14 ? 105 THR A C   1 
ATOM   813  O O   . THR A 1 105 ? 23.111  -5.267  -8.242  1.00 21.45 ? 105 THR A O   1 
ATOM   814  C CB  . THR A 1 105 ? 21.720  -2.438  -8.140  1.00 18.82 ? 105 THR A CB  1 
ATOM   815  O OG1 . THR A 1 105 ? 20.997  -2.471  -6.902  1.00 16.11 ? 105 THR A OG1 1 
ATOM   816  C CG2 . THR A 1 105 ? 21.326  -1.204  -8.941  1.00 17.27 ? 105 THR A CG2 1 
ATOM   817  N N   . GLY A 1 106 ? 21.107  -5.402  -7.219  1.00 21.13 ? 106 GLY A N   1 
ATOM   818  C CA  . GLY A 1 106 ? 21.527  -6.489  -6.359  1.00 23.18 ? 106 GLY A CA  1 
ATOM   819  C C   . GLY A 1 106 ? 22.298  -5.947  -5.167  1.00 22.49 ? 106 GLY A C   1 
ATOM   820  O O   . GLY A 1 106 ? 23.002  -6.693  -4.484  1.00 24.33 ? 106 GLY A O   1 
ATOM   821  N N   . SER A 1 107 ? 22.165  -4.647  -4.915  1.00 21.69 ? 107 SER A N   1 
ATOM   822  C CA  . SER A 1 107 ? 22.851  -4.004  -3.794  1.00 21.55 ? 107 SER A CA  1 
ATOM   823  C C   . SER A 1 107 ? 22.128  -4.305  -2.485  1.00 21.81 ? 107 SER A C   1 
ATOM   824  O O   . SER A 1 107 ? 22.538  -3.869  -1.409  1.00 20.61 ? 107 SER A O   1 
ATOM   825  C CB  . SER A 1 107 ? 22.938  -2.487  -4.017  1.00 20.27 ? 107 SER A CB  1 
ATOM   826  O OG  . SER A 1 107 ? 21.673  -1.924  -4.314  1.00 19.80 ? 107 SER A OG  1 
ATOM   827  N N   . GLY A 1 108 ? 21.040  -5.057  -2.601  1.00 22.80 ? 108 GLY A N   1 
ATOM   828  C CA  . GLY A 1 108 ? 20.258  -5.442  -1.443  1.00 24.43 ? 108 GLY A CA  1 
ATOM   829  C C   . GLY A 1 108 ? 19.577  -6.760  -1.759  1.00 27.60 ? 108 GLY A C   1 
ATOM   830  O O   . GLY A 1 108 ? 19.631  -7.209  -2.906  1.00 27.17 ? 108 GLY A O   1 
ATOM   831  N N   . PRO A 1 109 ? 18.928  -7.408  -0.779  1.00 30.37 ? 109 PRO A N   1 
ATOM   832  C CA  . PRO A 1 109 ? 18.801  -6.966  0.614   1.00 33.15 ? 109 PRO A CA  1 
ATOM   833  C C   . PRO A 1 109 ? 20.125  -6.942  1.371   1.00 36.61 ? 109 PRO A C   1 
ATOM   834  O O   . PRO A 1 109 ? 20.903  -7.897  1.320   1.00 35.91 ? 109 PRO A O   1 
ATOM   835  C CB  . PRO A 1 109 ? 17.810  -7.967  1.202   1.00 33.23 ? 109 PRO A CB  1 
ATOM   836  C CG  . PRO A 1 109 ? 18.093  -9.208  0.425   1.00 32.79 ? 109 PRO A CG  1 
ATOM   837  C CD  . PRO A 1 109 ? 18.216  -8.682  -0.985  1.00 31.58 ? 109 PRO A CD  1 
ATOM   838  N N   . ALA A 1 110 ? 20.366  -5.838  2.071   1.00 40.05 ? 110 ALA A N   1 
ATOM   839  C CA  . ALA A 1 110 ? 21.586  -5.660  2.847   1.00 44.19 ? 110 ALA A CA  1 
ATOM   840  C C   . ALA A 1 110 ? 21.347  -4.646  3.959   1.00 45.96 ? 110 ALA A C   1 
ATOM   841  O O   . ALA A 1 110 ? 22.047  -3.611  3.971   1.00 48.86 ? 110 ALA A O   1 
ATOM   842  C CB  . ALA A 1 110 ? 22.718  -5.189  1.941   1.00 43.69 ? 110 ALA A CB  1 
ATOM   843  O OXT . ALA A 1 110 ? 20.460  -4.897  4.802   1.00 48.94 ? 110 ALA A OXT 1 
HETATM 844  C C1  . MAN B 2 .   ? -3.059  7.084   -18.749 1.00 35.63 ? 1   MAN B C1  1 
HETATM 845  C C2  . MAN B 2 .   ? -1.878  6.735   -17.809 1.00 32.46 ? 1   MAN B C2  1 
HETATM 846  C C3  . MAN B 2 .   ? -1.078  8.030   -17.522 1.00 32.17 ? 1   MAN B C3  1 
HETATM 847  C C4  . MAN B 2 .   ? -0.577  8.593   -18.865 1.00 33.58 ? 1   MAN B C4  1 
HETATM 848  C C5  . MAN B 2 .   ? -1.800  8.884   -19.765 1.00 35.59 ? 1   MAN B C5  1 
HETATM 849  C C6  . MAN B 2 .   ? -1.305  9.433   -21.109 1.00 37.83 ? 1   MAN B C6  1 
HETATM 850  O O1  . MAN B 2 .   ? -3.933  8.029   -18.118 1.00 37.52 ? 1   MAN B O1  1 
HETATM 851  O O2  . MAN B 2 .   ? -1.022  5.779   -18.443 1.00 33.81 ? 1   MAN B O2  1 
HETATM 852  O O3  . MAN B 2 .   ? 0.056   7.746   -16.680 1.00 28.53 ? 1   MAN B O3  1 
HETATM 853  O O4  . MAN B 2 .   ? 0.156   9.798   -18.621 1.00 34.84 ? 1   MAN B O4  1 
HETATM 854  O O5  . MAN B 2 .   ? -2.549  7.650   -20.002 1.00 34.92 ? 1   MAN B O5  1 
HETATM 855  O O6  . MAN B 2 .   ? -2.426  9.709   -21.954 1.00 42.82 ? 1   MAN B O6  1 
HETATM 856  C C1  . MAN B 2 .   ? -0.294  7.926   -15.293 1.00 22.56 ? 2   MAN B C1  1 
HETATM 857  C C2  . MAN B 2 .   ? 1.001   8.240   -14.496 1.00 22.23 ? 2   MAN B C2  1 
HETATM 858  C C3  . MAN B 2 .   ? 1.960   7.032   -14.657 1.00 20.27 ? 2   MAN B C3  1 
HETATM 859  C C4  . MAN B 2 .   ? 1.262   5.770   -14.125 1.00 20.74 ? 2   MAN B C4  1 
HETATM 860  C C5  . MAN B 2 .   ? -0.043  5.549   -14.923 1.00 21.50 ? 2   MAN B C5  1 
HETATM 861  C C6  . MAN B 2 .   ? -0.757  4.305   -14.375 1.00 22.35 ? 2   MAN B C6  1 
HETATM 862  O O2  . MAN B 2 .   ? 0.673   8.426   -13.111 1.00 22.77 ? 2   MAN B O2  1 
HETATM 863  O O3  . MAN B 2 .   ? 3.171   7.266   -13.921 1.00 19.43 ? 2   MAN B O3  1 
HETATM 864  O O4  . MAN B 2 .   ? 2.130   4.642   -14.289 1.00 18.62 ? 2   MAN B O4  1 
HETATM 865  O O5  . MAN B 2 .   ? -0.922  6.707   -14.775 1.00 20.20 ? 2   MAN B O5  1 
HETATM 866  O O6  . MAN B 2 .   ? -1.970  4.085   -15.095 1.00 23.93 ? 2   MAN B O6  1 
HETATM 867  S S   . SO4 C 3 .   ? -12.140 7.856   7.733   1.00 18.17 ? 112 SO4 A S   1 
HETATM 868  O O1  . SO4 C 3 .   ? -11.138 8.698   8.402   1.00 18.49 ? 112 SO4 A O1  1 
HETATM 869  O O2  . SO4 C 3 .   ? -12.265 8.267   6.323   1.00 16.57 ? 112 SO4 A O2  1 
HETATM 870  O O3  . SO4 C 3 .   ? -11.723 6.444   7.791   1.00 18.89 ? 112 SO4 A O3  1 
HETATM 871  O O4  . SO4 C 3 .   ? -13.439 8.003   8.419   1.00 19.93 ? 112 SO4 A O4  1 
HETATM 872  S S   . SO4 D 3 .   ? 10.941  -13.338 -1.052  1.00 39.23 ? 113 SO4 A S   1 
HETATM 873  O O1  . SO4 D 3 .   ? 11.544  -13.486 -2.387  1.00 39.38 ? 113 SO4 A O1  1 
HETATM 874  O O2  . SO4 D 3 .   ? 10.172  -14.557 -0.740  1.00 39.42 ? 113 SO4 A O2  1 
HETATM 875  O O3  . SO4 D 3 .   ? 12.007  -13.149 -0.052  1.00 40.19 ? 113 SO4 A O3  1 
HETATM 876  O O4  . SO4 D 3 .   ? 10.043  -12.169 -1.033  1.00 35.86 ? 113 SO4 A O4  1 
HETATM 877  S S   . SO4 E 3 .   ? 10.075  13.399  0.649   1.00 64.13 ? 114 SO4 A S   1 
HETATM 878  O O1  . SO4 E 3 .   ? 8.633   13.321  0.936   1.00 64.54 ? 114 SO4 A O1  1 
HETATM 879  O O2  . SO4 E 3 .   ? 10.738  12.182  1.152   1.00 64.99 ? 114 SO4 A O2  1 
HETATM 880  O O3  . SO4 E 3 .   ? 10.284  13.510  -0.805  1.00 63.78 ? 114 SO4 A O3  1 
HETATM 881  O O4  . SO4 E 3 .   ? 10.644  14.583  1.317   1.00 64.84 ? 114 SO4 A O4  1 
HETATM 882  S S   . SO4 F 3 .   ? 5.378   7.031   9.414   1.00 64.74 ? 115 SO4 A S   1 
HETATM 883  O O1  . SO4 F 3 .   ? 6.284   6.382   10.380  1.00 65.58 ? 115 SO4 A O1  1 
HETATM 884  O O2  . SO4 F 3 .   ? 6.150   7.940   8.545   1.00 65.39 ? 115 SO4 A O2  1 
HETATM 885  O O3  . SO4 F 3 .   ? 4.723   5.999   8.590   1.00 64.13 ? 115 SO4 A O3  1 
HETATM 886  O O4  . SO4 F 3 .   ? 4.356   7.805   10.144  1.00 65.02 ? 115 SO4 A O4  1 
HETATM 887  S S   . SO4 G 3 .   ? -8.940  17.021  -6.126  1.00 69.87 ? 116 SO4 A S   1 
HETATM 888  O O1  . SO4 G 3 .   ? -8.995  15.565  -6.355  1.00 69.34 ? 116 SO4 A O1  1 
HETATM 889  O O2  . SO4 G 3 .   ? -10.142 17.444  -5.384  1.00 69.86 ? 116 SO4 A O2  1 
HETATM 890  O O3  . SO4 G 3 .   ? -7.738  17.360  -5.341  1.00 69.37 ? 116 SO4 A O3  1 
HETATM 891  O O4  . SO4 G 3 .   ? -8.891  17.720  -7.424  1.00 69.75 ? 116 SO4 A O4  1 
HETATM 892  O O   . HOH H 4 .   ? 6.770   -11.364 -17.363 1.00 56.28 ? 117 HOH A O   1 
HETATM 893  O O   . HOH H 4 .   ? -5.447  3.301   -17.155 1.00 55.11 ? 118 HOH A O   1 
HETATM 894  O O   . HOH H 4 .   ? -2.860  11.672  -17.728 1.00 46.15 ? 119 HOH A O   1 
HETATM 895  O O   . HOH H 4 .   ? 9.374   15.402  -2.214  1.00 40.57 ? 120 HOH A O   1 
HETATM 896  O O   . HOH H 4 .   ? 9.675   9.475   0.470   1.00 32.12 ? 121 HOH A O   1 
HETATM 897  O O   . HOH H 4 .   ? 4.179   1.160   15.269  1.00 60.42 ? 122 HOH A O   1 
HETATM 898  O O   . HOH H 4 .   ? 3.844   14.401  2.808   1.00 33.41 ? 123 HOH A O   1 
HETATM 899  O O   . HOH H 4 .   ? 1.962   15.274  4.416   1.00 53.23 ? 124 HOH A O   1 
HETATM 900  O O   . HOH H 4 .   ? 0.864   15.174  6.958   1.00 53.68 ? 125 HOH A O   1 
HETATM 901  O O   . HOH H 4 .   ? -7.551  12.744  -9.647  1.00 49.51 ? 126 HOH A O   1 
HETATM 902  O O   . HOH H 4 .   ? -15.967 -2.125  1.915   1.00 53.48 ? 127 HOH A O   1 
HETATM 903  O O   . HOH H 4 .   ? 2.708   -11.036 1.659   1.00 16.49 ? 128 HOH A O   1 
HETATM 904  O O   . HOH H 4 .   ? -9.897  -13.183 -0.196  1.00 43.63 ? 129 HOH A O   1 
HETATM 905  O O   . HOH H 4 .   ? 0.248   -19.143 -13.164 1.00 57.08 ? 130 HOH A O   1 
HETATM 906  O O   . HOH H 4 .   ? 4.869   -19.576 -9.911  1.00 53.96 ? 131 HOH A O   1 
HETATM 907  O O   . HOH H 4 .   ? -7.275  -8.731  -12.391 1.00 51.82 ? 132 HOH A O   1 
HETATM 908  O O   . HOH H 4 .   ? -8.643  -6.892  -10.490 1.00 49.80 ? 133 HOH A O   1 
HETATM 909  O O   . HOH H 4 .   ? -9.347  -3.416  -9.239  1.00 51.95 ? 134 HOH A O   1 
HETATM 910  O O   . HOH H 4 .   ? -9.701  3.061   -7.106  1.00 56.91 ? 135 HOH A O   1 
HETATM 911  O O   . HOH H 4 .   ? -11.275 9.026   -5.794  1.00 50.47 ? 136 HOH A O   1 
HETATM 912  O O   . HOH H 4 .   ? -6.790  14.835  -11.127 1.00 50.95 ? 137 HOH A O   1 
HETATM 913  O O   . HOH H 4 .   ? -4.224  21.338  -2.271  1.00 45.96 ? 138 HOH A O   1 
HETATM 914  O O   . HOH H 4 .   ? 0.318   20.625  2.552   1.00 51.18 ? 139 HOH A O   1 
HETATM 915  O O   . HOH H 4 .   ? 6.018   4.075   6.286   1.00 41.63 ? 140 HOH A O   1 
HETATM 916  O O   . HOH H 4 .   ? -8.862  9.110   -7.369  1.00 51.96 ? 141 HOH A O   1 
HETATM 917  O O   . HOH H 4 .   ? 3.993   -8.324  5.000   1.00 19.29 ? 142 HOH A O   1 
HETATM 918  O O   . HOH H 4 .   ? -13.136 6.655   2.515   1.00 18.34 ? 143 HOH A O   1 
HETATM 919  O O   . HOH H 4 .   ? 9.926   -0.110  -1.458  1.00 18.25 ? 144 HOH A O   1 
HETATM 920  O O   . HOH H 4 .   ? -14.922 4.393   4.778   1.00 17.11 ? 145 HOH A O   1 
HETATM 921  O O   . HOH H 4 .   ? -1.276  -15.259 -9.044  1.00 16.74 ? 146 HOH A O   1 
HETATM 922  O O   . HOH H 4 .   ? 10.234  -8.386  -16.218 1.00 19.18 ? 147 HOH A O   1 
HETATM 923  O O   . HOH H 4 .   ? -0.132  -15.435 -2.147  1.00 20.62 ? 148 HOH A O   1 
HETATM 924  O O   . HOH H 4 .   ? -1.961  15.451  3.399   1.00 23.05 ? 149 HOH A O   1 
HETATM 925  O O   . HOH H 4 .   ? 2.521   -6.976  -14.903 1.00 16.80 ? 150 HOH A O   1 
HETATM 926  O O   . HOH H 4 .   ? 14.202  -7.123  -18.271 1.00 22.88 ? 151 HOH A O   1 
HETATM 927  O O   . HOH H 4 .   ? -13.041 1.307   12.906  1.00 26.65 ? 152 HOH A O   1 
HETATM 928  O O   . HOH H 4 .   ? -1.274  -13.093 -3.257  1.00 20.39 ? 153 HOH A O   1 
HETATM 929  O O   . HOH H 4 .   ? -3.760  5.822   -13.726 1.00 25.19 ? 154 HOH A O   1 
HETATM 930  O O   . HOH H 4 .   ? 0.008   -8.845  -10.900 1.00 19.75 ? 155 HOH A O   1 
HETATM 931  O O   . HOH H 4 .   ? 6.203   -15.394 -2.413  1.00 23.32 ? 156 HOH A O   1 
HETATM 932  O O   . HOH H 4 .   ? 1.499   -0.043  13.878  1.00 31.95 ? 157 HOH A O   1 
HETATM 933  O O   . HOH H 4 .   ? 1.798   -11.188 -14.234 1.00 30.01 ? 158 HOH A O   1 
HETATM 934  O O   . HOH H 4 .   ? 8.982   -1.899  1.188   1.00 20.57 ? 159 HOH A O   1 
HETATM 935  O O   . HOH H 4 .   ? -7.755  -12.344 -4.942  1.00 23.46 ? 160 HOH A O   1 
HETATM 936  O O   . HOH H 4 .   ? 11.042  -7.762  -0.865  1.00 24.84 ? 161 HOH A O   1 
HETATM 937  O O   . HOH H 4 .   ? 11.414  -10.783 -13.021 1.00 23.05 ? 162 HOH A O   1 
HETATM 938  O O   . HOH H 4 .   ? 8.419   -14.446 -5.666  1.00 21.37 ? 163 HOH A O   1 
HETATM 939  O O   . HOH H 4 .   ? 0.252   -9.812  5.315   1.00 23.19 ? 164 HOH A O   1 
HETATM 940  O O   . HOH H 4 .   ? -1.701  2.827   -17.421 1.00 28.76 ? 165 HOH A O   1 
HETATM 941  O O   . HOH H 4 .   ? 4.578   -0.091  8.342   1.00 24.93 ? 166 HOH A O   1 
HETATM 942  O O   . HOH H 4 .   ? 11.597  -11.152 -8.428  1.00 24.81 ? 167 HOH A O   1 
HETATM 943  O O   . HOH H 4 .   ? 2.609   12.229  -14.582 1.00 23.66 ? 168 HOH A O   1 
HETATM 944  O O   . HOH H 4 .   ? 17.579  -7.473  -15.948 1.00 29.51 ? 169 HOH A O   1 
HETATM 945  O O   . HOH H 4 .   ? 2.227   -14.393 -4.153  1.00 23.68 ? 170 HOH A O   1 
HETATM 946  O O   . HOH H 4 .   ? -0.922  -3.357  11.865  1.00 33.11 ? 171 HOH A O   1 
HETATM 947  O O   . HOH H 4 .   ? -13.219 7.701   -1.335  1.00 24.18 ? 172 HOH A O   1 
HETATM 948  O O   . HOH H 4 .   ? 1.780   7.745   9.430   1.00 25.29 ? 173 HOH A O   1 
HETATM 949  O O   . HOH H 4 .   ? -12.621 11.878  -1.461  1.00 32.30 ? 174 HOH A O   1 
HETATM 950  O O   . HOH H 4 .   ? -2.768  -6.461  10.871  1.00 29.63 ? 175 HOH A O   1 
HETATM 951  O O   . HOH H 4 .   ? 4.517   -17.499 -11.705 1.00 36.83 ? 176 HOH A O   1 
HETATM 952  O O   . HOH H 4 .   ? -5.081  6.391   12.245  1.00 36.84 ? 177 HOH A O   1 
HETATM 953  O O   . HOH H 4 .   ? 3.149   16.826  -2.330  1.00 35.88 ? 178 HOH A O   1 
HETATM 954  O O   . HOH H 4 .   ? -14.839 -5.869  3.468   1.00 35.73 ? 179 HOH A O   1 
HETATM 955  O O   . HOH H 4 .   ? 6.476   -5.833  6.289   1.00 26.65 ? 180 HOH A O   1 
HETATM 956  O O   . HOH H 4 .   ? 2.105   -10.682 6.890   1.00 37.62 ? 181 HOH A O   1 
HETATM 957  O O   . HOH H 4 .   ? 5.555   5.889   -14.656 1.00 30.20 ? 182 HOH A O   1 
HETATM 958  O O   . HOH H 4 .   ? -7.447  -13.314 -9.998  1.00 35.68 ? 183 HOH A O   1 
HETATM 959  O O   . HOH H 4 .   ? -1.480  20.160  -3.027  1.00 42.08 ? 184 HOH A O   1 
HETATM 960  O O   . HOH H 4 .   ? -3.689  -12.603 -1.828  1.00 28.22 ? 185 HOH A O   1 
HETATM 961  O O   . HOH H 4 .   ? -6.329  19.362  -1.318  1.00 34.64 ? 186 HOH A O   1 
HETATM 962  O O   . HOH H 4 .   ? 18.814  -7.414  -13.245 1.00 31.81 ? 187 HOH A O   1 
HETATM 963  O O   . HOH H 4 .   ? -5.003  -12.628 0.614   1.00 24.80 ? 188 HOH A O   1 
HETATM 964  O O   . HOH H 4 .   ? 19.208  -9.234  -4.576  1.00 36.65 ? 189 HOH A O   1 
HETATM 965  O O   . HOH H 4 .   ? -11.536 6.593   -3.657  1.00 29.55 ? 190 HOH A O   1 
HETATM 966  O O   . HOH H 4 .   ? 22.814  -5.470  -12.106 1.00 37.27 ? 191 HOH A O   1 
HETATM 967  O O   . HOH H 4 .   ? -0.682  5.435   -21.166 1.00 45.09 ? 192 HOH A O   1 
HETATM 968  O O   . HOH H 4 .   ? 6.447   7.776   5.080   1.00 44.90 ? 193 HOH A O   1 
HETATM 969  O O   . HOH H 4 .   ? -12.236 -5.701  -2.346  1.00 34.13 ? 194 HOH A O   1 
HETATM 970  O O   . HOH H 4 .   ? 7.719   0.798   2.825   1.00 41.08 ? 195 HOH A O   1 
HETATM 971  O O   . HOH H 4 .   ? -1.915  18.785  -5.651  1.00 49.68 ? 196 HOH A O   1 
HETATM 972  O O   . HOH H 4 .   ? -10.933 1.610   14.681  1.00 44.25 ? 197 HOH A O   1 
HETATM 973  O O   . HOH H 4 .   ? -12.534 -9.242  -1.807  1.00 37.88 ? 198 HOH A O   1 
HETATM 974  O O   . HOH H 4 .   ? -3.395  -10.891 -13.627 1.00 45.20 ? 199 HOH A O   1 
HETATM 975  O O   . HOH H 4 .   ? 10.893  -1.993  5.396   1.00 45.56 ? 200 HOH A O   1 
HETATM 976  O O   . HOH H 4 .   ? -6.891  15.473  7.574   1.00 33.44 ? 201 HOH A O   1 
HETATM 977  O O   . HOH H 4 .   ? -10.625 -2.966  -5.619  1.00 48.10 ? 202 HOH A O   1 
HETATM 978  O O   . HOH H 4 .   ? 10.459  -9.272  3.146   1.00 36.27 ? 203 HOH A O   1 
HETATM 979  O O   . HOH H 4 .   ? 8.853   10.388  2.777   1.00 36.27 ? 204 HOH A O   1 
HETATM 980  O O   . HOH H 4 .   ? 12.142  -6.627  2.820   1.00 49.24 ? 205 HOH A O   1 
HETATM 981  O O   . HOH H 4 .   ? 8.258   -16.447 -0.956  1.00 20.48 ? 206 HOH A O   1 
HETATM 982  O O   . HOH H 4 .   ? 1.119   -8.777  -13.360 1.00 24.78 ? 207 HOH A O   1 
HETATM 983  O O   . HOH H 4 .   ? -2.364  -15.039 -0.490  1.00 22.31 ? 208 HOH A O   1 
HETATM 984  O O   . HOH H 4 .   ? 3.688   -8.460  -17.007 1.00 24.30 ? 209 HOH A O   1 
HETATM 985  O O   . HOH H 4 .   ? -11.278 9.531   -0.372  1.00 24.23 ? 210 HOH A O   1 
HETATM 986  O O   . HOH H 4 .   ? 3.940   -11.021 -15.936 1.00 30.12 ? 211 HOH A O   1 
HETATM 987  O O   . HOH H 4 .   ? 13.412  -5.501  -20.493 1.00 25.49 ? 212 HOH A O   1 
HETATM 988  O O   . HOH H 4 .   ? 9.319   -10.952 -16.533 1.00 32.88 ? 213 HOH A O   1 
HETATM 989  O O   . HOH H 4 .   ? 16.044  -8.379  -19.700 1.00 38.22 ? 214 HOH A O   1 
HETATM 990  O O   . HOH H 4 .   ? 12.081  -5.476  -0.094  1.00 30.06 ? 215 HOH A O   1 
HETATM 991  O O   . HOH H 4 .   ? -11.570 1.623   -3.446  1.00 40.89 ? 216 HOH A O   1 
HETATM 992  O O   . HOH H 4 .   ? 12.397  -3.844  3.593   1.00 34.16 ? 217 HOH A O   1 
HETATM 993  O O   . HOH H 4 .   ? -6.519  -0.483  11.548  1.00 34.41 ? 218 HOH A O   1 
HETATM 994  O O   . HOH H 4 .   ? 1.687   16.511  -8.421  1.00 37.33 ? 219 HOH A O   1 
HETATM 995  O O   . HOH H 4 .   ? -7.102  -12.269 -0.964  1.00 36.04 ? 220 HOH A O   1 
HETATM 996  O O   . HOH H 4 .   ? 6.276   1.599   7.079   1.00 42.26 ? 221 HOH A O   1 
HETATM 997  O O   . HOH H 4 .   ? -5.506  -13.755 -3.737  1.00 46.91 ? 222 HOH A O   1 
HETATM 998  O O   . HOH H 4 .   ? -0.890  7.500   12.787  1.00 41.33 ? 223 HOH A O   1 
HETATM 999  O O   . HOH H 4 .   ? 10.352  -15.172 -4.048  1.00 40.20 ? 224 HOH A O   1 
HETATM 1000 O O   . HOH H 4 .   ? 11.809  -8.348  -18.441 1.00 37.73 ? 225 HOH A O   1 
HETATM 1001 O O   . HOH H 4 .   ? -6.405  4.843   -13.599 1.00 39.01 ? 226 HOH A O   1 
HETATM 1002 O O   . HOH H 4 .   ? -1.863  14.506  6.324   1.00 46.10 ? 227 HOH A O   1 
HETATM 1003 O O   . HOH H 4 .   ? 11.505  -14.111 -8.564  1.00 43.10 ? 228 HOH A O   1 
HETATM 1004 O O   . HOH H 4 .   ? -6.067  -11.197 -11.266 1.00 34.10 ? 229 HOH A O   1 
HETATM 1005 O O   . HOH H 4 .   ? 6.099   -0.424  10.690  1.00 43.83 ? 230 HOH A O   1 
HETATM 1006 O O   . HOH H 4 .   ? 12.427  -3.057  0.849   1.00 22.03 ? 231 HOH A O   1 
HETATM 1007 O O   . HOH H 4 .   ? 2.123   3.816   14.244  1.00 46.36 ? 232 HOH A O   1 
HETATM 1008 O O   . HOH H 4 .   ? -11.558 -13.310 -5.261  1.00 43.63 ? 233 HOH A O   1 
HETATM 1009 O O   . HOH H 4 .   ? 7.371   12.953  3.264   1.00 49.61 ? 234 HOH A O   1 
HETATM 1010 O O   . HOH H 4 .   ? 6.958   -7.288  10.094  1.00 46.68 ? 235 HOH A O   1 
HETATM 1011 O O   . HOH H 4 .   ? 14.050  -0.835  7.048   1.00 55.77 ? 236 HOH A O   1 
HETATM 1012 O O   . HOH H 4 .   ? -6.067  -15.218 -11.204 1.00 49.19 ? 237 HOH A O   1 
HETATM 1013 O O   . HOH H 4 .   ? 11.863  -16.706 -0.576  1.00 43.42 ? 238 HOH A O   1 
HETATM 1014 O O   . HOH H 4 .   ? -10.954 -7.058  13.268  1.00 47.34 ? 239 HOH A O   1 
HETATM 1015 O O   . HOH H 4 .   ? -0.308  12.676  12.666  1.00 51.34 ? 240 HOH A O   1 
HETATM 1016 O O   . HOH H 4 .   ? -3.772  -16.225 -10.532 1.00 34.76 ? 241 HOH A O   1 
HETATM 1017 O O   . HOH H 4 .   ? 7.102   -16.752 -12.191 1.00 38.30 ? 242 HOH A O   1 
HETATM 1018 O O   . HOH H 4 .   ? -0.778  -15.240 -13.771 1.00 41.90 ? 243 HOH A O   1 
HETATM 1019 O O   . HOH H 4 .   ? 3.756   -4.217  13.788  1.00 47.15 ? 244 HOH A O   1 
HETATM 1020 O O   . HOH H 4 .   ? -2.802  4.823   14.308  1.00 46.08 ? 245 HOH A O   1 
HETATM 1021 O O   . HOH H 4 .   ? 22.547  -6.187  -15.050 1.00 53.80 ? 246 HOH A O   1 
HETATM 1022 O O   . HOH H 4 .   ? -14.254 -10.907 -3.037  1.00 60.05 ? 247 HOH A O   1 
HETATM 1023 O O   . HOH H 4 .   ? -13.482 -2.576  -3.839  1.00 50.69 ? 248 HOH A O   1 
HETATM 1024 O O   . HOH H 4 .   ? 16.364  -5.746  4.662   1.00 44.39 ? 249 HOH A O   1 
HETATM 1025 O O   . HOH H 4 .   ? 15.307  -7.910  3.660   1.00 45.86 ? 250 HOH A O   1 
HETATM 1026 O O   . HOH H 4 .   ? 14.769  -3.554  4.990   1.00 46.69 ? 251 HOH A O   1 
HETATM 1027 O O   . HOH H 4 .   ? 13.785  18.397  -6.188  1.00 57.15 ? 252 HOH A O   1 
# 
